data_2JP8
# 
_entry.id   2JP8 
# 
_audit_conform.dict_name       mmcif_pdbx.dic 
_audit_conform.dict_version    5.383 
_audit_conform.dict_location   http://mmcif.pdb.org/dictionaries/ascii/mmcif_pdbx.dic 
# 
loop_
_database_2.database_id 
_database_2.database_code 
_database_2.pdbx_database_accession 
_database_2.pdbx_DOI 
PDB   2JP8         pdb_00002jp8 10.2210/pdb2jp8/pdb 
RCSB  RCSB100116   ?            ?                   
WWPDB D_1000100116 ?            ?                   
# 
loop_
_pdbx_audit_revision_history.ordinal 
_pdbx_audit_revision_history.data_content_type 
_pdbx_audit_revision_history.major_revision 
_pdbx_audit_revision_history.minor_revision 
_pdbx_audit_revision_history.revision_date 
1 'Structure model' 1 0 2007-10-30 
2 'Structure model' 1 1 2011-07-13 
3 'Structure model' 1 2 2022-03-09 
4 'Structure model' 1 3 2023-12-20 
# 
_pdbx_audit_revision_details.ordinal             1 
_pdbx_audit_revision_details.revision_ordinal    1 
_pdbx_audit_revision_details.data_content_type   'Structure model' 
_pdbx_audit_revision_details.provider            repository 
_pdbx_audit_revision_details.type                'Initial release' 
_pdbx_audit_revision_details.description         ? 
_pdbx_audit_revision_details.details             ? 
# 
loop_
_pdbx_audit_revision_group.ordinal 
_pdbx_audit_revision_group.revision_ordinal 
_pdbx_audit_revision_group.data_content_type 
_pdbx_audit_revision_group.group 
1 2 'Structure model' 'Version format compliance' 
2 3 'Structure model' 'Data collection'           
3 3 'Structure model' 'Database references'       
4 3 'Structure model' 'Derived calculations'      
5 4 'Structure model' 'Data collection'           
6 4 'Structure model' Other                       
# 
loop_
_pdbx_audit_revision_category.ordinal 
_pdbx_audit_revision_category.revision_ordinal 
_pdbx_audit_revision_category.data_content_type 
_pdbx_audit_revision_category.category 
1 3 'Structure model' database_2            
2 3 'Structure model' pdbx_nmr_software     
3 3 'Structure model' pdbx_nmr_spectrometer 
4 3 'Structure model' pdbx_struct_assembly  
5 3 'Structure model' pdbx_struct_oper_list 
6 4 'Structure model' chem_comp_atom        
7 4 'Structure model' chem_comp_bond        
8 4 'Structure model' pdbx_database_status  
# 
loop_
_pdbx_audit_revision_item.ordinal 
_pdbx_audit_revision_item.revision_ordinal 
_pdbx_audit_revision_item.data_content_type 
_pdbx_audit_revision_item.item 
1 3 'Structure model' '_database_2.pdbx_DOI'                
2 3 'Structure model' '_database_2.pdbx_database_accession' 
3 3 'Structure model' '_pdbx_nmr_software.name'             
4 3 'Structure model' '_pdbx_nmr_spectrometer.model'        
5 4 'Structure model' '_pdbx_database_status.deposit_site'  
# 
_pdbx_database_status.deposit_site                    RCSB 
_pdbx_database_status.entry_id                        2JP8 
_pdbx_database_status.process_site                    RCSB 
_pdbx_database_status.recvd_initial_deposition_date   2007-04-27 
_pdbx_database_status.SG_entry                        ? 
_pdbx_database_status.status_code                     REL 
_pdbx_database_status.status_code_mr                  REL 
_pdbx_database_status.status_code_sf                  ? 
_pdbx_database_status.pdb_format_compatible           Y 
_pdbx_database_status.status_code_cs                  ? 
_pdbx_database_status.status_code_nmr_data            ? 
_pdbx_database_status.methods_development_category    ? 
# 
loop_
_audit_author.name 
_audit_author.pdbx_ordinal 
'Lula, I.'         1  
'Denadai, A.L.'    2  
'Resende, J.M.'    3  
'de Souza, F.B.'   4  
'de Lima, G.F.'    5  
'Pilo-Veloso, D.'  6  
'Heine, T.'        7  
'Duarte, H.A.'     8  
'Santos, R.A.S.'   9  
'Sinesterra, R.D.' 10 
# 
_citation.id                        primary 
_citation.title                     
;Study of angiotensin-(1-7) vasoactive peptide and its beta-cyclodextrin inclusion complexes: complete sequence-specific NMR assignments and structural studies
;
_citation.journal_abbrev            Peptides 
_citation.journal_volume            28 
_citation.page_first                2199 
_citation.page_last                 2210 
_citation.year                      2007 
_citation.journal_id_ASTM           ? 
_citation.country                   US 
_citation.journal_id_ISSN           0196-9781 
_citation.journal_id_CSD            ? 
_citation.book_publisher            ? 
_citation.pdbx_database_id_PubMed   17904691 
_citation.pdbx_database_id_DOI      10.1016/j.peptides.2007.08.011 
# 
loop_
_citation_author.citation_id 
_citation_author.name 
_citation_author.ordinal 
_citation_author.identifier_ORCID 
primary 'Lula, I.'         1  ? 
primary 'Denadai, A.L.'    2  ? 
primary 'Resende, J.M.'    3  ? 
primary 'de Sousa, F.B.'   4  ? 
primary 'de Lima, G.F.'    5  ? 
primary 'Pilo-Veloso, D.'  6  ? 
primary 'Heine, T.'        7  ? 
primary 'Duarte, H.A.'     8  ? 
primary 'Santos, R.A.'     9  ? 
primary 'Sinisterra, R.D.' 10 ? 
# 
_entity.id                         1 
_entity.type                       polymer 
_entity.src_method                 syn 
_entity.pdbx_description           'Angiotensin-(1-7)' 
_entity.formula_weight             901.021 
_entity.pdbx_number_of_molecules   1 
_entity.pdbx_ec                    ? 
_entity.pdbx_mutation              ? 
_entity.pdbx_fragment              ? 
_entity.details                    ? 
# 
_entity_name_com.entity_id   1 
_entity_name_com.name        'Serpin A8, Angiotensinogen' 
# 
_entity_poly.entity_id                      1 
_entity_poly.type                           'polypeptide(L)' 
_entity_poly.nstd_linkage                   no 
_entity_poly.nstd_monomer                   no 
_entity_poly.pdbx_seq_one_letter_code       DRVYIHP 
_entity_poly.pdbx_seq_one_letter_code_can   DRVYIHP 
_entity_poly.pdbx_strand_id                 P 
_entity_poly.pdbx_target_identifier         ? 
# 
loop_
_entity_poly_seq.entity_id 
_entity_poly_seq.num 
_entity_poly_seq.mon_id 
_entity_poly_seq.hetero 
1 1 ASP n 
1 2 ARG n 
1 3 VAL n 
1 4 TYR n 
1 5 ILE n 
1 6 HIS n 
1 7 PRO n 
# 
_pdbx_entity_src_syn.entity_id              1 
_pdbx_entity_src_syn.pdbx_src_id            1 
_pdbx_entity_src_syn.pdbx_alt_source_flag   sample 
_pdbx_entity_src_syn.pdbx_beg_seq_num       ? 
_pdbx_entity_src_syn.pdbx_end_seq_num       ? 
_pdbx_entity_src_syn.organism_scientific    ? 
_pdbx_entity_src_syn.organism_common_name   ? 
_pdbx_entity_src_syn.ncbi_taxonomy_id       ? 
_pdbx_entity_src_syn.details                
'The heptapeptide Angiotensin-(1-7), is an endogenous peptide naturally found in Homo sapiens (human).' 
# 
loop_
_chem_comp.id 
_chem_comp.type 
_chem_comp.mon_nstd_flag 
_chem_comp.name 
_chem_comp.pdbx_synonyms 
_chem_comp.formula 
_chem_comp.formula_weight 
ARG 'L-peptide linking' y ARGININE        ? 'C6 H15 N4 O2 1' 175.209 
ASP 'L-peptide linking' y 'ASPARTIC ACID' ? 'C4 H7 N O4'     133.103 
HIS 'L-peptide linking' y HISTIDINE       ? 'C6 H10 N3 O2 1' 156.162 
ILE 'L-peptide linking' y ISOLEUCINE      ? 'C6 H13 N O2'    131.173 
PRO 'L-peptide linking' y PROLINE         ? 'C5 H9 N O2'     115.130 
TYR 'L-peptide linking' y TYROSINE        ? 'C9 H11 N O3'    181.189 
VAL 'L-peptide linking' y VALINE          ? 'C5 H11 N O2'    117.146 
# 
loop_
_pdbx_poly_seq_scheme.asym_id 
_pdbx_poly_seq_scheme.entity_id 
_pdbx_poly_seq_scheme.seq_id 
_pdbx_poly_seq_scheme.mon_id 
_pdbx_poly_seq_scheme.ndb_seq_num 
_pdbx_poly_seq_scheme.pdb_seq_num 
_pdbx_poly_seq_scheme.auth_seq_num 
_pdbx_poly_seq_scheme.pdb_mon_id 
_pdbx_poly_seq_scheme.auth_mon_id 
_pdbx_poly_seq_scheme.pdb_strand_id 
_pdbx_poly_seq_scheme.pdb_ins_code 
_pdbx_poly_seq_scheme.hetero 
A 1 1 ASP 1 1 1 ASP ASP P . n 
A 1 2 ARG 2 2 2 ARG ARG P . n 
A 1 3 VAL 3 3 3 VAL VAL P . n 
A 1 4 TYR 4 4 4 TYR TYR P . n 
A 1 5 ILE 5 5 5 ILE ILE P . n 
A 1 6 HIS 6 6 6 HIS HIS P . n 
A 1 7 PRO 7 7 7 PRO PRO P . n 
# 
_exptl.absorpt_coefficient_mu     ? 
_exptl.absorpt_correction_T_max   ? 
_exptl.absorpt_correction_T_min   ? 
_exptl.absorpt_correction_type    ? 
_exptl.absorpt_process_details    ? 
_exptl.crystals_number            ? 
_exptl.details                    ? 
_exptl.entry_id                   2JP8 
_exptl.method                     'SOLUTION NMR' 
_exptl.method_details             ? 
# 
_exptl_crystal.id                    1 
_exptl_crystal.density_meas          ? 
_exptl_crystal.density_Matthews      ? 
_exptl_crystal.density_percent_sol   ? 
_exptl_crystal.description           ? 
# 
_diffrn.id                     1 
_diffrn.ambient_temp           ? 
_diffrn.ambient_temp_details   ? 
_diffrn.crystal_id             1 
# 
_diffrn_radiation.diffrn_id                        1 
_diffrn_radiation.wavelength_id                    1 
_diffrn_radiation.monochromator                    ? 
_diffrn_radiation.pdbx_monochromatic_or_laue_m_l   M 
_diffrn_radiation.pdbx_diffrn_protocol             'SINGLE WAVELENGTH' 
_diffrn_radiation.pdbx_scattering_type             ? 
# 
_diffrn_radiation_wavelength.id           1 
_diffrn_radiation_wavelength.wavelength   . 
_diffrn_radiation_wavelength.wt           1.0 
# 
_struct.entry_id                  2JP8 
_struct.title                     'Angiotensin 1-7' 
_struct.pdbx_model_details        ? 
_struct.pdbx_CASP_flag            ? 
_struct.pdbx_model_type_details   ? 
# 
_struct_keywords.entry_id        2JP8 
_struct_keywords.pdbx_keywords   'SIGNALING PROTEIN' 
_struct_keywords.text            'bend, SIGNALING PROTEIN' 
# 
_struct_asym.id                            A 
_struct_asym.pdbx_blank_PDB_chainid_flag   N 
_struct_asym.pdbx_modified                 N 
_struct_asym.entity_id                     1 
_struct_asym.details                       ? 
# 
_struct_ref.id                         1 
_struct_ref.db_name                    UNP 
_struct_ref.db_code                    ANGT_HUMAN 
_struct_ref.pdbx_db_accession          P01019 
_struct_ref.entity_id                  1 
_struct_ref.pdbx_seq_one_letter_code   DRVYIHP 
_struct_ref.pdbx_align_begin           34 
_struct_ref.pdbx_db_isoform            ? 
# 
_struct_ref_seq.align_id                      1 
_struct_ref_seq.ref_id                        1 
_struct_ref_seq.pdbx_PDB_id_code              2JP8 
_struct_ref_seq.pdbx_strand_id                P 
_struct_ref_seq.seq_align_beg                 1 
_struct_ref_seq.pdbx_seq_align_beg_ins_code   ? 
_struct_ref_seq.seq_align_end                 7 
_struct_ref_seq.pdbx_seq_align_end_ins_code   ? 
_struct_ref_seq.pdbx_db_accession             P01019 
_struct_ref_seq.db_align_beg                  34 
_struct_ref_seq.pdbx_db_align_beg_ins_code    ? 
_struct_ref_seq.db_align_end                  40 
_struct_ref_seq.pdbx_db_align_end_ins_code    ? 
_struct_ref_seq.pdbx_auth_seq_align_beg       1 
_struct_ref_seq.pdbx_auth_seq_align_end       7 
# 
_pdbx_struct_assembly.id                   1 
_pdbx_struct_assembly.details              author_defined_assembly 
_pdbx_struct_assembly.method_details       ? 
_pdbx_struct_assembly.oligomeric_details   monomeric 
_pdbx_struct_assembly.oligomeric_count     1 
# 
_pdbx_struct_assembly_gen.assembly_id       1 
_pdbx_struct_assembly_gen.oper_expression   1 
_pdbx_struct_assembly_gen.asym_id_list      A 
# 
_pdbx_struct_oper_list.id                   1 
_pdbx_struct_oper_list.type                 'identity operation' 
_pdbx_struct_oper_list.name                 1_555 
_pdbx_struct_oper_list.symmetry_operation   x,y,z 
_pdbx_struct_oper_list.matrix[1][1]         1.0000000000 
_pdbx_struct_oper_list.matrix[1][2]         0.0000000000 
_pdbx_struct_oper_list.matrix[1][3]         0.0000000000 
_pdbx_struct_oper_list.vector[1]            0.0000000000 
_pdbx_struct_oper_list.matrix[2][1]         0.0000000000 
_pdbx_struct_oper_list.matrix[2][2]         1.0000000000 
_pdbx_struct_oper_list.matrix[2][3]         0.0000000000 
_pdbx_struct_oper_list.vector[2]            0.0000000000 
_pdbx_struct_oper_list.matrix[3][1]         0.0000000000 
_pdbx_struct_oper_list.matrix[3][2]         0.0000000000 
_pdbx_struct_oper_list.matrix[3][3]         1.0000000000 
_pdbx_struct_oper_list.vector[3]            0.0000000000 
# 
_struct_biol.id        1 
_struct_biol.details   ? 
# 
loop_
_pdbx_validate_torsion.id 
_pdbx_validate_torsion.PDB_model_num 
_pdbx_validate_torsion.auth_comp_id 
_pdbx_validate_torsion.auth_asym_id 
_pdbx_validate_torsion.auth_seq_id 
_pdbx_validate_torsion.PDB_ins_code 
_pdbx_validate_torsion.label_alt_id 
_pdbx_validate_torsion.phi 
_pdbx_validate_torsion.psi 
1  1  ARG P 2 ? ? -58.56  -178.37 
2  1  VAL P 3 ? ? -157.14 -115.89 
3  1  ILE P 5 ? ? -26.58  86.17   
4  2  ARG P 2 ? ? -57.87  -178.09 
5  2  VAL P 3 ? ? -157.11 -116.04 
6  2  ILE P 5 ? ? -26.35  85.55   
7  3  ARG P 2 ? ? -58.15  -178.39 
8  3  VAL P 3 ? ? -157.26 -116.07 
9  3  ILE P 5 ? ? -26.32  86.38   
10 4  ARG P 2 ? ? -58.62  -178.24 
11 4  VAL P 3 ? ? -157.39 -116.03 
12 4  ILE P 5 ? ? -26.57  86.69   
13 5  ARG P 2 ? ? -58.17  -178.41 
14 5  VAL P 3 ? ? -157.31 -116.02 
15 5  ILE P 5 ? ? -26.43  86.56   
16 6  ARG P 2 ? ? -57.80  -178.46 
17 6  VAL P 3 ? ? -157.32 -116.05 
18 6  ILE P 5 ? ? -26.69  87.29   
19 7  ARG P 2 ? ? -57.96  -178.50 
20 7  VAL P 3 ? ? -157.45 -115.96 
21 7  ILE P 5 ? ? -26.18  86.84   
22 8  ARG P 2 ? ? -57.72  -178.30 
23 8  VAL P 3 ? ? -157.24 -116.09 
24 8  ILE P 5 ? ? -26.55  86.33   
25 9  ARG P 2 ? ? -58.34  -178.32 
26 9  VAL P 3 ? ? -157.35 -115.98 
27 9  ILE P 5 ? ? -26.64  86.36   
28 10 ARG P 2 ? ? -58.35  -178.41 
29 10 VAL P 3 ? ? -157.16 -115.87 
30 10 ILE P 5 ? ? -26.66  86.08   
# 
loop_
_pdbx_validate_planes.id 
_pdbx_validate_planes.PDB_model_num 
_pdbx_validate_planes.auth_comp_id 
_pdbx_validate_planes.auth_asym_id 
_pdbx_validate_planes.auth_seq_id 
_pdbx_validate_planes.PDB_ins_code 
_pdbx_validate_planes.label_alt_id 
_pdbx_validate_planes.rmsd 
_pdbx_validate_planes.type 
1  1  ARG P 2 ? ? 0.248 'SIDE CHAIN' 
2  2  ARG P 2 ? ? 0.225 'SIDE CHAIN' 
3  3  ARG P 2 ? ? 0.318 'SIDE CHAIN' 
4  4  ARG P 2 ? ? 0.254 'SIDE CHAIN' 
5  5  ARG P 2 ? ? 0.289 'SIDE CHAIN' 
6  6  ARG P 2 ? ? 0.241 'SIDE CHAIN' 
7  7  ARG P 2 ? ? 0.231 'SIDE CHAIN' 
8  8  ARG P 2 ? ? 0.264 'SIDE CHAIN' 
9  9  ARG P 2 ? ? 0.317 'SIDE CHAIN' 
10 10 ARG P 2 ? ? 0.313 'SIDE CHAIN' 
# 
_pdbx_nmr_ensemble.average_constraint_violations_per_residue     ? 
_pdbx_nmr_ensemble.average_constraints_per_residue               ? 
_pdbx_nmr_ensemble.average_distance_constraint_violation         ? 
_pdbx_nmr_ensemble.average_torsion_angle_constraint_violation    ? 
_pdbx_nmr_ensemble.conformer_selection_criteria                  'structures with the lowest energy' 
_pdbx_nmr_ensemble.conformers_calculated_total_number            100 
_pdbx_nmr_ensemble.conformers_submitted_total_number             10 
_pdbx_nmr_ensemble.distance_constraint_violation_method          ? 
_pdbx_nmr_ensemble.entry_id                                      2JP8 
_pdbx_nmr_ensemble.maximum_distance_constraint_violation         ? 
_pdbx_nmr_ensemble.maximum_lower_distance_constraint_violation   0 
_pdbx_nmr_ensemble.maximum_torsion_angle_constraint_violation    ? 
_pdbx_nmr_ensemble.maximum_upper_distance_constraint_violation   0 
_pdbx_nmr_ensemble.torsion_angle_constraint_violation_method     ? 
# 
_pdbx_nmr_ensemble_rms.atom_type                              ? 
_pdbx_nmr_ensemble_rms.bond_angle_rms_dev                     ? 
_pdbx_nmr_ensemble_rms.bond_angle_rms_dev_error               ? 
_pdbx_nmr_ensemble_rms.chain_range_begin                      ? 
_pdbx_nmr_ensemble_rms.chain_range_end                        ? 
_pdbx_nmr_ensemble_rms.coord_average_rmsd_method              ? 
_pdbx_nmr_ensemble_rms.covalent_bond_rms_dev                  ? 
_pdbx_nmr_ensemble_rms.covalent_bond_rms_dev_error            ? 
_pdbx_nmr_ensemble_rms.dihedral_angles_rms_dev                ? 
_pdbx_nmr_ensemble_rms.dihedral_angles_rms_dev_error          ? 
_pdbx_nmr_ensemble_rms.distance_rms_dev                       0 
_pdbx_nmr_ensemble_rms.distance_rms_dev_error                 0 
_pdbx_nmr_ensemble_rms.entry_id                               2JP8 
_pdbx_nmr_ensemble_rms.improper_torsion_angle_rms_dev         ? 
_pdbx_nmr_ensemble_rms.improper_torsion_angle_rms_dev_error   ? 
_pdbx_nmr_ensemble_rms.peptide_planarity_rms_dev              ? 
_pdbx_nmr_ensemble_rms.peptide_planarity_rms_dev_error        ? 
_pdbx_nmr_ensemble_rms.residue_range_begin                    ? 
_pdbx_nmr_ensemble_rms.residue_range_end                      ? 
# 
_pdbx_nmr_representative.conformer_id         1 
_pdbx_nmr_representative.entry_id             2JP8 
_pdbx_nmr_representative.selection_criteria   'lowest energy' 
# 
_pdbx_nmr_sample_details.contents         '12.0 mM angiotensin, 95% H2O/5% D2O' 
_pdbx_nmr_sample_details.solution_id      1 
_pdbx_nmr_sample_details.solvent_system   '95% H2O/5% D2O' 
# 
_pdbx_nmr_exptl_sample.component             angiotensin 
_pdbx_nmr_exptl_sample.concentration         12.0 
_pdbx_nmr_exptl_sample.concentration_units   mM 
_pdbx_nmr_exptl_sample.isotopic_labeling     ? 
_pdbx_nmr_exptl_sample.solution_id           1 
# 
_pdbx_nmr_exptl_sample_conditions.conditions_id       1 
_pdbx_nmr_exptl_sample_conditions.ionic_strength      12 
_pdbx_nmr_exptl_sample_conditions.pH                  2.9 
_pdbx_nmr_exptl_sample_conditions.pressure            ambient 
_pdbx_nmr_exptl_sample_conditions.pressure_units      ? 
_pdbx_nmr_exptl_sample_conditions.temperature         278 
_pdbx_nmr_exptl_sample_conditions.temperature_units   K 
# 
loop_
_pdbx_nmr_exptl.conditions_id 
_pdbx_nmr_exptl.experiment_id 
_pdbx_nmr_exptl.solution_id 
_pdbx_nmr_exptl.type 
1 1 1 '2D 1H-1H NOESY' 
1 2 1 '2D 1H-1H TOCSY' 
1 3 1 '2D 1H-13C HSQC' 
1 4 1 '2D 1H-13C HMBC' 
# 
_pdbx_nmr_constraints.disulfide_bond_constraints_total_count        ? 
_pdbx_nmr_constraints.entry_id                                      2JP8 
_pdbx_nmr_constraints.hydrogen_bond_constraints_total_count         ? 
_pdbx_nmr_constraints.NA_alpha-angle_constraints_total_count        ? 
_pdbx_nmr_constraints.NA_beta-angle_constraints_total_count         ? 
_pdbx_nmr_constraints.NA_chi-angle_constraints_total_count          ? 
_pdbx_nmr_constraints.NA_delta-angle_constraints_total_count        ? 
_pdbx_nmr_constraints.NA_epsilon-angle_constraints_total_count      ? 
_pdbx_nmr_constraints.NA_gamma-angle_constraints_total_count        ? 
_pdbx_nmr_constraints.NA_other-angle_constraints_total_count        ? 
_pdbx_nmr_constraints.NA_sugar_pucker_constraints_total_count       ? 
_pdbx_nmr_constraints.NOE_constraints_total                         59 
_pdbx_nmr_constraints.NOE_interentity_total_count                   ? 
_pdbx_nmr_constraints.NOE_interproton_distance_evaluation           ? 
_pdbx_nmr_constraints.NOE_intraresidue_total_count                  40 
_pdbx_nmr_constraints.NOE_long_range_total_count                    0 
_pdbx_nmr_constraints.NOE_medium_range_total_count                  7 
_pdbx_nmr_constraints.NOE_motional_averaging_correction             ? 
_pdbx_nmr_constraints.NOE_pseudoatom_corrections                    ? 
_pdbx_nmr_constraints.NOE_sequential_total_count                    12 
_pdbx_nmr_constraints.protein_chi_angle_constraints_total_count     ? 
_pdbx_nmr_constraints.protein_other_angle_constraints_total_count   ? 
_pdbx_nmr_constraints.protein_phi_angle_constraints_total_count     ? 
_pdbx_nmr_constraints.protein_psi_angle_constraints_total_count     ? 
# 
_pdbx_nmr_refine.entry_id           2JP8 
_pdbx_nmr_refine.method             'simulated annealing' 
_pdbx_nmr_refine.details            
;Starting with an extended structure, 100 structures were generated using a simulated annealing protocol. This was followed by 18000 steps of simulated annealing at 1000 K and a subsequent decrease in temperature in 6000 steps in the first slow-cool annealing stage.
;
_pdbx_nmr_refine.software_ordinal   1 
# 
loop_
_pdbx_nmr_software.authors 
_pdbx_nmr_software.classification 
_pdbx_nmr_software.name 
_pdbx_nmr_software.version 
_pdbx_nmr_software.ordinal 
'Delaglio, Grzesiek, Vuister, Zhu, Pfeifer and Bax' 'chemical shift assignment' NMRDraw      ? 1 
'Delaglio, Grzesiek, Vuister, Zhu, Pfeifer and Bax' processing                  NMRPipe      ? 2 
'Schwieters, Kuszewski, Tjandra and Clore'          'structure solution'        'X-PLOR NIH' ? 3 
'Bruker Biospin'                                    collection                  XwinNMR      ? 4 
'Bruker Biospin'                                    processing                  XwinNMR      ? 5 
'Schwieters, Kuszewski, Tjandra and Clore'          refinement                  'X-PLOR NIH' ? 6 
# 
loop_
_chem_comp_atom.comp_id 
_chem_comp_atom.atom_id 
_chem_comp_atom.type_symbol 
_chem_comp_atom.pdbx_aromatic_flag 
_chem_comp_atom.pdbx_stereo_config 
_chem_comp_atom.pdbx_ordinal 
ARG N    N N N 1   
ARG CA   C N S 2   
ARG C    C N N 3   
ARG O    O N N 4   
ARG CB   C N N 5   
ARG CG   C N N 6   
ARG CD   C N N 7   
ARG NE   N N N 8   
ARG CZ   C N N 9   
ARG NH1  N N N 10  
ARG NH2  N N N 11  
ARG OXT  O N N 12  
ARG H    H N N 13  
ARG H2   H N N 14  
ARG HA   H N N 15  
ARG HB2  H N N 16  
ARG HB3  H N N 17  
ARG HG2  H N N 18  
ARG HG3  H N N 19  
ARG HD2  H N N 20  
ARG HD3  H N N 21  
ARG HE   H N N 22  
ARG HH11 H N N 23  
ARG HH12 H N N 24  
ARG HH21 H N N 25  
ARG HH22 H N N 26  
ARG HXT  H N N 27  
ASP N    N N N 28  
ASP CA   C N S 29  
ASP C    C N N 30  
ASP O    O N N 31  
ASP CB   C N N 32  
ASP CG   C N N 33  
ASP OD1  O N N 34  
ASP OD2  O N N 35  
ASP OXT  O N N 36  
ASP H    H N N 37  
ASP H2   H N N 38  
ASP HA   H N N 39  
ASP HB2  H N N 40  
ASP HB3  H N N 41  
ASP HD2  H N N 42  
ASP HXT  H N N 43  
HIS N    N N N 44  
HIS CA   C N S 45  
HIS C    C N N 46  
HIS O    O N N 47  
HIS CB   C N N 48  
HIS CG   C Y N 49  
HIS ND1  N Y N 50  
HIS CD2  C Y N 51  
HIS CE1  C Y N 52  
HIS NE2  N Y N 53  
HIS OXT  O N N 54  
HIS H    H N N 55  
HIS H2   H N N 56  
HIS HA   H N N 57  
HIS HB2  H N N 58  
HIS HB3  H N N 59  
HIS HD1  H N N 60  
HIS HD2  H N N 61  
HIS HE1  H N N 62  
HIS HE2  H N N 63  
HIS HXT  H N N 64  
ILE N    N N N 65  
ILE CA   C N S 66  
ILE C    C N N 67  
ILE O    O N N 68  
ILE CB   C N S 69  
ILE CG1  C N N 70  
ILE CG2  C N N 71  
ILE CD1  C N N 72  
ILE OXT  O N N 73  
ILE H    H N N 74  
ILE H2   H N N 75  
ILE HA   H N N 76  
ILE HB   H N N 77  
ILE HG12 H N N 78  
ILE HG13 H N N 79  
ILE HG21 H N N 80  
ILE HG22 H N N 81  
ILE HG23 H N N 82  
ILE HD11 H N N 83  
ILE HD12 H N N 84  
ILE HD13 H N N 85  
ILE HXT  H N N 86  
PRO N    N N N 87  
PRO CA   C N S 88  
PRO C    C N N 89  
PRO O    O N N 90  
PRO CB   C N N 91  
PRO CG   C N N 92  
PRO CD   C N N 93  
PRO OXT  O N N 94  
PRO H    H N N 95  
PRO HA   H N N 96  
PRO HB2  H N N 97  
PRO HB3  H N N 98  
PRO HG2  H N N 99  
PRO HG3  H N N 100 
PRO HD2  H N N 101 
PRO HD3  H N N 102 
PRO HXT  H N N 103 
TYR N    N N N 104 
TYR CA   C N S 105 
TYR C    C N N 106 
TYR O    O N N 107 
TYR CB   C N N 108 
TYR CG   C Y N 109 
TYR CD1  C Y N 110 
TYR CD2  C Y N 111 
TYR CE1  C Y N 112 
TYR CE2  C Y N 113 
TYR CZ   C Y N 114 
TYR OH   O N N 115 
TYR OXT  O N N 116 
TYR H    H N N 117 
TYR H2   H N N 118 
TYR HA   H N N 119 
TYR HB2  H N N 120 
TYR HB3  H N N 121 
TYR HD1  H N N 122 
TYR HD2  H N N 123 
TYR HE1  H N N 124 
TYR HE2  H N N 125 
TYR HH   H N N 126 
TYR HXT  H N N 127 
VAL N    N N N 128 
VAL CA   C N S 129 
VAL C    C N N 130 
VAL O    O N N 131 
VAL CB   C N N 132 
VAL CG1  C N N 133 
VAL CG2  C N N 134 
VAL OXT  O N N 135 
VAL H    H N N 136 
VAL H2   H N N 137 
VAL HA   H N N 138 
VAL HB   H N N 139 
VAL HG11 H N N 140 
VAL HG12 H N N 141 
VAL HG13 H N N 142 
VAL HG21 H N N 143 
VAL HG22 H N N 144 
VAL HG23 H N N 145 
VAL HXT  H N N 146 
# 
loop_
_chem_comp_bond.comp_id 
_chem_comp_bond.atom_id_1 
_chem_comp_bond.atom_id_2 
_chem_comp_bond.value_order 
_chem_comp_bond.pdbx_aromatic_flag 
_chem_comp_bond.pdbx_stereo_config 
_chem_comp_bond.pdbx_ordinal 
ARG N   CA   sing N N 1   
ARG N   H    sing N N 2   
ARG N   H2   sing N N 3   
ARG CA  C    sing N N 4   
ARG CA  CB   sing N N 5   
ARG CA  HA   sing N N 6   
ARG C   O    doub N N 7   
ARG C   OXT  sing N N 8   
ARG CB  CG   sing N N 9   
ARG CB  HB2  sing N N 10  
ARG CB  HB3  sing N N 11  
ARG CG  CD   sing N N 12  
ARG CG  HG2  sing N N 13  
ARG CG  HG3  sing N N 14  
ARG CD  NE   sing N N 15  
ARG CD  HD2  sing N N 16  
ARG CD  HD3  sing N N 17  
ARG NE  CZ   sing N N 18  
ARG NE  HE   sing N N 19  
ARG CZ  NH1  sing N N 20  
ARG CZ  NH2  doub N N 21  
ARG NH1 HH11 sing N N 22  
ARG NH1 HH12 sing N N 23  
ARG NH2 HH21 sing N N 24  
ARG NH2 HH22 sing N N 25  
ARG OXT HXT  sing N N 26  
ASP N   CA   sing N N 27  
ASP N   H    sing N N 28  
ASP N   H2   sing N N 29  
ASP CA  C    sing N N 30  
ASP CA  CB   sing N N 31  
ASP CA  HA   sing N N 32  
ASP C   O    doub N N 33  
ASP C   OXT  sing N N 34  
ASP CB  CG   sing N N 35  
ASP CB  HB2  sing N N 36  
ASP CB  HB3  sing N N 37  
ASP CG  OD1  doub N N 38  
ASP CG  OD2  sing N N 39  
ASP OD2 HD2  sing N N 40  
ASP OXT HXT  sing N N 41  
HIS N   CA   sing N N 42  
HIS N   H    sing N N 43  
HIS N   H2   sing N N 44  
HIS CA  C    sing N N 45  
HIS CA  CB   sing N N 46  
HIS CA  HA   sing N N 47  
HIS C   O    doub N N 48  
HIS C   OXT  sing N N 49  
HIS CB  CG   sing N N 50  
HIS CB  HB2  sing N N 51  
HIS CB  HB3  sing N N 52  
HIS CG  ND1  sing Y N 53  
HIS CG  CD2  doub Y N 54  
HIS ND1 CE1  doub Y N 55  
HIS ND1 HD1  sing N N 56  
HIS CD2 NE2  sing Y N 57  
HIS CD2 HD2  sing N N 58  
HIS CE1 NE2  sing Y N 59  
HIS CE1 HE1  sing N N 60  
HIS NE2 HE2  sing N N 61  
HIS OXT HXT  sing N N 62  
ILE N   CA   sing N N 63  
ILE N   H    sing N N 64  
ILE N   H2   sing N N 65  
ILE CA  C    sing N N 66  
ILE CA  CB   sing N N 67  
ILE CA  HA   sing N N 68  
ILE C   O    doub N N 69  
ILE C   OXT  sing N N 70  
ILE CB  CG1  sing N N 71  
ILE CB  CG2  sing N N 72  
ILE CB  HB   sing N N 73  
ILE CG1 CD1  sing N N 74  
ILE CG1 HG12 sing N N 75  
ILE CG1 HG13 sing N N 76  
ILE CG2 HG21 sing N N 77  
ILE CG2 HG22 sing N N 78  
ILE CG2 HG23 sing N N 79  
ILE CD1 HD11 sing N N 80  
ILE CD1 HD12 sing N N 81  
ILE CD1 HD13 sing N N 82  
ILE OXT HXT  sing N N 83  
PRO N   CA   sing N N 84  
PRO N   CD   sing N N 85  
PRO N   H    sing N N 86  
PRO CA  C    sing N N 87  
PRO CA  CB   sing N N 88  
PRO CA  HA   sing N N 89  
PRO C   O    doub N N 90  
PRO C   OXT  sing N N 91  
PRO CB  CG   sing N N 92  
PRO CB  HB2  sing N N 93  
PRO CB  HB3  sing N N 94  
PRO CG  CD   sing N N 95  
PRO CG  HG2  sing N N 96  
PRO CG  HG3  sing N N 97  
PRO CD  HD2  sing N N 98  
PRO CD  HD3  sing N N 99  
PRO OXT HXT  sing N N 100 
TYR N   CA   sing N N 101 
TYR N   H    sing N N 102 
TYR N   H2   sing N N 103 
TYR CA  C    sing N N 104 
TYR CA  CB   sing N N 105 
TYR CA  HA   sing N N 106 
TYR C   O    doub N N 107 
TYR C   OXT  sing N N 108 
TYR CB  CG   sing N N 109 
TYR CB  HB2  sing N N 110 
TYR CB  HB3  sing N N 111 
TYR CG  CD1  doub Y N 112 
TYR CG  CD2  sing Y N 113 
TYR CD1 CE1  sing Y N 114 
TYR CD1 HD1  sing N N 115 
TYR CD2 CE2  doub Y N 116 
TYR CD2 HD2  sing N N 117 
TYR CE1 CZ   doub Y N 118 
TYR CE1 HE1  sing N N 119 
TYR CE2 CZ   sing Y N 120 
TYR CE2 HE2  sing N N 121 
TYR CZ  OH   sing N N 122 
TYR OH  HH   sing N N 123 
TYR OXT HXT  sing N N 124 
VAL N   CA   sing N N 125 
VAL N   H    sing N N 126 
VAL N   H2   sing N N 127 
VAL CA  C    sing N N 128 
VAL CA  CB   sing N N 129 
VAL CA  HA   sing N N 130 
VAL C   O    doub N N 131 
VAL C   OXT  sing N N 132 
VAL CB  CG1  sing N N 133 
VAL CB  CG2  sing N N 134 
VAL CB  HB   sing N N 135 
VAL CG1 HG11 sing N N 136 
VAL CG1 HG12 sing N N 137 
VAL CG1 HG13 sing N N 138 
VAL CG2 HG21 sing N N 139 
VAL CG2 HG22 sing N N 140 
VAL CG2 HG23 sing N N 141 
VAL OXT HXT  sing N N 142 
# 
loop_
_pdbx_nmr_spectrometer.field_strength 
_pdbx_nmr_spectrometer.manufacturer 
_pdbx_nmr_spectrometer.model 
_pdbx_nmr_spectrometer.spectrometer_id 
_pdbx_nmr_spectrometer.type 
400 Bruker 'AVANCE DRX' 1 'Bruker Avance DRX' 
600 Bruker 'AVANCE DRX' 2 'Bruker Avance DRX' 
# 
_atom_sites.entry_id                    2JP8 
_atom_sites.fract_transf_matrix[1][1]   1.000000 
_atom_sites.fract_transf_matrix[1][2]   0.000000 
_atom_sites.fract_transf_matrix[1][3]   0.000000 
_atom_sites.fract_transf_matrix[2][1]   0.000000 
_atom_sites.fract_transf_matrix[2][2]   1.000000 
_atom_sites.fract_transf_matrix[2][3]   0.000000 
_atom_sites.fract_transf_matrix[3][1]   0.000000 
_atom_sites.fract_transf_matrix[3][2]   0.000000 
_atom_sites.fract_transf_matrix[3][3]   1.000000 
_atom_sites.fract_transf_vector[1]      0.00000 
_atom_sites.fract_transf_vector[2]      0.00000 
_atom_sites.fract_transf_vector[3]      0.00000 
# 
loop_
_atom_type.symbol 
C 
H 
N 
O 
# 
loop_
_atom_site.group_PDB 
_atom_site.id 
_atom_site.type_symbol 
_atom_site.label_atom_id 
_atom_site.label_alt_id 
_atom_site.label_comp_id 
_atom_site.label_asym_id 
_atom_site.label_entity_id 
_atom_site.label_seq_id 
_atom_site.pdbx_PDB_ins_code 
_atom_site.Cartn_x 
_atom_site.Cartn_y 
_atom_site.Cartn_z 
_atom_site.occupancy 
_atom_site.B_iso_or_equiv 
_atom_site.pdbx_formal_charge 
_atom_site.auth_seq_id 
_atom_site.auth_comp_id 
_atom_site.auth_asym_id 
_atom_site.auth_atom_id 
_atom_site.pdbx_PDB_model_num 
ATOM 1    N N    . ASP A 1 1 ? 3.505  -3.269 7.217  1.00 0.00 ? 1 ASP P N    1  
ATOM 2    C CA   . ASP A 1 1 ? 2.387  -2.294 7.061  1.00 0.00 ? 1 ASP P CA   1  
ATOM 3    C C    . ASP A 1 1 ? 2.200  -1.937 5.584  1.00 0.00 ? 1 ASP P C    1  
ATOM 4    O O    . ASP A 1 1 ? 2.748  -2.576 4.706  1.00 0.00 ? 1 ASP P O    1  
ATOM 5    C CB   . ASP A 1 1 ? 2.819  -1.064 7.860  1.00 0.00 ? 1 ASP P CB   1  
ATOM 6    C CG   . ASP A 1 1 ? 1.585  -0.382 8.454  1.00 0.00 ? 1 ASP P CG   1  
ATOM 7    O OD1  . ASP A 1 1 ? 0.808  -1.066 9.101  1.00 0.00 ? 1 ASP P OD1  1  
ATOM 8    O OD2  . ASP A 1 1 ? 1.437  0.812  8.251  1.00 0.00 ? 1 ASP P OD2  1  
ATOM 9    H H1   . ASP A 1 1 ? 4.342  -2.921 6.708  1.00 0.00 ? 1 ASP P H1   1  
ATOM 10   H H2   . ASP A 1 1 ? 3.219  -4.189 6.826  1.00 0.00 ? 1 ASP P H2   1  
ATOM 11   H H3   . ASP A 1 1 ? 3.734  -3.375 8.225  1.00 0.00 ? 1 ASP P H3   1  
ATOM 12   H HA   . ASP A 1 1 ? 1.474  -2.698 7.469  1.00 0.00 ? 1 ASP P HA   1  
ATOM 13   H HB2  . ASP A 1 1 ? 3.482  -1.367 8.656  1.00 0.00 ? 1 ASP P HB2  1  
ATOM 14   H HB3  . ASP A 1 1 ? 3.330  -0.372 7.208  1.00 0.00 ? 1 ASP P HB3  1  
ATOM 15   N N    . ARG A 1 2 ? 1.428  -0.920 5.304  1.00 0.00 ? 2 ARG P N    1  
ATOM 16   C CA   . ARG A 1 2 ? 1.200  -0.518 3.887  1.00 0.00 ? 2 ARG P CA   1  
ATOM 17   C C    . ARG A 1 2 ? 2.530  -0.178 3.198  1.00 0.00 ? 2 ARG P C    1  
ATOM 18   O O    . ARG A 1 2 ? 3.602  -0.319 3.751  1.00 0.00 ? 2 ARG P O    1  
ATOM 19   C CB   . ARG A 1 2 ? 0.282  0.702  3.960  1.00 0.00 ? 2 ARG P CB   1  
ATOM 20   C CG   . ARG A 1 2 ? -1.125 0.260  4.394  1.00 0.00 ? 2 ARG P CG   1  
ATOM 21   C CD   . ARG A 1 2 ? -1.743 -0.686 3.345  1.00 0.00 ? 2 ARG P CD   1  
ATOM 22   N NE   . ARG A 1 2 ? -2.779 -1.453 4.090  1.00 0.00 ? 2 ARG P NE   1  
ATOM 23   C CZ   . ARG A 1 2 ? -2.426 -2.435 4.875  1.00 0.00 ? 2 ARG P CZ   1  
ATOM 24   N NH1  . ARG A 1 2 ? -1.656 -3.385 4.424  1.00 0.00 ? 2 ARG P NH1  1  
ATOM 25   N NH2  . ARG A 1 2 ? -2.843 -2.462 6.111  1.00 0.00 ? 2 ARG P NH2  1  
ATOM 26   H HA   . ARG A 1 2 ? 0.698  -1.312 3.340  1.00 0.00 ? 2 ARG P HA   1  
ATOM 27   H HB2  . ARG A 1 2 ? 0.678  1.403  4.681  1.00 0.00 ? 2 ARG P HB2  1  
ATOM 28   H HB3  . ARG A 1 2 ? 0.229  1.174  2.992  1.00 0.00 ? 2 ARG P HB3  1  
ATOM 29   H HG2  . ARG A 1 2 ? -1.061 -0.252 5.341  1.00 0.00 ? 2 ARG P HG2  1  
ATOM 30   H HG3  . ARG A 1 2 ? -1.755 1.131  4.500  1.00 0.00 ? 2 ARG P HG3  1  
ATOM 31   H HD2  . ARG A 1 2 ? -2.197 -0.118 2.544  1.00 0.00 ? 2 ARG P HD2  1  
ATOM 32   H HD3  . ARG A 1 2 ? -0.999 -1.361 2.949  1.00 0.00 ? 2 ARG P HD3  1  
ATOM 33   H HE   . ARG A 1 2 ? -3.726 -1.221 3.990  1.00 0.00 ? 2 ARG P HE   1  
ATOM 34   H HH11 . ARG A 1 2 ? -1.336 -3.364 3.477  1.00 0.00 ? 2 ARG P HH11 1  
ATOM 35   H HH12 . ARG A 1 2 ? -1.385 -4.137 5.025  1.00 0.00 ? 2 ARG P HH12 1  
ATOM 36   H HH21 . ARG A 1 2 ? -3.434 -1.732 6.457  1.00 0.00 ? 2 ARG P HH21 1  
ATOM 37   H HH22 . ARG A 1 2 ? -2.573 -3.215 6.712  1.00 0.00 ? 2 ARG P HH22 1  
ATOM 38   N N    . VAL A 1 3 ? 2.429  0.217  1.967  1.00 0.00 ? 3 VAL P N    1  
ATOM 39   C CA   . VAL A 1 3 ? 3.605  0.536  1.099  1.00 0.00 ? 3 VAL P CA   1  
ATOM 40   C C    . VAL A 1 3 ? 3.101  1.473  -0.001 1.00 0.00 ? 3 VAL P C    1  
ATOM 41   O O    . VAL A 1 3 ? 2.576  2.540  0.257  1.00 0.00 ? 3 VAL P O    1  
ATOM 42   C CB   . VAL A 1 3 ? 3.954  -0.832 0.490  1.00 0.00 ? 3 VAL P CB   1  
ATOM 43   C CG1  . VAL A 1 3 ? 5.277  -0.746 -0.266 1.00 0.00 ? 3 VAL P CG1  1  
ATOM 44   C CG2  . VAL A 1 3 ? 4.059  -1.915 1.573  1.00 0.00 ? 3 VAL P CG2  1  
ATOM 45   H HA   . VAL A 1 3 ? 4.426  0.947  1.630  1.00 0.00 ? 3 VAL P HA   1  
ATOM 46   H HB   . VAL A 1 3 ? 3.163  -1.099 -0.197 1.00 0.00 ? 3 VAL P HB   1  
ATOM 47   H HG11 . VAL A 1 3 ? 5.235  -1.391 -1.131 1.00 0.00 ? 3 VAL P HG11 1  
ATOM 48   H HG12 . VAL A 1 3 ? 6.081  -1.060 0.380  1.00 0.00 ? 3 VAL P HG12 1  
ATOM 49   H HG13 . VAL A 1 3 ? 5.442  0.272  -0.584 1.00 0.00 ? 3 VAL P HG13 1  
ATOM 50   H HG21 . VAL A 1 3 ? 4.508  -2.800 1.151  1.00 0.00 ? 3 VAL P HG21 1  
ATOM 51   H HG22 . VAL A 1 3 ? 3.069  -2.156 1.935  1.00 0.00 ? 3 VAL P HG22 1  
ATOM 52   H HG23 . VAL A 1 3 ? 4.665  -1.555 2.388  1.00 0.00 ? 3 VAL P HG23 1  
ATOM 53   N N    . TYR A 1 4 ? 3.162  1.012  -1.211 1.00 0.00 ? 4 TYR P N    1  
ATOM 54   C CA   . TYR A 1 4 ? 2.584  1.751  -2.356 1.00 0.00 ? 4 TYR P CA   1  
ATOM 55   C C    . TYR A 1 4 ? 1.169  1.185  -2.531 1.00 0.00 ? 4 TYR P C    1  
ATOM 56   O O    . TYR A 1 4 ? 0.337  1.674  -3.269 1.00 0.00 ? 4 TYR P O    1  
ATOM 57   C CB   . TYR A 1 4 ? 3.498  1.398  -3.526 1.00 0.00 ? 4 TYR P CB   1  
ATOM 58   C CG   . TYR A 1 4 ? 2.722  0.709  -4.621 1.00 0.00 ? 4 TYR P CG   1  
ATOM 59   C CD1  . TYR A 1 4 ? 2.001  1.468  -5.547 1.00 0.00 ? 4 TYR P CD1  1  
ATOM 60   C CD2  . TYR A 1 4 ? 2.724  -0.687 -4.706 1.00 0.00 ? 4 TYR P CD2  1  
ATOM 61   C CE1  . TYR A 1 4 ? 1.280  0.832  -6.563 1.00 0.00 ? 4 TYR P CE1  1  
ATOM 62   C CE2  . TYR A 1 4 ? 2.003  -1.326 -5.723 1.00 0.00 ? 4 TYR P CE2  1  
ATOM 63   C CZ   . TYR A 1 4 ? 1.281  -0.566 -6.652 1.00 0.00 ? 4 TYR P CZ   1  
ATOM 64   O OH   . TYR A 1 4 ? 0.569  -1.195 -7.653 1.00 0.00 ? 4 TYR P OH   1  
ATOM 65   H HA   . TYR A 1 4 ? 2.562  2.796  -2.163 1.00 0.00 ? 4 TYR P HA   1  
ATOM 66   H HB2  . TYR A 1 4 ? 3.943  2.296  -3.909 1.00 0.00 ? 4 TYR P HB2  1  
ATOM 67   H HB3  . TYR A 1 4 ? 4.273  0.733  -3.171 1.00 0.00 ? 4 TYR P HB3  1  
ATOM 68   H HD1  . TYR A 1 4 ? 2.000  2.546  -5.474 1.00 0.00 ? 4 TYR P HD1  1  
ATOM 69   H HD2  . TYR A 1 4 ? 3.283  -1.272 -3.986 1.00 0.00 ? 4 TYR P HD2  1  
ATOM 70   H HE1  . TYR A 1 4 ? 0.721  1.418  -7.279 1.00 0.00 ? 4 TYR P HE1  1  
ATOM 71   H HE2  . TYR A 1 4 ? 2.005  -2.403 -5.789 1.00 0.00 ? 4 TYR P HE2  1  
ATOM 72   H HH   . TYR A 1 4 ? 1.193  -1.680 -8.200 1.00 0.00 ? 4 TYR P HH   1  
ATOM 73   N N    . ILE A 1 5 ? 0.955  0.145  -1.782 1.00 0.00 ? 5 ILE P N    1  
ATOM 74   C CA   . ILE A 1 5 ? -0.338 -0.615 -1.702 1.00 0.00 ? 5 ILE P CA   1  
ATOM 75   C C    . ILE A 1 5 ? -1.549 0.270  -2.051 1.00 0.00 ? 5 ILE P C    1  
ATOM 76   O O    . ILE A 1 5 ? -2.189 0.841  -1.190 1.00 0.00 ? 5 ILE P O    1  
ATOM 77   C CB   . ILE A 1 5 ? -0.378 -1.094 -0.221 1.00 0.00 ? 5 ILE P CB   1  
ATOM 78   C CG1  . ILE A 1 5 ? -0.560 0.093  0.738  1.00 0.00 ? 5 ILE P CG1  1  
ATOM 79   C CG2  . ILE A 1 5 ? 0.928  -1.838 0.121  1.00 0.00 ? 5 ILE P CG2  1  
ATOM 80   C CD1  . ILE A 1 5 ? 0.206  1.321  0.261  1.00 0.00 ? 5 ILE P CD1  1  
ATOM 81   H HA   . ILE A 1 5 ? -0.305 -1.472 -2.355 1.00 0.00 ? 5 ILE P HA   1  
ATOM 82   H HB   . ILE A 1 5 ? -1.199 -1.776 -0.065 1.00 0.00 ? 5 ILE P HB   1  
ATOM 83   H HG12 . ILE A 1 5 ? -1.605 0.335  0.809  1.00 0.00 ? 5 ILE P HG12 1  
ATOM 84   H HG13 . ILE A 1 5 ? -0.188 -0.191 1.707  1.00 0.00 ? 5 ILE P HG13 1  
ATOM 85   H HG21 . ILE A 1 5 ? 1.511  -1.255 0.811  1.00 0.00 ? 5 ILE P HG21 1  
ATOM 86   H HG22 . ILE A 1 5 ? 1.503  -1.997 -0.782 1.00 0.00 ? 5 ILE P HG22 1  
ATOM 87   H HG23 . ILE A 1 5 ? 0.697  -2.793 0.567  1.00 0.00 ? 5 ILE P HG23 1  
ATOM 88   H HD11 . ILE A 1 5 ? -0.284 1.745  -0.600 1.00 0.00 ? 5 ILE P HD11 1  
ATOM 89   H HD12 . ILE A 1 5 ? 1.200  1.027  -0.003 1.00 0.00 ? 5 ILE P HD12 1  
ATOM 90   H HD13 . ILE A 1 5 ? 0.249  2.050  1.053  1.00 0.00 ? 5 ILE P HD13 1  
ATOM 91   N N    . HIS A 1 6 ? -1.869 0.379  -3.313 1.00 0.00 ? 6 HIS P N    1  
ATOM 92   C CA   . HIS A 1 6 ? -3.032 1.218  -3.720 1.00 0.00 ? 6 HIS P CA   1  
ATOM 93   C C    . HIS A 1 6 ? -4.249 0.332  -4.009 1.00 0.00 ? 6 HIS P C    1  
ATOM 94   O O    . HIS A 1 6 ? -4.102 -0.826 -4.355 1.00 0.00 ? 6 HIS P O    1  
ATOM 95   C CB   . HIS A 1 6 ? -2.577 1.936  -4.990 1.00 0.00 ? 6 HIS P CB   1  
ATOM 96   C CG   . HIS A 1 6 ? -1.812 3.177  -4.617 1.00 0.00 ? 6 HIS P CG   1  
ATOM 97   N ND1  . HIS A 1 6 ? -2.111 3.917  -3.484 1.00 0.00 ? 6 HIS P ND1  1  
ATOM 98   C CD2  . HIS A 1 6 ? -0.758 3.820  -5.218 1.00 0.00 ? 6 HIS P CD2  1  
ATOM 99   C CE1  . HIS A 1 6 ? -1.253 4.953  -3.438 1.00 0.00 ? 6 HIS P CE1  1  
ATOM 100  N NE2  . HIS A 1 6 ? -0.406 4.941  -4.471 1.00 0.00 ? 6 HIS P NE2  1  
ATOM 101  H HA   . HIS A 1 6 ? -3.264 1.939  -2.952 1.00 0.00 ? 6 HIS P HA   1  
ATOM 102  H HB2  . HIS A 1 6 ? -1.941 1.280  -5.567 1.00 0.00 ? 6 HIS P HB2  1  
ATOM 103  H HB3  . HIS A 1 6 ? -3.440 2.209  -5.579 1.00 0.00 ? 6 HIS P HB3  1  
ATOM 104  H HD2  . HIS A 1 6 ? -0.275 3.504  -6.130 1.00 0.00 ? 6 HIS P HD2  1  
ATOM 105  H HE1  . HIS A 1 6 ? -1.249 5.701  -2.660 1.00 0.00 ? 6 HIS P HE1  1  
ATOM 106  N N    . PRO A 1 7 ? -5.417 0.903  -3.859 1.00 0.00 ? 7 PRO P N    1  
ATOM 107  C CA   . PRO A 1 7 ? -6.669 0.147  -4.110 1.00 0.00 ? 7 PRO P CA   1  
ATOM 108  C C    . PRO A 1 7 ? -6.869 -0.073 -5.612 1.00 0.00 ? 7 PRO P C    1  
ATOM 109  O O    . PRO A 1 7 ? -6.518 -1.141 -6.086 1.00 0.00 ? 7 PRO P O    1  
ATOM 110  C CB   . PRO A 1 7 ? -7.757 1.056  -3.544 1.00 0.00 ? 7 PRO P CB   1  
ATOM 111  C CG   . PRO A 1 7 ? -7.175 2.433  -3.591 1.00 0.00 ? 7 PRO P CG   1  
ATOM 112  C CD   . PRO A 1 7 ? -5.683 2.288  -3.447 1.00 0.00 ? 7 PRO P CD   1  
ATOM 113  O OXT  . PRO A 1 7 ? -7.368 0.832  -6.262 1.00 0.00 ? 7 PRO P OXT  1  
ATOM 114  H HA   . PRO A 1 7 ? -6.660 -0.793 -3.583 1.00 0.00 ? 7 PRO P HA   1  
ATOM 115  H HB2  . PRO A 1 7 ? -8.646 0.999  -4.155 1.00 0.00 ? 7 PRO P HB2  1  
ATOM 116  H HB3  . PRO A 1 7 ? -7.981 0.784  -2.524 1.00 0.00 ? 7 PRO P HB3  1  
ATOM 117  H HG2  . PRO A 1 7 ? -7.413 2.900  -4.536 1.00 0.00 ? 7 PRO P HG2  1  
ATOM 118  H HG3  . PRO A 1 7 ? -7.562 3.026  -2.777 1.00 0.00 ? 7 PRO P HG3  1  
ATOM 119  H HD2  . PRO A 1 7 ? -5.171 2.985  -4.099 1.00 0.00 ? 7 PRO P HD2  1  
ATOM 120  H HD3  . PRO A 1 7 ? -5.383 2.434  -2.421 1.00 0.00 ? 7 PRO P HD3  1  
ATOM 121  N N    . ASP A 1 1 ? 3.189  -3.550 7.242  1.00 0.00 ? 1 ASP P N    2  
ATOM 122  C CA   . ASP A 1 1 ? 2.649  -2.166 7.112  1.00 0.00 ? 1 ASP P CA   2  
ATOM 123  C C    . ASP A 1 1 ? 2.388  -1.834 5.640  1.00 0.00 ? 1 ASP P C    2  
ATOM 124  O O    . ASP A 1 1 ? 2.847  -2.523 4.750  1.00 0.00 ? 1 ASP P O    2  
ATOM 125  C CB   . ASP A 1 1 ? 3.742  -1.258 7.681  1.00 0.00 ? 1 ASP P CB   2  
ATOM 126  C CG   . ASP A 1 1 ? 3.705  -1.310 9.209  1.00 0.00 ? 1 ASP P CG   2  
ATOM 127  O OD1  . ASP A 1 1 ? 2.707  -0.891 9.774  1.00 0.00 ? 1 ASP P OD1  2  
ATOM 128  O OD2  . ASP A 1 1 ? 4.675  -1.766 9.790  1.00 0.00 ? 1 ASP P OD2  2  
ATOM 129  H H1   . ASP A 1 1 ? 2.434  -4.237 7.049  1.00 0.00 ? 1 ASP P H1   2  
ATOM 130  H H2   . ASP A 1 1 ? 3.549  -3.691 8.209  1.00 0.00 ? 1 ASP P H2   2  
ATOM 131  H H3   . ASP A 1 1 ? 3.963  -3.685 6.561  1.00 0.00 ? 1 ASP P H3   2  
ATOM 132  H HA   . ASP A 1 1 ? 1.744  -2.059 7.690  1.00 0.00 ? 1 ASP P HA   2  
ATOM 133  H HB2  . ASP A 1 1 ? 4.706  -1.595 7.332  1.00 0.00 ? 1 ASP P HB2  2  
ATOM 134  H HB3  . ASP A 1 1 ? 3.573  -0.243 7.353  1.00 0.00 ? 1 ASP P HB3  2  
ATOM 135  N N    . ARG A 1 2 ? 1.653  -0.787 5.380  1.00 0.00 ? 2 ARG P N    2  
ATOM 136  C CA   . ARG A 1 2 ? 1.359  -0.407 3.969  1.00 0.00 ? 2 ARG P CA   2  
ATOM 137  C C    . ARG A 1 2 ? 2.658  -0.169 3.186  1.00 0.00 ? 2 ARG P C    2  
ATOM 138  O O    . ARG A 1 2 ? 3.753  -0.368 3.673  1.00 0.00 ? 2 ARG P O    2  
ATOM 139  C CB   . ARG A 1 2 ? 0.525  0.870  4.066  1.00 0.00 ? 2 ARG P CB   2  
ATOM 140  C CG   . ARG A 1 2 ? -0.877 0.530  4.597  1.00 0.00 ? 2 ARG P CG   2  
ATOM 141  C CD   . ARG A 1 2 ? -1.620 -0.396 3.616  1.00 0.00 ? 2 ARG P CD   2  
ATOM 142  N NE   . ARG A 1 2 ? -2.651 -1.080 4.448  1.00 0.00 ? 2 ARG P NE   2  
ATOM 143  C CZ   . ARG A 1 2 ? -3.877 -0.636 4.461  1.00 0.00 ? 2 ARG P CZ   2  
ATOM 144  N NH1  . ARG A 1 2 ? -4.473 -0.333 3.340  1.00 0.00 ? 2 ARG P NH1  2  
ATOM 145  N NH2  . ARG A 1 2 ? -4.508 -0.495 5.595  1.00 0.00 ? 2 ARG P NH2  2  
ATOM 146  H HA   . ARG A 1 2 ? 0.773  -1.181 3.478  1.00 0.00 ? 2 ARG P HA   2  
ATOM 147  H HB2  . ARG A 1 2 ? 1.009  1.563  4.740  1.00 0.00 ? 2 ARG P HB2  2  
ATOM 148  H HB3  . ARG A 1 2 ? 0.439  1.321  3.090  1.00 0.00 ? 2 ARG P HB3  2  
ATOM 149  H HG2  . ARG A 1 2 ? -0.784 0.038  5.554  1.00 0.00 ? 2 ARG P HG2  2  
ATOM 150  H HG3  . ARG A 1 2 ? -1.442 1.443  4.721  1.00 0.00 ? 2 ARG P HG3  2  
ATOM 151  H HD2  . ARG A 1 2 ? -2.090 0.182  2.833  1.00 0.00 ? 2 ARG P HD2  2  
ATOM 152  H HD3  . ARG A 1 2 ? -0.947 -1.127 3.191  1.00 0.00 ? 2 ARG P HD3  2  
ATOM 153  H HE   . ARG A 1 2 ? -2.406 -1.863 4.984  1.00 0.00 ? 2 ARG P HE   2  
ATOM 154  H HH11 . ARG A 1 2 ? -3.990 -0.441 2.471  1.00 0.00 ? 2 ARG P HH11 2  
ATOM 155  H HH12 . ARG A 1 2 ? -5.414 0.007  3.349  1.00 0.00 ? 2 ARG P HH12 2  
ATOM 156  H HH21 . ARG A 1 2 ? -4.050 -0.727 6.453  1.00 0.00 ? 2 ARG P HH21 2  
ATOM 157  H HH22 . ARG A 1 2 ? -5.448 -0.156 5.604  1.00 0.00 ? 2 ARG P HH22 2  
ATOM 158  N N    . VAL A 1 3 ? 2.502  0.204  1.956  1.00 0.00 ? 3 VAL P N    2  
ATOM 159  C CA   . VAL A 1 3 ? 3.635  0.425  1.004  1.00 0.00 ? 3 VAL P CA   2  
ATOM 160  C C    . VAL A 1 3 ? 3.122  1.371  -0.084 1.00 0.00 ? 3 VAL P C    2  
ATOM 161  O O    . VAL A 1 3 ? 2.684  2.474  0.178  1.00 0.00 ? 3 VAL P O    2  
ATOM 162  C CB   . VAL A 1 3 ? 3.858  -0.973 0.412  1.00 0.00 ? 3 VAL P CB   2  
ATOM 163  C CG1  . VAL A 1 3 ? 5.131  -0.990 -0.428 1.00 0.00 ? 3 VAL P CG1  2  
ATOM 164  C CG2  . VAL A 1 3 ? 3.964  -2.037 1.511  1.00 0.00 ? 3 VAL P CG2  2  
ATOM 165  H HA   . VAL A 1 3 ? 4.514  0.795  1.472  1.00 0.00 ? 3 VAL P HA   2  
ATOM 166  H HB   . VAL A 1 3 ? 3.009  -1.203 -0.219 1.00 0.00 ? 3 VAL P HB   2  
ATOM 167  H HG11 . VAL A 1 3 ? 5.025  -1.714 -1.223 1.00 0.00 ? 3 VAL P HG11 2  
ATOM 168  H HG12 . VAL A 1 3 ? 5.971  -1.257 0.195  1.00 0.00 ? 3 VAL P HG12 2  
ATOM 169  H HG13 . VAL A 1 3 ? 5.293  -0.010 -0.853 1.00 0.00 ? 3 VAL P HG13 2  
ATOM 170  H HG21 . VAL A 1 3 ? 4.327  -2.960 1.085  1.00 0.00 ? 3 VAL P HG21 2  
ATOM 171  H HG22 . VAL A 1 3 ? 2.985  -2.206 1.943  1.00 0.00 ? 3 VAL P HG22 2  
ATOM 172  H HG23 . VAL A 1 3 ? 4.644  -1.702 2.277  1.00 0.00 ? 3 VAL P HG23 2  
ATOM 173  N N    . TYR A 1 4 ? 3.074  0.881  -1.285 1.00 0.00 ? 4 TYR P N    2  
ATOM 174  C CA   . TYR A 1 4 ? 2.470  1.632  -2.408 1.00 0.00 ? 4 TYR P CA   2  
ATOM 175  C C    . TYR A 1 4 ? 1.015  1.156  -2.478 1.00 0.00 ? 4 TYR P C    2  
ATOM 176  O O    . TYR A 1 4 ? 0.169  1.685  -3.170 1.00 0.00 ? 4 TYR P O    2  
ATOM 177  C CB   . TYR A 1 4 ? 3.280  1.194  -3.625 1.00 0.00 ? 4 TYR P CB   2  
ATOM 178  C CG   . TYR A 1 4 ? 2.388  0.527  -4.645 1.00 0.00 ? 4 TYR P CG   2  
ATOM 179  C CD1  . TYR A 1 4 ? 1.632  1.305  -5.526 1.00 0.00 ? 4 TYR P CD1  2  
ATOM 180  C CD2  . TYR A 1 4 ? 2.318  -0.869 -4.703 1.00 0.00 ? 4 TYR P CD2  2  
ATOM 181  C CE1  . TYR A 1 4 ? 0.804  0.688  -6.470 1.00 0.00 ? 4 TYR P CE1  2  
ATOM 182  C CE2  . TYR A 1 4 ? 1.490  -1.488 -5.646 1.00 0.00 ? 4 TYR P CE2  2  
ATOM 183  C CZ   . TYR A 1 4 ? 0.733  -0.710 -6.530 1.00 0.00 ? 4 TYR P CZ   2  
ATOM 184  O OH   . TYR A 1 4 ? -0.083 -1.320 -7.462 1.00 0.00 ? 4 TYR P OH   2  
ATOM 185  H HA   . TYR A 1 4 ? 2.529  2.679  -2.241 1.00 0.00 ? 4 TYR P HA   2  
ATOM 186  H HB2  . TYR A 1 4 ? 3.747  2.053  -4.064 1.00 0.00 ? 4 TYR P HB2  2  
ATOM 187  H HB3  . TYR A 1 4 ? 4.037  0.492  -3.305 1.00 0.00 ? 4 TYR P HB3  2  
ATOM 188  H HD1  . TYR A 1 4 ? 1.689  2.383  -5.475 1.00 0.00 ? 4 TYR P HD1  2  
ATOM 189  H HD2  . TYR A 1 4 ? 2.903  -1.469 -4.017 1.00 0.00 ? 4 TYR P HD2  2  
ATOM 190  H HE1  . TYR A 1 4 ? 0.219  1.289  -7.152 1.00 0.00 ? 4 TYR P HE1  2  
ATOM 191  H HE2  . TYR A 1 4 ? 1.435  -2.566 -5.693 1.00 0.00 ? 4 TYR P HE2  2  
ATOM 192  H HH   . TYR A 1 4 ? 0.473  -1.657 -8.168 1.00 0.00 ? 4 TYR P HH   2  
ATOM 193  N N    . ILE A 1 5 ? 0.785  0.147  -1.692 1.00 0.00 ? 5 ILE P N    2  
ATOM 194  C CA   . ILE A 1 5 ? -0.547 -0.527 -1.509 1.00 0.00 ? 5 ILE P CA   2  
ATOM 195  C C    . ILE A 1 5 ? -1.718 0.426  -1.805 1.00 0.00 ? 5 ILE P C    2  
ATOM 196  O O    . ILE A 1 5 ? -2.269 1.054  -0.922 1.00 0.00 ? 5 ILE P O    2  
ATOM 197  C CB   . ILE A 1 5 ? -0.521 -0.968 -0.015 1.00 0.00 ? 5 ILE P CB   2  
ATOM 198  C CG1  . ILE A 1 5 ? -0.563 0.252  0.920  1.00 0.00 ? 5 ILE P CG1  2  
ATOM 199  C CG2  . ILE A 1 5 ? 0.754  -1.785 0.263  1.00 0.00 ? 5 ILE P CG2  2  
ATOM 200  C CD1  . ILE A 1 5 ? 0.244  1.416  0.362  1.00 0.00 ? 5 ILE P CD1  2  
ATOM 201  H HA   . ILE A 1 5 ? -0.610 -1.399 -2.139 1.00 0.00 ? 5 ILE P HA   2  
ATOM 202  H HB   . ILE A 1 5 ? -1.372 -1.591 0.210  1.00 0.00 ? 5 ILE P HB   2  
ATOM 203  H HG12 . ILE A 1 5 ? -1.585 0.563  1.050  1.00 0.00 ? 5 ILE P HG12 2  
ATOM 204  H HG13 . ILE A 1 5 ? -0.149 -0.034 1.871  1.00 0.00 ? 5 ILE P HG13 2  
ATOM 205  H HG21 . ILE A 1 5 ? 1.419  -1.222 0.894  1.00 0.00 ? 5 ILE P HG21 2  
ATOM 206  H HG22 . ILE A 1 5 ? 1.256  -2.007 -0.670 1.00 0.00 ? 5 ILE P HG22 2  
ATOM 207  H HG23 . ILE A 1 5 ? 0.494  -2.709 0.756  1.00 0.00 ? 5 ILE P HG23 2  
ATOM 208  H HD11 . ILE A 1 5 ? 0.385  2.159  1.129  1.00 0.00 ? 5 ILE P HD11 2  
ATOM 209  H HD12 . ILE A 1 5 ? -0.272 1.851  -0.477 1.00 0.00 ? 5 ILE P HD12 2  
ATOM 210  H HD13 . ILE A 1 5 ? 1.199  1.051  0.043  1.00 0.00 ? 5 ILE P HD13 2  
ATOM 211  N N    . HIS A 1 6 ? -2.102 0.535  -3.049 1.00 0.00 ? 6 HIS P N    2  
ATOM 212  C CA   . HIS A 1 6 ? -3.232 1.440  -3.410 1.00 0.00 ? 6 HIS P CA   2  
ATOM 213  C C    . HIS A 1 6 ? -4.166 0.749  -4.412 1.00 0.00 ? 6 HIS P C    2  
ATOM 214  O O    . HIS A 1 6 ? -3.893 0.728  -5.596 1.00 0.00 ? 6 HIS P O    2  
ATOM 215  C CB   . HIS A 1 6 ? -2.571 2.660  -4.051 1.00 0.00 ? 6 HIS P CB   2  
ATOM 216  C CG   . HIS A 1 6 ? -3.534 3.814  -4.045 1.00 0.00 ? 6 HIS P CG   2  
ATOM 217  N ND1  . HIS A 1 6 ? -3.420 4.867  -3.151 1.00 0.00 ? 6 HIS P ND1  2  
ATOM 218  C CD2  . HIS A 1 6 ? -4.635 4.094  -4.815 1.00 0.00 ? 6 HIS P CD2  2  
ATOM 219  C CE1  . HIS A 1 6 ? -4.425 5.725  -3.405 1.00 0.00 ? 6 HIS P CE1  2  
ATOM 220  N NE2  . HIS A 1 6 ? -5.195 5.301  -4.410 1.00 0.00 ? 6 HIS P NE2  2  
ATOM 221  H HA   . HIS A 1 6 ? -3.775 1.736  -2.527 1.00 0.00 ? 6 HIS P HA   2  
ATOM 222  H HB2  . HIS A 1 6 ? -1.687 2.925  -3.491 1.00 0.00 ? 6 HIS P HB2  2  
ATOM 223  H HB3  . HIS A 1 6 ? -2.295 2.426  -5.069 1.00 0.00 ? 6 HIS P HB3  2  
ATOM 224  H HD2  . HIS A 1 6 ? -5.009 3.473  -5.616 1.00 0.00 ? 6 HIS P HD2  2  
ATOM 225  H HE1  . HIS A 1 6 ? -4.589 6.643  -2.861 1.00 0.00 ? 6 HIS P HE1  2  
ATOM 226  N N    . PRO A 1 7 ? -5.245 0.204  -3.905 1.00 0.00 ? 7 PRO P N    2  
ATOM 227  C CA   . PRO A 1 7 ? -6.224 -0.491 -4.778 1.00 0.00 ? 7 PRO P CA   2  
ATOM 228  C C    . PRO A 1 7 ? -7.005 0.523  -5.620 1.00 0.00 ? 7 PRO P C    2  
ATOM 229  O O    . PRO A 1 7 ? -6.772 0.575  -6.816 1.00 0.00 ? 7 PRO P O    2  
ATOM 230  C CB   . PRO A 1 7 ? -7.145 -1.201 -3.791 1.00 0.00 ? 7 PRO P CB   2  
ATOM 231  C CG   . PRO A 1 7 ? -7.037 -0.413 -2.525 1.00 0.00 ? 7 PRO P CG   2  
ATOM 232  C CD   . PRO A 1 7 ? -5.654 0.182  -2.494 1.00 0.00 ? 7 PRO P CD   2  
ATOM 233  O OXT  . PRO A 1 7 ? -7.822 1.230  -5.051 1.00 0.00 ? 7 PRO P OXT  2  
ATOM 234  H HA   . PRO A 1 7 ? -5.729 -1.212 -5.409 1.00 0.00 ? 7 PRO P HA   2  
ATOM 235  H HB2  . PRO A 1 7 ? -8.163 -1.195 -4.156 1.00 0.00 ? 7 PRO P HB2  2  
ATOM 236  H HB3  . PRO A 1 7 ? -6.811 -2.214 -3.624 1.00 0.00 ? 7 PRO P HB3  2  
ATOM 237  H HG2  . PRO A 1 7 ? -7.780 0.373  -2.517 1.00 0.00 ? 7 PRO P HG2  2  
ATOM 238  H HG3  . PRO A 1 7 ? -7.173 -1.060 -1.673 1.00 0.00 ? 7 PRO P HG3  2  
ATOM 239  H HD2  . PRO A 1 7 ? -5.683 1.185  -2.088 1.00 0.00 ? 7 PRO P HD2  2  
ATOM 240  H HD3  . PRO A 1 7 ? -4.983 -0.442 -1.923 1.00 0.00 ? 7 PRO P HD3  2  
ATOM 241  N N    . ASP A 1 1 ? 2.751  -3.645 7.121  1.00 0.00 ? 1 ASP P N    3  
ATOM 242  C CA   . ASP A 1 1 ? 2.259  -2.246 6.978  1.00 0.00 ? 1 ASP P CA   3  
ATOM 243  C C    . ASP A 1 1 ? 2.116  -1.883 5.498  1.00 0.00 ? 1 ASP P C    3  
ATOM 244  O O    . ASP A 1 1 ? 2.737  -2.481 4.640  1.00 0.00 ? 1 ASP P O    3  
ATOM 245  C CB   . ASP A 1 1 ? 3.330  -1.379 7.642  1.00 0.00 ? 1 ASP P CB   3  
ATOM 246  C CG   . ASP A 1 1 ? 3.157  -1.427 9.160  1.00 0.00 ? 1 ASP P CG   3  
ATOM 247  O OD1  . ASP A 1 1 ? 2.348  -0.669 9.670  1.00 0.00 ? 1 ASP P OD1  3  
ATOM 248  O OD2  . ASP A 1 1 ? 3.836  -2.221 9.790  1.00 0.00 ? 1 ASP P OD2  3  
ATOM 249  H H1   . ASP A 1 1 ? 2.999  -3.827 8.113  1.00 0.00 ? 1 ASP P H1   3  
ATOM 250  H H2   . ASP A 1 1 ? 3.594  -3.779 6.523  1.00 0.00 ? 1 ASP P H2   3  
ATOM 251  H H3   . ASP A 1 1 ? 2.007  -4.307 6.825  1.00 0.00 ? 1 ASP P H3   3  
ATOM 252  H HA   . ASP A 1 1 ? 1.318  -2.123 7.489  1.00 0.00 ? 1 ASP P HA   3  
ATOM 253  H HB2  . ASP A 1 1 ? 4.309  -1.753 7.378  1.00 0.00 ? 1 ASP P HB2  3  
ATOM 254  H HB3  . ASP A 1 1 ? 3.230  -0.359 7.302  1.00 0.00 ? 1 ASP P HB3  3  
ATOM 255  N N    . ARG A 1 2 ? 1.302  -0.907 5.191  1.00 0.00 ? 2 ARG P N    3  
ATOM 256  C CA   . ARG A 1 2 ? 1.115  -0.504 3.770  1.00 0.00 ? 2 ARG P CA   3  
ATOM 257  C C    . ARG A 1 2 ? 2.455  -0.094 3.140  1.00 0.00 ? 2 ARG P C    3  
ATOM 258  O O    . ARG A 1 2 ? 3.508  -0.191 3.738  1.00 0.00 ? 2 ARG P O    3  
ATOM 259  C CB   . ARG A 1 2 ? 0.138  0.672  3.813  1.00 0.00 ? 2 ARG P CB   3  
ATOM 260  C CG   . ARG A 1 2 ? -1.264 0.161  4.178  1.00 0.00 ? 2 ARG P CG   3  
ATOM 261  C CD   . ARG A 1 2 ? -1.788 -0.804 3.099  1.00 0.00 ? 2 ARG P CD   3  
ATOM 262  N NE   . ARG A 1 2 ? -2.825 -1.624 3.788  1.00 0.00 ? 2 ARG P NE   3  
ATOM 263  C CZ   . ARG A 1 2 ? -3.516 -2.502 3.113  1.00 0.00 ? 2 ARG P CZ   3  
ATOM 264  N NH1  . ARG A 1 2 ? -3.086 -3.729 3.005  1.00 0.00 ? 2 ARG P NH1  3  
ATOM 265  N NH2  . ARG A 1 2 ? -4.640 -2.152 2.548  1.00 0.00 ? 2 ARG P NH2  3  
ATOM 266  H HA   . ARG A 1 2 ? 0.674  -1.315 3.195  1.00 0.00 ? 2 ARG P HA   3  
ATOM 267  H HB2  . ARG A 1 2 ? 0.468  1.384  4.556  1.00 0.00 ? 2 ARG P HB2  3  
ATOM 268  H HB3  . ARG A 1 2 ? 0.106  1.150  2.847  1.00 0.00 ? 2 ARG P HB3  3  
ATOM 269  H HG2  . ARG A 1 2 ? -1.220 -0.355 5.127  1.00 0.00 ? 2 ARG P HG2  3  
ATOM 270  H HG3  . ARG A 1 2 ? -1.938 1.000  4.261  1.00 0.00 ? 2 ARG P HG3  3  
ATOM 271  H HD2  . ARG A 1 2 ? -2.230 -0.252 2.279  1.00 0.00 ? 2 ARG P HD2  3  
ATOM 272  H HD3  . ARG A 1 2 ? -0.998 -1.443 2.734  1.00 0.00 ? 2 ARG P HD3  3  
ATOM 273  H HE   . ARG A 1 2 ? -2.987 -1.507 4.748  1.00 0.00 ? 2 ARG P HE   3  
ATOM 274  H HH11 . ARG A 1 2 ? -2.226 -3.997 3.438  1.00 0.00 ? 2 ARG P HH11 3  
ATOM 275  H HH12 . ARG A 1 2 ? -3.615 -4.402 2.487  1.00 0.00 ? 2 ARG P HH12 3  
ATOM 276  H HH21 . ARG A 1 2 ? -4.969 -1.211 2.632  1.00 0.00 ? 2 ARG P HH21 3  
ATOM 277  H HH22 . ARG A 1 2 ? -5.169 -2.824 2.031  1.00 0.00 ? 2 ARG P HH22 3  
ATOM 278  N N    . VAL A 1 3 ? 2.387  0.305  1.910  1.00 0.00 ? 3 VAL P N    3  
ATOM 279  C CA   . VAL A 1 3 ? 3.582  0.683  1.094  1.00 0.00 ? 3 VAL P CA   3  
ATOM 280  C C    . VAL A 1 3 ? 3.084  1.604  -0.022 1.00 0.00 ? 3 VAL P C    3  
ATOM 281  O O    . VAL A 1 3 ? 2.496  2.643  0.217  1.00 0.00 ? 3 VAL P O    3  
ATOM 282  C CB   . VAL A 1 3 ? 4.024  -0.661 0.496  1.00 0.00 ? 3 VAL P CB   3  
ATOM 283  C CG1  . VAL A 1 3 ? 5.373  -0.507 -0.202 1.00 0.00 ? 3 VAL P CG1  3  
ATOM 284  C CG2  . VAL A 1 3 ? 4.133  -1.744 1.575  1.00 0.00 ? 3 VAL P CG2  3  
ATOM 285  H HA   . VAL A 1 3 ? 4.359  1.131  1.663  1.00 0.00 ? 3 VAL P HA   3  
ATOM 286  H HB   . VAL A 1 3 ? 3.277  -0.959 -0.229 1.00 0.00 ? 3 VAL P HB   3  
ATOM 287  H HG11 . VAL A 1 3 ? 5.402  -1.156 -1.065 1.00 0.00 ? 3 VAL P HG11 3  
ATOM 288  H HG12 . VAL A 1 3 ? 6.162  -0.777 0.481  1.00 0.00 ? 3 VAL P HG12 3  
ATOM 289  H HG13 . VAL A 1 3 ? 5.497  0.517  -0.517 1.00 0.00 ? 3 VAL P HG13 3  
ATOM 290  H HG21 . VAL A 1 3 ? 4.687  -1.364 2.417  1.00 0.00 ? 3 VAL P HG21 3  
ATOM 291  H HG22 . VAL A 1 3 ? 4.640  -2.606 1.167  1.00 0.00 ? 3 VAL P HG22 3  
ATOM 292  H HG23 . VAL A 1 3 ? 3.141  -2.034 1.894  1.00 0.00 ? 3 VAL P HG23 3  
ATOM 293  N N    . TYR A 1 4 ? 3.220  1.154  -1.232 1.00 0.00 ? 4 TYR P N    3  
ATOM 294  C CA   . TYR A 1 4 ? 2.658  1.873  -2.397 1.00 0.00 ? 4 TYR P CA   3  
ATOM 295  C C    . TYR A 1 4 ? 1.281  1.240  -2.637 1.00 0.00 ? 4 TYR P C    3  
ATOM 296  O O    . TYR A 1 4 ? 0.460  1.692  -3.409 1.00 0.00 ? 4 TYR P O    3  
ATOM 297  C CB   . TYR A 1 4 ? 3.640  1.573  -3.526 1.00 0.00 ? 4 TYR P CB   3  
ATOM 298  C CG   . TYR A 1 4 ? 2.945  0.861  -4.659 1.00 0.00 ? 4 TYR P CG   3  
ATOM 299  C CD1  . TYR A 1 4 ? 2.176  1.585  -5.572 1.00 0.00 ? 4 TYR P CD1  3  
ATOM 300  C CD2  . TYR A 1 4 ? 3.073  -0.527 -4.792 1.00 0.00 ? 4 TYR P CD2  3  
ATOM 301  C CE1  . TYR A 1 4 ? 1.529  0.924  -6.623 1.00 0.00 ? 4 TYR P CE1  3  
ATOM 302  C CE2  . TYR A 1 4 ? 2.428  -1.191 -5.843 1.00 0.00 ? 4 TYR P CE2  3  
ATOM 303  C CZ   . TYR A 1 4 ? 1.656  -0.465 -6.759 1.00 0.00 ? 4 TYR P CZ   3  
ATOM 304  O OH   . TYR A 1 4 ? 1.020  -1.117 -7.797 1.00 0.00 ? 4 TYR P OH   3  
ATOM 305  H HA   . TYR A 1 4 ? 2.576  2.914  -2.199 1.00 0.00 ? 4 TYR P HA   3  
ATOM 306  H HB2  . TYR A 1 4 ? 4.057  2.494  -3.882 1.00 0.00 ? 4 TYR P HB2  3  
ATOM 307  H HB3  . TYR A 1 4 ? 4.427  0.942  -3.140 1.00 0.00 ? 4 TYR P HB3  3  
ATOM 308  H HD1  . TYR A 1 4 ? 2.078  2.654  -5.463 1.00 0.00 ? 4 TYR P HD1  3  
ATOM 309  H HD2  . TYR A 1 4 ? 3.668  -1.087 -4.082 1.00 0.00 ? 4 TYR P HD2  3  
ATOM 310  H HE1  . TYR A 1 4 ? 0.934  1.484  -7.330 1.00 0.00 ? 4 TYR P HE1  3  
ATOM 311  H HE2  . TYR A 1 4 ? 2.525  -2.261 -5.948 1.00 0.00 ? 4 TYR P HE2  3  
ATOM 312  H HH   . TYR A 1 4 ? 1.354  -0.759 -8.621 1.00 0.00 ? 4 TYR P HH   3  
ATOM 313  N N    . ILE A 1 5 ? 1.086  0.185  -1.903 1.00 0.00 ? 5 ILE P N    3  
ATOM 314  C CA   . ILE A 1 5 ? -0.171 -0.638 -1.884 1.00 0.00 ? 5 ILE P CA   3  
ATOM 315  C C    . ILE A 1 5 ? -1.405 0.187  -2.288 1.00 0.00 ? 5 ILE P C    3  
ATOM 316  O O    . ILE A 1 5 ? -2.110 0.729  -1.459 1.00 0.00 ? 5 ILE P O    3  
ATOM 317  C CB   . ILE A 1 5 ? -0.256 -1.124 -0.406 1.00 0.00 ? 5 ILE P CB   3  
ATOM 318  C CG1  . ILE A 1 5 ? -0.537 0.050  0.545  1.00 0.00 ? 5 ILE P CG1  3  
ATOM 319  C CG2  . ILE A 1 5 ? 1.066  -1.804 -0.007 1.00 0.00 ? 5 ILE P CG2  3  
ATOM 320  C CD1  . ILE A 1 5 ? 0.188  1.315  0.106  1.00 0.00 ? 5 ILE P CD1  3  
ATOM 321  H HA   . ILE A 1 5 ? -0.066 -1.489 -2.536 1.00 0.00 ? 5 ILE P HA   3  
ATOM 322  H HB   . ILE A 1 5 ? -1.050 -1.845 -0.289 1.00 0.00 ? 5 ILE P HB   3  
ATOM 323  H HG12 . ILE A 1 5 ? -1.596 0.243  0.566  1.00 0.00 ? 5 ILE P HG12 3  
ATOM 324  H HG13 . ILE A 1 5 ? -0.200 -0.220 1.530  1.00 0.00 ? 5 ILE P HG13 3  
ATOM 325  H HG21 . ILE A 1 5 ? 1.688  -1.936 -0.883 1.00 0.00 ? 5 ILE P HG21 3  
ATOM 326  H HG22 . ILE A 1 5 ? 0.864  -2.768 0.433  1.00 0.00 ? 5 ILE P HG22 3  
ATOM 327  H HG23 . ILE A 1 5 ? 1.589  -1.195 0.708  1.00 0.00 ? 5 ILE P HG23 3  
ATOM 328  H HD11 . ILE A 1 5 ? 1.206  1.068  -0.113 1.00 0.00 ? 5 ILE P HD11 3  
ATOM 329  H HD12 . ILE A 1 5 ? 0.162  2.041  0.901  1.00 0.00 ? 5 ILE P HD12 3  
ATOM 330  H HD13 . ILE A 1 5 ? -0.280 1.720  -0.775 1.00 0.00 ? 5 ILE P HD13 3  
ATOM 331  N N    . HIS A 1 6 ? -1.672 0.280  -3.564 1.00 0.00 ? 6 HIS P N    3  
ATOM 332  C CA   . HIS A 1 6 ? -2.854 1.062  -4.029 1.00 0.00 ? 6 HIS P CA   3  
ATOM 333  C C    . HIS A 1 6 ? -4.148 0.306  -3.706 1.00 0.00 ? 6 HIS P C    3  
ATOM 334  O O    . HIS A 1 6 ? -4.114 -0.864 -3.378 1.00 0.00 ? 6 HIS P O    3  
ATOM 335  C CB   . HIS A 1 6 ? -2.674 1.197  -5.541 1.00 0.00 ? 6 HIS P CB   3  
ATOM 336  C CG   . HIS A 1 6 ? -2.074 2.538  -5.862 1.00 0.00 ? 6 HIS P CG   3  
ATOM 337  N ND1  . HIS A 1 6 ? -1.262 3.218  -4.966 1.00 0.00 ? 6 HIS P ND1  3  
ATOM 338  C CD2  . HIS A 1 6 ? -2.157 3.339  -6.973 1.00 0.00 ? 6 HIS P CD2  3  
ATOM 339  C CE1  . HIS A 1 6 ? -0.893 4.373  -5.550 1.00 0.00 ? 6 HIS P CE1  3  
ATOM 340  N NE2  . HIS A 1 6 ? -1.412 4.498  -6.774 1.00 0.00 ? 6 HIS P NE2  3  
ATOM 341  H HA   . HIS A 1 6 ? -2.864 2.039  -3.570 1.00 0.00 ? 6 HIS P HA   3  
ATOM 342  H HB2  . HIS A 1 6 ? -2.018 0.414  -5.895 1.00 0.00 ? 6 HIS P HB2  3  
ATOM 343  H HB3  . HIS A 1 6 ? -3.633 1.107  -6.028 1.00 0.00 ? 6 HIS P HB3  3  
ATOM 344  H HD2  . HIS A 1 6 ? -2.717 3.105  -7.868 1.00 0.00 ? 6 HIS P HD2  3  
ATOM 345  H HE1  . HIS A 1 6 ? -0.256 5.110  -5.083 1.00 0.00 ? 6 HIS P HE1  3  
ATOM 346  N N    . PRO A 1 7 ? -5.254 1.001  -3.811 1.00 0.00 ? 7 PRO P N    3  
ATOM 347  C CA   . PRO A 1 7 ? -6.569 0.380  -3.524 1.00 0.00 ? 7 PRO P CA   3  
ATOM 348  C C    . PRO A 1 7 ? -6.962 -0.582 -4.649 1.00 0.00 ? 7 PRO P C    3  
ATOM 349  O O    . PRO A 1 7 ? -7.189 -1.745 -4.356 1.00 0.00 ? 7 PRO P O    3  
ATOM 350  C CB   . PRO A 1 7 ? -7.524 1.570  -3.469 1.00 0.00 ? 7 PRO P CB   3  
ATOM 351  C CG   . PRO A 1 7 ? -6.869 2.630  -4.294 1.00 0.00 ? 7 PRO P CG   3  
ATOM 352  C CD   . PRO A 1 7 ? -5.381 2.412  -4.199 1.00 0.00 ? 7 PRO P CD   3  
ATOM 353  O OXT  . PRO A 1 7 ? -7.031 -0.139 -5.784 1.00 0.00 ? 7 PRO P OXT  3  
ATOM 354  H HA   . PRO A 1 7 ? -6.555 -0.127 -2.574 1.00 0.00 ? 7 PRO P HA   3  
ATOM 355  H HB2  . PRO A 1 7 ? -8.483 1.300  -3.888 1.00 0.00 ? 7 PRO P HB2  3  
ATOM 356  H HB3  . PRO A 1 7 ? -7.639 1.913  -2.451 1.00 0.00 ? 7 PRO P HB3  3  
ATOM 357  H HG2  . PRO A 1 7 ? -7.192 2.547  -5.324 1.00 0.00 ? 7 PRO P HG2  3  
ATOM 358  H HG3  . PRO A 1 7 ? -7.118 3.607  -3.906 1.00 0.00 ? 7 PRO P HG3  3  
ATOM 359  H HD2  . PRO A 1 7 ? -4.912 2.589  -5.159 1.00 0.00 ? 7 PRO P HD2  3  
ATOM 360  H HD3  . PRO A 1 7 ? -4.952 3.048  -3.440 1.00 0.00 ? 7 PRO P HD3  3  
ATOM 361  N N    . ASP A 1 1 ? 3.084  -3.550 7.162  1.00 0.00 ? 1 ASP P N    4  
ATOM 362  C CA   . ASP A 1 1 ? 2.359  -2.252 7.029  1.00 0.00 ? 1 ASP P CA   4  
ATOM 363  C C    . ASP A 1 1 ? 2.182  -1.895 5.552  1.00 0.00 ? 1 ASP P C    4  
ATOM 364  O O    . ASP A 1 1 ? 2.745  -2.525 4.678  1.00 0.00 ? 1 ASP P O    4  
ATOM 365  C CB   . ASP A 1 1 ? 3.255  -1.225 7.725  1.00 0.00 ? 1 ASP P CB   4  
ATOM 366  C CG   . ASP A 1 1 ? 2.777  -1.020 9.163  1.00 0.00 ? 1 ASP P CG   4  
ATOM 367  O OD1  . ASP A 1 1 ? 1.593  -0.786 9.345  1.00 0.00 ? 1 ASP P OD1  4  
ATOM 368  O OD2  . ASP A 1 1 ? 3.602  -1.100 10.057 1.00 0.00 ? 1 ASP P OD2  4  
ATOM 369  H H1   . ASP A 1 1 ? 4.065  -3.434 6.838  1.00 0.00 ? 1 ASP P H1   4  
ATOM 370  H H2   . ASP A 1 1 ? 2.609  -4.270 6.582  1.00 0.00 ? 1 ASP P H2   4  
ATOM 371  H H3   . ASP A 1 1 ? 3.083  -3.846 8.157  1.00 0.00 ? 1 ASP P H3   4  
ATOM 372  H HA   . ASP A 1 1 ? 1.402  -2.301 7.523  1.00 0.00 ? 1 ASP P HA   4  
ATOM 373  H HB2  . ASP A 1 1 ? 4.274  -1.584 7.730  1.00 0.00 ? 1 ASP P HB2  4  
ATOM 374  H HB3  . ASP A 1 1 ? 3.205  -0.286 7.193  1.00 0.00 ? 1 ASP P HB3  4  
ATOM 375  N N    . ARG A 1 2 ? 1.401  -0.886 5.266  1.00 0.00 ? 2 ARG P N    4  
ATOM 376  C CA   . ARG A 1 2 ? 1.184  -0.484 3.847  1.00 0.00 ? 2 ARG P CA   4  
ATOM 377  C C    . ARG A 1 2 ? 2.517  -0.128 3.175  1.00 0.00 ? 2 ARG P C    4  
ATOM 378  O O    . ARG A 1 2 ? 3.585  -0.260 3.740  1.00 0.00 ? 2 ARG P O    4  
ATOM 379  C CB   . ARG A 1 2 ? 0.251  0.725  3.912  1.00 0.00 ? 2 ARG P CB   4  
ATOM 380  C CG   . ARG A 1 2 ? -1.157 0.266  4.322  1.00 0.00 ? 2 ARG P CG   4  
ATOM 381  C CD   . ARG A 1 2 ? -1.750 -0.681 3.262  1.00 0.00 ? 2 ARG P CD   4  
ATOM 382  N NE   . ARG A 1 2 ? -2.795 -1.457 3.984  1.00 0.00 ? 2 ARG P NE   4  
ATOM 383  C CZ   . ARG A 1 2 ? -3.261 -2.562 3.468  1.00 0.00 ? 2 ARG P CZ   4  
ATOM 384  N NH1  . ARG A 1 2 ? -3.746 -2.562 2.257  1.00 0.00 ? 2 ARG P NH1  4  
ATOM 385  N NH2  . ARG A 1 2 ? -3.241 -3.667 4.163  1.00 0.00 ? 2 ARG P NH2  4  
ATOM 386  H HA   . ARG A 1 2 ? 0.698  -1.283 3.292  1.00 0.00 ? 2 ARG P HA   4  
ATOM 387  H HB2  . ARG A 1 2 ? 0.628  1.428  4.640  1.00 0.00 ? 2 ARG P HB2  4  
ATOM 388  H HB3  . ARG A 1 2 ? 0.207  1.199  2.944  1.00 0.00 ? 2 ARG P HB3  4  
ATOM 389  H HG2  . ARG A 1 2 ? -1.101 -0.251 5.270  1.00 0.00 ? 2 ARG P HG2  4  
ATOM 390  H HG3  . ARG A 1 2 ? -1.797 1.129  4.425  1.00 0.00 ? 2 ARG P HG3  4  
ATOM 391  H HD2  . ARG A 1 2 ? -2.194 -0.113 2.453  1.00 0.00 ? 2 ARG P HD2  4  
ATOM 392  H HD3  . ARG A 1 2 ? -0.995 -1.351 2.876  1.00 0.00 ? 2 ARG P HD3  4  
ATOM 393  H HE   . ARG A 1 2 ? -3.133 -1.139 4.848  1.00 0.00 ? 2 ARG P HE   4  
ATOM 394  H HH11 . ARG A 1 2 ? -3.761 -1.716 1.724  1.00 0.00 ? 2 ARG P HH11 4  
ATOM 395  H HH12 . ARG A 1 2 ? -4.103 -3.409 1.862  1.00 0.00 ? 2 ARG P HH12 4  
ATOM 396  H HH21 . ARG A 1 2 ? -2.868 -3.666 5.091  1.00 0.00 ? 2 ARG P HH21 4  
ATOM 397  H HH22 . ARG A 1 2 ? -3.596 -4.513 3.767  1.00 0.00 ? 2 ARG P HH22 4  
ATOM 398  N N    . VAL A 1 3 ? 2.427  0.269  1.945  1.00 0.00 ? 3 VAL P N    4  
ATOM 399  C CA   . VAL A 1 3 ? 3.610  0.602  1.093  1.00 0.00 ? 3 VAL P CA   4  
ATOM 400  C C    . VAL A 1 3 ? 3.111  1.533  -0.014 1.00 0.00 ? 3 VAL P C    4  
ATOM 401  O O    . VAL A 1 3 ? 2.567  2.593  0.236  1.00 0.00 ? 3 VAL P O    4  
ATOM 402  C CB   . VAL A 1 3 ? 3.985  -0.760 0.489  1.00 0.00 ? 3 VAL P CB   4  
ATOM 403  C CG1  . VAL A 1 3 ? 5.317  -0.657 -0.250 1.00 0.00 ? 3 VAL P CG1  4  
ATOM 404  C CG2  . VAL A 1 3 ? 4.090  -1.843 1.570  1.00 0.00 ? 3 VAL P CG2  4  
ATOM 405  H HA   . VAL A 1 3 ? 4.420  1.024  1.635  1.00 0.00 ? 3 VAL P HA   4  
ATOM 406  H HB   . VAL A 1 3 ? 3.207  -1.036 -0.210 1.00 0.00 ? 3 VAL P HB   4  
ATOM 407  H HG11 . VAL A 1 3 ? 6.118  -0.942 0.412  1.00 0.00 ? 3 VAL P HG11 4  
ATOM 408  H HG12 . VAL A 1 3 ? 5.464  0.360  -0.582 1.00 0.00 ? 3 VAL P HG12 4  
ATOM 409  H HG13 . VAL A 1 3 ? 5.302  -1.316 -1.105 1.00 0.00 ? 3 VAL P HG13 4  
ATOM 410  H HG21 . VAL A 1 3 ? 3.099  -2.096 1.922  1.00 0.00 ? 3 VAL P HG21 4  
ATOM 411  H HG22 . VAL A 1 3 ? 4.683  -1.478 2.393  1.00 0.00 ? 3 VAL P HG22 4  
ATOM 412  H HG23 . VAL A 1 3 ? 4.555  -2.723 1.152  1.00 0.00 ? 3 VAL P HG23 4  
ATOM 413  N N    . TYR A 1 4 ? 3.196  1.073  -1.223 1.00 0.00 ? 4 TYR P N    4  
ATOM 414  C CA   . TYR A 1 4 ? 2.625  1.804  -2.377 1.00 0.00 ? 4 TYR P CA   4  
ATOM 415  C C    . TYR A 1 4 ? 1.223  1.214  -2.576 1.00 0.00 ? 4 TYR P C    4  
ATOM 416  O O    . TYR A 1 4 ? 0.397  1.686  -3.329 1.00 0.00 ? 4 TYR P O    4  
ATOM 417  C CB   . TYR A 1 4 ? 3.566  1.468  -3.529 1.00 0.00 ? 4 TYR P CB   4  
ATOM 418  C CG   . TYR A 1 4 ? 2.817  0.780  -4.645 1.00 0.00 ? 4 TYR P CG   4  
ATOM 419  C CD1  . TYR A 1 4 ? 2.649  -0.611 -4.619 1.00 0.00 ? 4 TYR P CD1  4  
ATOM 420  C CD2  . TYR A 1 4 ? 2.293  1.530  -5.698 1.00 0.00 ? 4 TYR P CD2  4  
ATOM 421  C CE1  . TYR A 1 4 ? 1.955  -1.248 -5.652 1.00 0.00 ? 4 TYR P CE1  4  
ATOM 422  C CE2  . TYR A 1 4 ? 1.598  0.894  -6.733 1.00 0.00 ? 4 TYR P CE2  4  
ATOM 423  C CZ   . TYR A 1 4 ? 1.430  -0.497 -6.711 1.00 0.00 ? 4 TYR P CZ   4  
ATOM 424  O OH   . TYR A 1 4 ? 0.745  -1.125 -7.730 1.00 0.00 ? 4 TYR P OH   4  
ATOM 425  H HA   . TYR A 1 4 ? 2.582  2.848  -2.183 1.00 0.00 ? 4 TYR P HA   4  
ATOM 426  H HB2  . TYR A 1 4 ? 4.009  2.372  -3.898 1.00 0.00 ? 4 TYR P HB2  4  
ATOM 427  H HB3  . TYR A 1 4 ? 4.338  0.806  -3.163 1.00 0.00 ? 4 TYR P HB3  4  
ATOM 428  H HD1  . TYR A 1 4 ? 3.056  -1.189 -3.798 1.00 0.00 ? 4 TYR P HD1  4  
ATOM 429  H HD2  . TYR A 1 4 ? 2.425  2.603  -5.711 1.00 0.00 ? 4 TYR P HD2  4  
ATOM 430  H HE1  . TYR A 1 4 ? 1.824  -2.320 -5.634 1.00 0.00 ? 4 TYR P HE1  4  
ATOM 431  H HE2  . TYR A 1 4 ? 1.193  1.475  -7.550 1.00 0.00 ? 4 TYR P HE2  4  
ATOM 432  H HH   . TYR A 1 4 ? 1.355  -1.257 -8.460 1.00 0.00 ? 4 TYR P HH   4  
ATOM 433  N N    . ILE A 1 5 ? 1.012  0.174  -1.826 1.00 0.00 ? 5 ILE P N    4  
ATOM 434  C CA   . ILE A 1 5 ? -0.270 -0.608 -1.767 1.00 0.00 ? 5 ILE P CA   4  
ATOM 435  C C    . ILE A 1 5 ? -1.487 0.255  -2.142 1.00 0.00 ? 5 ILE P C    4  
ATOM 436  O O    . ILE A 1 5 ? -2.148 0.828  -1.299 1.00 0.00 ? 5 ILE P O    4  
ATOM 437  C CB   . ILE A 1 5 ? -0.330 -1.081 -0.283 1.00 0.00 ? 5 ILE P CB   4  
ATOM 438  C CG1  . ILE A 1 5 ? -0.544 0.109  0.666  1.00 0.00 ? 5 ILE P CG1  4  
ATOM 439  C CG2  . ILE A 1 5 ? 0.978  -1.805 0.085  1.00 0.00 ? 5 ILE P CG2  4  
ATOM 440  C CD1  . ILE A 1 5 ? 0.210  1.346  0.196  1.00 0.00 ? 5 ILE P CD1  4  
ATOM 441  H HA   . ILE A 1 5 ? -0.211 -1.468 -2.413 1.00 0.00 ? 5 ILE P HA   4  
ATOM 442  H HB   . ILE A 1 5 ? -1.145 -1.773 -0.139 1.00 0.00 ? 5 ILE P HB   4  
ATOM 443  H HG12 . ILE A 1 5 ? -1.595 0.338  0.717  1.00 0.00 ? 5 ILE P HG12 4  
ATOM 444  H HG13 . ILE A 1 5 ? -0.187 -0.165 1.644  1.00 0.00 ? 5 ILE P HG13 4  
ATOM 445  H HG21 . ILE A 1 5 ? 1.571  -1.961 -0.807 1.00 0.00 ? 5 ILE P HG21 4  
ATOM 446  H HG22 . ILE A 1 5 ? 0.754  -2.758 0.535  1.00 0.00 ? 5 ILE P HG22 4  
ATOM 447  H HG23 . ILE A 1 5 ? 1.541  -1.209 0.782  1.00 0.00 ? 5 ILE P HG23 4  
ATOM 448  H HD11 . ILE A 1 5 ? 1.213  1.064  -0.049 1.00 0.00 ? 5 ILE P HD11 4  
ATOM 449  H HD12 . ILE A 1 5 ? 0.229  2.079  0.986  1.00 0.00 ? 5 ILE P HD12 4  
ATOM 450  H HD13 . ILE A 1 5 ? -0.268 1.759  -0.674 1.00 0.00 ? 5 ILE P HD13 4  
ATOM 451  N N    . HIS A 1 6 ? -1.788 0.343  -3.411 1.00 0.00 ? 6 HIS P N    4  
ATOM 452  C CA   . HIS A 1 6 ? -2.958 1.160  -3.849 1.00 0.00 ? 6 HIS P CA   4  
ATOM 453  C C    . HIS A 1 6 ? -4.218 0.289  -3.911 1.00 0.00 ? 6 HIS P C    4  
ATOM 454  O O    . HIS A 1 6 ? -4.130 -0.914 -4.058 1.00 0.00 ? 6 HIS P O    4  
ATOM 455  C CB   . HIS A 1 6 ? -2.585 1.670  -5.244 1.00 0.00 ? 6 HIS P CB   4  
ATOM 456  C CG   . HIS A 1 6 ? -2.744 3.166  -5.295 1.00 0.00 ? 6 HIS P CG   4  
ATOM 457  N ND1  . HIS A 1 6 ? -2.419 3.981  -4.222 1.00 0.00 ? 6 HIS P ND1  4  
ATOM 458  C CD2  . HIS A 1 6 ? -3.193 4.007  -6.282 1.00 0.00 ? 6 HIS P CD2  4  
ATOM 459  C CE1  . HIS A 1 6 ? -2.674 5.251  -4.586 1.00 0.00 ? 6 HIS P CE1  4  
ATOM 460  N NE2  . HIS A 1 6 ? -3.148 5.324  -5.832 1.00 0.00 ? 6 HIS P NE2  4  
ATOM 461  H HA   . HIS A 1 6 ? -3.107 1.992  -3.178 1.00 0.00 ? 6 HIS P HA   4  
ATOM 462  H HB2  . HIS A 1 6 ? -1.559 1.411  -5.460 1.00 0.00 ? 6 HIS P HB2  4  
ATOM 463  H HB3  . HIS A 1 6 ? -3.232 1.216  -5.980 1.00 0.00 ? 6 HIS P HB3  4  
ATOM 464  H HD2  . HIS A 1 6 ? -3.532 3.696  -7.260 1.00 0.00 ? 6 HIS P HD2  4  
ATOM 465  H HE1  . HIS A 1 6 ? -2.514 6.107  -3.947 1.00 0.00 ? 6 HIS P HE1  4  
ATOM 466  N N    . PRO A 1 7 ? -5.356 0.926  -3.799 1.00 0.00 ? 7 PRO P N    4  
ATOM 467  C CA   . PRO A 1 7 ? -6.643 0.191  -3.844 1.00 0.00 ? 7 PRO P CA   4  
ATOM 468  C C    . PRO A 1 7 ? -6.946 -0.268 -5.273 1.00 0.00 ? 7 PRO P C    4  
ATOM 469  O O    . PRO A 1 7 ? -8.015 -0.819 -5.484 1.00 0.00 ? 7 PRO P O    4  
ATOM 470  C CB   . PRO A 1 7 ? -7.664 1.226  -3.378 1.00 0.00 ? 7 PRO P CB   4  
ATOM 471  C CG   . PRO A 1 7 ? -7.046 2.551  -3.693 1.00 0.00 ? 7 PRO P CG   4  
ATOM 472  C CD   . PRO A 1 7 ? -5.552 2.372  -3.619 1.00 0.00 ? 7 PRO P CD   4  
ATOM 473  O OXT  . PRO A 1 7 ? -6.105 -0.064 -6.132 1.00 0.00 ? 7 PRO P OXT  4  
ATOM 474  H HA   . PRO A 1 7 ? -6.630 -0.647 -3.166 1.00 0.00 ? 7 PRO P HA   4  
ATOM 475  H HB2  . PRO A 1 7 ? -8.594 1.104  -3.918 1.00 0.00 ? 7 PRO P HB2  4  
ATOM 476  H HB3  . PRO A 1 7 ? -7.831 1.140  -2.315 1.00 0.00 ? 7 PRO P HB3  4  
ATOM 477  H HG2  . PRO A 1 7 ? -7.333 2.865  -4.685 1.00 0.00 ? 7 PRO P HG2  4  
ATOM 478  H HG3  . PRO A 1 7 ? -7.358 3.285  -2.967 1.00 0.00 ? 7 PRO P HG3  4  
ATOM 479  H HD2  . PRO A 1 7 ? -5.066 2.924  -4.413 1.00 0.00 ? 7 PRO P HD2  4  
ATOM 480  H HD3  . PRO A 1 7 ? -5.179 2.680  -2.654 1.00 0.00 ? 7 PRO P HD3  4  
ATOM 481  N N    . ASP A 1 1 ? 2.968  -3.596 7.161  1.00 0.00 ? 1 ASP P N    5  
ATOM 482  C CA   . ASP A 1 1 ? 2.383  -2.229 7.038  1.00 0.00 ? 1 ASP P CA   5  
ATOM 483  C C    . ASP A 1 1 ? 2.183  -1.871 5.563  1.00 0.00 ? 1 ASP P C    5  
ATOM 484  O O    . ASP A 1 1 ? 2.673  -2.545 4.679  1.00 0.00 ? 1 ASP P O    5  
ATOM 485  C CB   . ASP A 1 1 ? 3.408  -1.295 7.687  1.00 0.00 ? 1 ASP P CB   5  
ATOM 486  C CG   . ASP A 1 1 ? 4.756  -1.431 6.973  1.00 0.00 ? 1 ASP P CG   5  
ATOM 487  O OD1  . ASP A 1 1 ? 4.846  -1.000 5.835  1.00 0.00 ? 1 ASP P OD1  5  
ATOM 488  O OD2  . ASP A 1 1 ? 5.673  -1.961 7.578  1.00 0.00 ? 1 ASP P OD2  5  
ATOM 489  H H1   . ASP A 1 1 ? 3.288  -3.750 8.139  1.00 0.00 ? 1 ASP P H1   5  
ATOM 490  H H2   . ASP A 1 1 ? 3.777  -3.687 6.513  1.00 0.00 ? 1 ASP P H2   5  
ATOM 491  H H3   . ASP A 1 1 ? 2.248  -4.305 6.920  1.00 0.00 ? 1 ASP P H3   5  
ATOM 492  H HA   . ASP A 1 1 ? 1.445  -2.172 7.570  1.00 0.00 ? 1 ASP P HA   5  
ATOM 493  H HB2  . ASP A 1 1 ? 3.061  -0.275 7.613  1.00 0.00 ? 1 ASP P HB2  5  
ATOM 494  H HB3  . ASP A 1 1 ? 3.526  -1.559 8.728  1.00 0.00 ? 1 ASP P HB3  5  
ATOM 495  N N    . ARG A 1 2 ? 1.465  -0.812 5.293  1.00 0.00 ? 2 ARG P N    5  
ATOM 496  C CA   . ARG A 1 2 ? 1.229  -0.406 3.878  1.00 0.00 ? 2 ARG P CA   5  
ATOM 497  C C    . ARG A 1 2 ? 2.562  -0.157 3.155  1.00 0.00 ? 2 ARG P C    5  
ATOM 498  O O    . ARG A 1 2 ? 3.635  -0.364 3.685  1.00 0.00 ? 2 ARG P O    5  
ATOM 499  C CB   . ARG A 1 2 ? 0.394  0.870  3.962  1.00 0.00 ? 2 ARG P CB   5  
ATOM 500  C CG   . ARG A 1 2 ? -1.029 0.521  4.429  1.00 0.00 ? 2 ARG P CG   5  
ATOM 501  C CD   . ARG A 1 2 ? -1.731 -0.385 3.401  1.00 0.00 ? 2 ARG P CD   5  
ATOM 502  N NE   . ARG A 1 2 ? -2.812 -1.064 4.168  1.00 0.00 ? 2 ARG P NE   5  
ATOM 503  C CZ   . ARG A 1 2 ? -4.007 -1.172 3.656  1.00 0.00 ? 2 ARG P CZ   5  
ATOM 504  N NH1  . ARG A 1 2 ? -4.198 -1.913 2.599  1.00 0.00 ? 2 ARG P NH1  5  
ATOM 505  N NH2  . ARG A 1 2 ? -5.010 -0.539 4.198  1.00 0.00 ? 2 ARG P NH2  5  
ATOM 506  H HA   . ARG A 1 2 ? 0.665  -1.170 3.349  1.00 0.00 ? 2 ARG P HA   5  
ATOM 507  H HB2  . ARG A 1 2 ? 0.849  1.549  4.668  1.00 0.00 ? 2 ARG P HB2  5  
ATOM 508  H HB3  . ARG A 1 2 ? 0.348  1.336  2.990  1.00 0.00 ? 2 ARG P HB3  5  
ATOM 509  H HG2  . ARG A 1 2 ? -0.975 0.008  5.379  1.00 0.00 ? 2 ARG P HG2  5  
ATOM 510  H HG3  . ARG A 1 2 ? -1.598 1.431  4.548  1.00 0.00 ? 2 ARG P HG3  5  
ATOM 511  H HD2  . ARG A 1 2 ? -2.154 0.209  2.600  1.00 0.00 ? 2 ARG P HD2  5  
ATOM 512  H HD3  . ARG A 1 2 ? -1.047 -1.119 3.001  1.00 0.00 ? 2 ARG P HD3  5  
ATOM 513  H HE   . ARG A 1 2 ? -2.625 -1.430 5.058  1.00 0.00 ? 2 ARG P HE   5  
ATOM 514  H HH11 . ARG A 1 2 ? -3.429 -2.398 2.182  1.00 0.00 ? 2 ARG P HH11 5  
ATOM 515  H HH12 . ARG A 1 2 ? -5.114 -1.997 2.205  1.00 0.00 ? 2 ARG P HH12 5  
ATOM 516  H HH21 . ARG A 1 2 ? -4.863 0.029  5.008  1.00 0.00 ? 2 ARG P HH21 5  
ATOM 517  H HH22 . ARG A 1 2 ? -5.926 -0.623 3.806  1.00 0.00 ? 2 ARG P HH22 5  
ATOM 518  N N    . VAL A 1 3 ? 2.457  0.233  1.924  1.00 0.00 ? 3 VAL P N    5  
ATOM 519  C CA   . VAL A 1 3 ? 3.631  0.468  1.026  1.00 0.00 ? 3 VAL P CA   5  
ATOM 520  C C    . VAL A 1 3 ? 3.162  1.424  -0.073 1.00 0.00 ? 3 VAL P C    5  
ATOM 521  O O    . VAL A 1 3 ? 2.710  2.524  0.182  1.00 0.00 ? 3 VAL P O    5  
ATOM 522  C CB   . VAL A 1 3 ? 3.881  -0.926 0.427  1.00 0.00 ? 3 VAL P CB   5  
ATOM 523  C CG1  . VAL A 1 3 ? 5.188  -0.929 -0.361 1.00 0.00 ? 3 VAL P CG1  5  
ATOM 524  C CG2  . VAL A 1 3 ? 3.945  -2.001 1.517  1.00 0.00 ? 3 VAL P CG2  5  
ATOM 525  H HA   . VAL A 1 3 ? 4.487  0.833  1.534  1.00 0.00 ? 3 VAL P HA   5  
ATOM 526  H HB   . VAL A 1 3 ? 3.059  -1.149 -0.242 1.00 0.00 ? 3 VAL P HB   5  
ATOM 527  H HG11 . VAL A 1 3 ? 5.104  -1.617 -1.190 1.00 0.00 ? 3 VAL P HG11 5  
ATOM 528  H HG12 . VAL A 1 3 ? 5.995  -1.238 0.285  1.00 0.00 ? 3 VAL P HG12 5  
ATOM 529  H HG13 . VAL A 1 3 ? 5.383  0.065  -0.736 1.00 0.00 ? 3 VAL P HG13 5  
ATOM 530  H HG21 . VAL A 1 3 ? 4.330  -2.916 1.095  1.00 0.00 ? 3 VAL P HG21 5  
ATOM 531  H HG22 . VAL A 1 3 ? 2.952  -2.177 1.906  1.00 0.00 ? 3 VAL P HG22 5  
ATOM 532  H HG23 . VAL A 1 3 ? 4.590  -1.672 2.314  1.00 0.00 ? 3 VAL P HG23 5  
ATOM 533  N N    . TYR A 1 4 ? 3.168  0.946  -1.280 1.00 0.00 ? 4 TYR P N    5  
ATOM 534  C CA   . TYR A 1 4 ? 2.613  1.707  -2.422 1.00 0.00 ? 4 TYR P CA   5  
ATOM 535  C C    . TYR A 1 4 ? 1.163  1.225  -2.562 1.00 0.00 ? 4 TYR P C    5  
ATOM 536  O O    . TYR A 1 4 ? 0.347  1.753  -3.290 1.00 0.00 ? 4 TYR P O    5  
ATOM 537  C CB   . TYR A 1 4 ? 3.482  1.287  -3.604 1.00 0.00 ? 4 TYR P CB   5  
ATOM 538  C CG   . TYR A 1 4 ? 2.641  0.645  -4.680 1.00 0.00 ? 4 TYR P CG   5  
ATOM 539  C CD1  . TYR A 1 4 ? 1.966  1.445  -5.605 1.00 0.00 ? 4 TYR P CD1  5  
ATOM 540  C CD2  . TYR A 1 4 ? 2.537  -0.748 -4.747 1.00 0.00 ? 4 TYR P CD2  5  
ATOM 541  C CE1  . TYR A 1 4 ? 1.185  0.851  -6.605 1.00 0.00 ? 4 TYR P CE1  5  
ATOM 542  C CE2  . TYR A 1 4 ? 1.757  -1.344 -5.745 1.00 0.00 ? 4 TYR P CE2  5  
ATOM 543  C CZ   . TYR A 1 4 ? 1.081  -0.543 -6.675 1.00 0.00 ? 4 TYR P CZ   5  
ATOM 544  O OH   . TYR A 1 4 ? 0.311  -1.129 -7.659 1.00 0.00 ? 4 TYR P OH   5  
ATOM 545  H HA   . TYR A 1 4 ? 2.656  2.752  -2.239 1.00 0.00 ? 4 TYR P HA   5  
ATOM 546  H HB2  . TYR A 1 4 ? 3.977  2.152  -4.001 1.00 0.00 ? 4 TYR P HB2  5  
ATOM 547  H HB3  . TYR A 1 4 ? 4.215  0.574  -3.257 1.00 0.00 ? 4 TYR P HB3  5  
ATOM 548  H HD1  . TYR A 1 4 ? 2.048  2.520  -5.548 1.00 0.00 ? 4 TYR P HD1  5  
ATOM 549  H HD2  . TYR A 1 4 ? 3.059  -1.364 -4.026 1.00 0.00 ? 4 TYR P HD2  5  
ATOM 550  H HE1  . TYR A 1 4 ? 0.664  1.469  -7.321 1.00 0.00 ? 4 TYR P HE1  5  
ATOM 551  H HE2  . TYR A 1 4 ? 1.677  -2.419 -5.798 1.00 0.00 ? 4 TYR P HE2  5  
ATOM 552  H HH   . TYR A 1 4 ? -0.575 -1.247 -7.312 1.00 0.00 ? 4 TYR P HH   5  
ATOM 553  N N    . ILE A 1 5 ? 0.903  0.209  -1.794 1.00 0.00 ? 5 ILE P N    5  
ATOM 554  C CA   . ILE A 1 5 ? -0.432 -0.473 -1.678 1.00 0.00 ? 5 ILE P CA   5  
ATOM 555  C C    . ILE A 1 5 ? -1.594 0.478  -2.020 1.00 0.00 ? 5 ILE P C    5  
ATOM 556  O O    . ILE A 1 5 ? -2.180 1.105  -1.159 1.00 0.00 ? 5 ILE P O    5  
ATOM 557  C CB   . ILE A 1 5 ? -0.473 -0.925 -0.189 1.00 0.00 ? 5 ILE P CB   5  
ATOM 558  C CG1  . ILE A 1 5 ? -0.562 0.286  0.753  1.00 0.00 ? 5 ILE P CG1  5  
ATOM 559  C CG2  . ILE A 1 5 ? 0.790  -1.742 0.141  1.00 0.00 ? 5 ILE P CG2  5  
ATOM 560  C CD1  . ILE A 1 5 ? 0.265  1.457  0.244  1.00 0.00 ? 5 ILE P CD1  5  
ATOM 561  H HA   . ILE A 1 5 ? -0.462 -1.339 -2.317 1.00 0.00 ? 5 ILE P HA   5  
ATOM 562  H HB   . ILE A 1 5 ? -1.332 -1.552 -0.007 1.00 0.00 ? 5 ILE P HB   5  
ATOM 563  H HG12 . ILE A 1 5 ? -1.589 0.593  0.839  1.00 0.00 ? 5 ILE P HG12 5  
ATOM 564  H HG13 . ILE A 1 5 ? -0.193 -0.006 1.722  1.00 0.00 ? 5 ILE P HG13 5  
ATOM 565  H HG21 . ILE A 1 5 ? 1.333  -1.955 -0.771 1.00 0.00 ? 5 ILE P HG21 5  
ATOM 566  H HG22 . ILE A 1 5 ? 0.512  -2.670 0.614  1.00 0.00 ? 5 ILE P HG22 5  
ATOM 567  H HG23 . ILE A 1 5 ? 1.425  -1.183 0.806  1.00 0.00 ? 5 ILE P HG23 5  
ATOM 568  H HD11 . ILE A 1 5 ? 1.235  1.098  -0.035 1.00 0.00 ? 5 ILE P HD11 5  
ATOM 569  H HD12 . ILE A 1 5 ? 0.370  2.193  1.024  1.00 0.00 ? 5 ILE P HD12 5  
ATOM 570  H HD13 . ILE A 1 5 ? -0.212 1.899  -0.614 1.00 0.00 ? 5 ILE P HD13 5  
ATOM 571  N N    . HIS A 1 6 ? -1.933 0.579  -3.277 1.00 0.00 ? 6 HIS P N    5  
ATOM 572  C CA   . HIS A 1 6 ? -3.054 1.478  -3.682 1.00 0.00 ? 6 HIS P CA   5  
ATOM 573  C C    . HIS A 1 6 ? -4.147 0.673  -4.395 1.00 0.00 ? 6 HIS P C    5  
ATOM 574  O O    . HIS A 1 6 ? -4.108 0.510  -5.599 1.00 0.00 ? 6 HIS P O    5  
ATOM 575  C CB   . HIS A 1 6 ? -2.424 2.490  -4.638 1.00 0.00 ? 6 HIS P CB   5  
ATOM 576  C CG   . HIS A 1 6 ? -3.418 3.578  -4.942 1.00 0.00 ? 6 HIS P CG   5  
ATOM 577  N ND1  . HIS A 1 6 ? -4.508 3.373  -5.772 1.00 0.00 ? 6 HIS P ND1  5  
ATOM 578  C CD2  . HIS A 1 6 ? -3.500 4.886  -4.532 1.00 0.00 ? 6 HIS P CD2  5  
ATOM 579  C CE1  . HIS A 1 6 ? -5.193 4.529  -5.837 1.00 0.00 ? 6 HIS P CE1  5  
ATOM 580  N NE2  . HIS A 1 6 ? -4.623 5.485  -5.100 1.00 0.00 ? 6 HIS P NE2  5  
ATOM 581  H HA   . HIS A 1 6 ? -3.460 1.985  -2.820 1.00 0.00 ? 6 HIS P HA   5  
ATOM 582  H HB2  . HIS A 1 6 ? -1.547 2.923  -4.177 1.00 0.00 ? 6 HIS P HB2  5  
ATOM 583  H HB3  . HIS A 1 6 ? -2.142 1.994  -5.554 1.00 0.00 ? 6 HIS P HB3  5  
ATOM 584  H HD2  . HIS A 1 6 ? -2.801 5.377  -3.873 1.00 0.00 ? 6 HIS P HD2  5  
ATOM 585  H HE1  . HIS A 1 6 ? -6.095 4.667  -6.415 1.00 0.00 ? 6 HIS P HE1  5  
ATOM 586  N N    . PRO A 1 7 ? -5.092 0.193  -3.626 1.00 0.00 ? 7 PRO P N    5  
ATOM 587  C CA   . PRO A 1 7 ? -6.204 -0.604 -4.200 1.00 0.00 ? 7 PRO P CA   5  
ATOM 588  C C    . PRO A 1 7 ? -7.167 0.301  -4.972 1.00 0.00 ? 7 PRO P C    5  
ATOM 589  O O    . PRO A 1 7 ? -7.618 1.280  -4.398 1.00 0.00 ? 7 PRO P O    5  
ATOM 590  C CB   . PRO A 1 7 ? -6.886 -1.205 -2.974 1.00 0.00 ? 7 PRO P CB   5  
ATOM 591  C CG   . PRO A 1 7 ? -6.552 -0.276 -1.850 1.00 0.00 ? 7 PRO P CG   5  
ATOM 592  C CD   . PRO A 1 7 ? -5.214 0.340  -2.168 1.00 0.00 ? 7 PRO P CD   5  
ATOM 593  O OXT  . PRO A 1 7 ? -7.437 0.001  -6.124 1.00 0.00 ? 7 PRO P OXT  5  
ATOM 594  H HA   . PRO A 1 7 ? -5.824 -1.389 -4.834 1.00 0.00 ? 7 PRO P HA   5  
ATOM 595  H HB2  . PRO A 1 7 ? -7.957 -1.247 -3.125 1.00 0.00 ? 7 PRO P HB2  5  
ATOM 596  H HB3  . PRO A 1 7 ? -6.494 -2.188 -2.769 1.00 0.00 ? 7 PRO P HB3  5  
ATOM 597  H HG2  . PRO A 1 7 ? -7.307 0.494  -1.772 1.00 0.00 ? 7 PRO P HG2  5  
ATOM 598  H HG3  . PRO A 1 7 ? -6.488 -0.825 -0.924 1.00 0.00 ? 7 PRO P HG3  5  
ATOM 599  H HD2  . PRO A 1 7 ? -5.205 1.386  -1.890 1.00 0.00 ? 7 PRO P HD2  5  
ATOM 600  H HD3  . PRO A 1 7 ? -4.420 -0.197 -1.673 1.00 0.00 ? 7 PRO P HD3  5  
ATOM 601  N N    . ASP A 1 1 ? 3.240  -3.331 7.153  1.00 0.00 ? 1 ASP P N    6  
ATOM 602  C CA   . ASP A 1 1 ? 2.158  -2.318 6.985  1.00 0.00 ? 1 ASP P CA   6  
ATOM 603  C C    . ASP A 1 1 ? 2.011  -1.940 5.509  1.00 0.00 ? 1 ASP P C    6  
ATOM 604  O O    . ASP A 1 1 ? 2.563  -2.582 4.637  1.00 0.00 ? 1 ASP P O    6  
ATOM 605  C CB   . ASP A 1 1 ? 2.616  -1.112 7.804  1.00 0.00 ? 1 ASP P CB   6  
ATOM 606  C CG   . ASP A 1 1 ? 2.102  -1.245 9.240  1.00 0.00 ? 1 ASP P CG   6  
ATOM 607  O OD1  . ASP A 1 1 ? 2.626  -2.079 9.961  1.00 0.00 ? 1 ASP P OD1  6  
ATOM 608  O OD2  . ASP A 1 1 ? 1.193  -0.512 9.594  1.00 0.00 ? 1 ASP P OD2  6  
ATOM 609  H H1   . ASP A 1 1 ? 2.945  -4.229 6.717  1.00 0.00 ? 1 ASP P H1   6  
ATOM 610  H H2   . ASP A 1 1 ? 3.421  -3.479 8.166  1.00 0.00 ? 1 ASP P H2   6  
ATOM 611  H H3   . ASP A 1 1 ? 4.106  -2.993 6.690  1.00 0.00 ? 1 ASP P H3   6  
ATOM 612  H HA   . ASP A 1 1 ? 1.224  -2.695 7.373  1.00 0.00 ? 1 ASP P HA   6  
ATOM 613  H HB2  . ASP A 1 1 ? 3.695  -1.069 7.811  1.00 0.00 ? 1 ASP P HB2  6  
ATOM 614  H HB3  . ASP A 1 1 ? 2.221  -0.208 7.367  1.00 0.00 ? 1 ASP P HB3  6  
ATOM 615  N N    . ARG A 1 2 ? 1.270  -0.904 5.222  1.00 0.00 ? 2 ARG P N    6  
ATOM 616  C CA   . ARG A 1 2 ? 1.085  -0.481 3.806  1.00 0.00 ? 2 ARG P CA   6  
ATOM 617  C C    . ARG A 1 2 ? 2.438  -0.182 3.146  1.00 0.00 ? 2 ARG P C    6  
ATOM 618  O O    . ARG A 1 2 ? 3.493  -0.366 3.720  1.00 0.00 ? 2 ARG P O    6  
ATOM 619  C CB   . ARG A 1 2 ? 0.209  0.770  3.872  1.00 0.00 ? 2 ARG P CB   6  
ATOM 620  C CG   . ARG A 1 2 ? -1.222 0.375  4.268  1.00 0.00 ? 2 ARG P CG   6  
ATOM 621  C CD   . ARG A 1 2 ? -1.848 -0.541 3.200  1.00 0.00 ? 2 ARG P CD   6  
ATOM 622  N NE   . ARG A 1 2 ? -2.931 -1.272 3.914  1.00 0.00 ? 2 ARG P NE   6  
ATOM 623  C CZ   . ARG A 1 2 ? -4.090 -1.443 3.340  1.00 0.00 ? 2 ARG P CZ   6  
ATOM 624  N NH1  . ARG A 1 2 ? -4.716 -0.425 2.814  1.00 0.00 ? 2 ARG P NH1  6  
ATOM 625  N NH2  . ARG A 1 2 ? -4.626 -2.633 3.294  1.00 0.00 ? 2 ARG P NH2  6  
ATOM 626  H HA   . ARG A 1 2 ? 0.566  -1.252 3.241  1.00 0.00 ? 2 ARG P HA   6  
ATOM 627  H HB2  . ARG A 1 2 ? 0.613  1.450  4.608  1.00 0.00 ? 2 ARG P HB2  6  
ATOM 628  H HB3  . ARG A 1 2 ? 0.194  1.252  2.907  1.00 0.00 ? 2 ARG P HB3  6  
ATOM 629  H HG2  . ARG A 1 2 ? -1.197 -0.147 5.214  1.00 0.00 ? 2 ARG P HG2  6  
ATOM 630  H HG3  . ARG A 1 2 ? -1.823 1.267  4.370  1.00 0.00 ? 2 ARG P HG3  6  
ATOM 631  H HD2  . ARG A 1 2 ? -2.263 0.050  2.392  1.00 0.00 ? 2 ARG P HD2  6  
ATOM 632  H HD3  . ARG A 1 2 ? -1.122 -1.242 2.817  1.00 0.00 ? 2 ARG P HD3  6  
ATOM 633  H HE   . ARG A 1 2 ? -2.774 -1.625 4.815  1.00 0.00 ? 2 ARG P HE   6  
ATOM 634  H HH11 . ARG A 1 2 ? -4.305 0.487  2.851  1.00 0.00 ? 2 ARG P HH11 6  
ATOM 635  H HH12 . ARG A 1 2 ? -5.604 -0.556 2.376  1.00 0.00 ? 2 ARG P HH12 6  
ATOM 636  H HH21 . ARG A 1 2 ? -4.147 -3.413 3.696  1.00 0.00 ? 2 ARG P HH21 6  
ATOM 637  H HH22 . ARG A 1 2 ? -5.515 -2.764 2.855  1.00 0.00 ? 2 ARG P HH22 6  
ATOM 638  N N    . VAL A 1 3 ? 2.376  0.224  1.918  1.00 0.00 ? 3 VAL P N    6  
ATOM 639  C CA   . VAL A 1 3 ? 3.580  0.506  1.076  1.00 0.00 ? 3 VAL P CA   6  
ATOM 640  C C    . VAL A 1 3 ? 3.132  1.466  -0.029 1.00 0.00 ? 3 VAL P C    6  
ATOM 641  O O    . VAL A 1 3 ? 2.639  2.549  0.224  1.00 0.00 ? 3 VAL P O    6  
ATOM 642  C CB   . VAL A 1 3 ? 3.896  -0.868 0.468  1.00 0.00 ? 3 VAL P CB   6  
ATOM 643  C CG1  . VAL A 1 3 ? 5.236  -0.823 -0.261 1.00 0.00 ? 3 VAL P CG1  6  
ATOM 644  C CG2  . VAL A 1 3 ? 3.942  -1.959 1.544  1.00 0.00 ? 3 VAL P CG2  6  
ATOM 645  H HA   . VAL A 1 3 ? 4.404  0.887  1.628  1.00 0.00 ? 3 VAL P HA   6  
ATOM 646  H HB   . VAL A 1 3 ? 3.110  -1.105 -0.238 1.00 0.00 ? 3 VAL P HB   6  
ATOM 647  H HG11 . VAL A 1 3 ? 6.019  -1.143 0.406  1.00 0.00 ? 3 VAL P HG11 6  
ATOM 648  H HG12 . VAL A 1 3 ? 5.429  0.187  -0.591 1.00 0.00 ? 3 VAL P HG12 6  
ATOM 649  H HG13 . VAL A 1 3 ? 5.197  -1.483 -1.116 1.00 0.00 ? 3 VAL P HG13 6  
ATOM 650  H HG21 . VAL A 1 3 ? 4.544  -1.625 2.374  1.00 0.00 ? 3 VAL P HG21 6  
ATOM 651  H HG22 . VAL A 1 3 ? 4.371  -2.858 1.127  1.00 0.00 ? 3 VAL P HG22 6  
ATOM 652  H HG23 . VAL A 1 3 ? 2.938  -2.170 1.887  1.00 0.00 ? 3 VAL P HG23 6  
ATOM 653  N N    . TYR A 1 4 ? 3.205  1.008  -1.241 1.00 0.00 ? 4 TYR P N    6  
ATOM 654  C CA   . TYR A 1 4 ? 2.678  1.771  -2.395 1.00 0.00 ? 4 TYR P CA   6  
ATOM 655  C C    . TYR A 1 4 ? 1.251  1.248  -2.608 1.00 0.00 ? 4 TYR P C    6  
ATOM 656  O O    . TYR A 1 4 ? 0.454  1.763  -3.367 1.00 0.00 ? 4 TYR P O    6  
ATOM 657  C CB   . TYR A 1 4 ? 3.612  1.397  -3.541 1.00 0.00 ? 4 TYR P CB   6  
ATOM 658  C CG   . TYR A 1 4 ? 2.845  0.742  -4.663 1.00 0.00 ? 4 TYR P CG   6  
ATOM 659  C CD1  . TYR A 1 4 ? 2.590  -0.634 -4.623 1.00 0.00 ? 4 TYR P CD1  6  
ATOM 660  C CD2  . TYR A 1 4 ? 2.391  1.508  -5.738 1.00 0.00 ? 4 TYR P CD2  6  
ATOM 661  C CE1  . TYR A 1 4 ? 1.879  -1.243 -5.664 1.00 0.00 ? 4 TYR P CE1  6  
ATOM 662  C CE2  . TYR A 1 4 ? 1.680  0.901  -6.780 1.00 0.00 ? 4 TYR P CE2  6  
ATOM 663  C CZ   . TYR A 1 4 ? 1.424  -0.475 -6.743 1.00 0.00 ? 4 TYR P CZ   6  
ATOM 664  O OH   . TYR A 1 4 ? 0.724  -1.075 -7.770 1.00 0.00 ? 4 TYR P OH   6  
ATOM 665  H HA   . TYR A 1 4 ? 2.681  2.815  -2.195 1.00 0.00 ? 4 TYR P HA   6  
ATOM 666  H HB2  . TYR A 1 4 ? 4.095  2.283  -3.905 1.00 0.00 ? 4 TYR P HB2  6  
ATOM 667  H HB3  . TYR A 1 4 ? 4.355  0.705  -3.170 1.00 0.00 ? 4 TYR P HB3  6  
ATOM 668  H HD1  . TYR A 1 4 ? 2.941  -1.226 -3.787 1.00 0.00 ? 4 TYR P HD1  6  
ATOM 669  H HD2  . TYR A 1 4 ? 2.590  2.569  -5.762 1.00 0.00 ? 4 TYR P HD2  6  
ATOM 670  H HE1  . TYR A 1 4 ? 1.681  -2.304 -5.635 1.00 0.00 ? 4 TYR P HE1  6  
ATOM 671  H HE2  . TYR A 1 4 ? 1.329  1.495  -7.612 1.00 0.00 ? 4 TYR P HE2  6  
ATOM 672  H HH   . TYR A 1 4 ? -0.213 -1.014 -7.566 1.00 0.00 ? 4 TYR P HH   6  
ATOM 673  N N    . ILE A 1 5 ? 0.985  0.215  -1.864 1.00 0.00 ? 5 ILE P N    6  
ATOM 674  C CA   . ILE A 1 5 ? -0.333 -0.505 -1.819 1.00 0.00 ? 5 ILE P CA   6  
ATOM 675  C C    . ILE A 1 5 ? -1.505 0.417  -2.199 1.00 0.00 ? 5 ILE P C    6  
ATOM 676  O O    . ILE A 1 5 ? -2.138 1.026  -1.360 1.00 0.00 ? 5 ILE P O    6  
ATOM 677  C CB   . ILE A 1 5 ? -0.427 -0.982 -0.339 1.00 0.00 ? 5 ILE P CB   6  
ATOM 678  C CG1  . ILE A 1 5 ? -0.592 0.213  0.616  1.00 0.00 ? 5 ILE P CG1  6  
ATOM 679  C CG2  . ILE A 1 5 ? 0.845  -1.767 0.034  1.00 0.00 ? 5 ILE P CG2  6  
ATOM 680  C CD1  . ILE A 1 5 ? 0.226  1.414  0.160  1.00 0.00 ? 5 ILE P CD1  6  
ATOM 681  H HA   . ILE A 1 5 ? -0.308 -1.362 -2.471 1.00 0.00 ? 5 ILE P HA   6  
ATOM 682  H HB   . ILE A 1 5 ? -1.274 -1.635 -0.204 1.00 0.00 ? 5 ILE P HB   6  
ATOM 683  H HG12 . ILE A 1 5 ? -1.631 0.491  0.659  1.00 0.00 ? 5 ILE P HG12 6  
ATOM 684  H HG13 . ILE A 1 5 ? -0.257 -0.084 1.594  1.00 0.00 ? 5 ILE P HG13 6  
ATOM 685  H HG21 . ILE A 1 5 ? 1.433  -1.950 -0.854 1.00 0.00 ? 5 ILE P HG21 6  
ATOM 686  H HG22 . ILE A 1 5 ? 0.572  -2.710 0.482  1.00 0.00 ? 5 ILE P HG22 6  
ATOM 687  H HG23 . ILE A 1 5 ? 1.431  -1.200 0.736  1.00 0.00 ? 5 ILE P HG23 6  
ATOM 688  H HD11 . ILE A 1 5 ? 1.216  1.087  -0.078 1.00 0.00 ? 5 ILE P HD11 6  
ATOM 689  H HD12 . ILE A 1 5 ? 0.273  2.141  0.954  1.00 0.00 ? 5 ILE P HD12 6  
ATOM 690  H HD13 . ILE A 1 5 ? -0.225 1.855  -0.712 1.00 0.00 ? 5 ILE P HD13 6  
ATOM 691  N N    . HIS A 1 6 ? -1.798 0.516  -3.469 1.00 0.00 ? 6 HIS P N    6  
ATOM 692  C CA   . HIS A 1 6 ? -2.924 1.390  -3.914 1.00 0.00 ? 6 HIS P CA   6  
ATOM 693  C C    . HIS A 1 6 ? -4.119 0.533  -4.352 1.00 0.00 ? 6 HIS P C    6  
ATOM 694  O O    . HIS A 1 6 ? -4.177 0.088  -5.482 1.00 0.00 ? 6 HIS P O    6  
ATOM 695  C CB   . HIS A 1 6 ? -2.367 2.178  -5.098 1.00 0.00 ? 6 HIS P CB   6  
ATOM 696  C CG   . HIS A 1 6 ? -3.193 3.415  -5.312 1.00 0.00 ? 6 HIS P CG   6  
ATOM 697  N ND1  . HIS A 1 6 ? -4.546 3.463  -5.009 1.00 0.00 ? 6 HIS P ND1  6  
ATOM 698  C CD2  . HIS A 1 6 ? -2.875 4.659  -5.800 1.00 0.00 ? 6 HIS P CD2  6  
ATOM 699  C CE1  . HIS A 1 6 ? -4.986 4.698  -5.313 1.00 0.00 ? 6 HIS P CE1  6  
ATOM 700  N NE2  . HIS A 1 6 ? -4.008 5.466  -5.799 1.00 0.00 ? 6 HIS P NE2  6  
ATOM 701  H HA   . HIS A 1 6 ? -3.211 2.064  -3.124 1.00 0.00 ? 6 HIS P HA   6  
ATOM 702  H HB2  . HIS A 1 6 ? -1.343 2.459  -4.894 1.00 0.00 ? 6 HIS P HB2  6  
ATOM 703  H HB3  . HIS A 1 6 ? -2.400 1.565  -5.987 1.00 0.00 ? 6 HIS P HB3  6  
ATOM 704  H HD2  . HIS A 1 6 ? -1.894 4.964  -6.133 1.00 0.00 ? 6 HIS P HD2  6  
ATOM 705  H HE1  . HIS A 1 6 ? -6.007 5.026  -5.182 1.00 0.00 ? 6 HIS P HE1  6  
ATOM 706  N N    . PRO A 1 7 ? -5.038 0.328  -3.442 1.00 0.00 ? 7 PRO P N    6  
ATOM 707  C CA   . PRO A 1 7 ? -6.240 -0.486 -3.751 1.00 0.00 ? 7 PRO P CA   6  
ATOM 708  C C    . PRO A 1 7 ? -7.187 0.287  -4.675 1.00 0.00 ? 7 PRO P C    6  
ATOM 709  O O    . PRO A 1 7 ? -6.706 1.143  -5.400 1.00 0.00 ? 7 PRO P O    6  
ATOM 710  C CB   . PRO A 1 7 ? -6.882 -0.715 -2.385 1.00 0.00 ? 7 PRO P CB   6  
ATOM 711  C CG   . PRO A 1 7 ? -6.408 0.424  -1.541 1.00 0.00 ? 7 PRO P CG   6  
ATOM 712  C CD   . PRO A 1 7 ? -5.050 0.823  -2.059 1.00 0.00 ? 7 PRO P CD   6  
ATOM 713  O OXT  . PRO A 1 7 ? -8.374 0.009  -4.642 1.00 0.00 ? 7 PRO P OXT  6  
ATOM 714  H HA   . PRO A 1 7 ? -5.962 -1.430 -4.191 1.00 0.00 ? 7 PRO P HA   6  
ATOM 715  H HB2  . PRO A 1 7 ? -7.959 -0.700 -2.470 1.00 0.00 ? 7 PRO P HB2  6  
ATOM 716  H HB3  . PRO A 1 7 ? -6.549 -1.649 -1.964 1.00 0.00 ? 7 PRO P HB3  6  
ATOM 717  H HG2  . PRO A 1 7 ? -7.096 1.255  -1.622 1.00 0.00 ? 7 PRO P HG2  6  
ATOM 718  H HG3  . PRO A 1 7 ? -6.325 0.113  -0.511 1.00 0.00 ? 7 PRO P HG3  6  
ATOM 719  H HD2  . PRO A 1 7 ? -4.939 1.899  -2.038 1.00 0.00 ? 7 PRO P HD2  6  
ATOM 720  H HD3  . PRO A 1 7 ? -4.270 0.346  -1.486 1.00 0.00 ? 7 PRO P HD3  6  
ATOM 721  N N    . ASP A 1 1 ? 3.685  -3.266 7.227  1.00 0.00 ? 1 ASP P N    7  
ATOM 722  C CA   . ASP A 1 1 ? 2.620  -2.226 7.129  1.00 0.00 ? 1 ASP P CA   7  
ATOM 723  C C    . ASP A 1 1 ? 2.353  -1.881 5.661  1.00 0.00 ? 1 ASP P C    7  
ATOM 724  O O    . ASP A 1 1 ? 2.790  -2.573 4.762  1.00 0.00 ? 1 ASP P O    7  
ATOM 725  C CB   . ASP A 1 1 ? 3.179  -1.014 7.874  1.00 0.00 ? 1 ASP P CB   7  
ATOM 726  C CG   . ASP A 1 1 ? 2.074  -0.378 8.721  1.00 0.00 ? 1 ASP P CG   7  
ATOM 727  O OD1  . ASP A 1 1 ? 0.938  -0.385 8.277  1.00 0.00 ? 1 ASP P OD1  7  
ATOM 728  O OD2  . ASP A 1 1 ? 2.384  0.106  9.798  1.00 0.00 ? 1 ASP P OD2  7  
ATOM 729  H H1   . ASP A 1 1 ? 3.343  -4.155 6.811  1.00 0.00 ? 1 ASP P H1   7  
ATOM 730  H H2   . ASP A 1 1 ? 3.925  -3.420 8.229  1.00 0.00 ? 1 ASP P H2   7  
ATOM 731  H H3   . ASP A 1 1 ? 4.530  -2.946 6.713  1.00 0.00 ? 1 ASP P H3   7  
ATOM 732  H HA   . ASP A 1 1 ? 1.714  -2.567 7.607  1.00 0.00 ? 1 ASP P HA   7  
ATOM 733  H HB2  . ASP A 1 1 ? 3.990  -1.329 8.516  1.00 0.00 ? 1 ASP P HB2  7  
ATOM 734  H HB3  . ASP A 1 1 ? 3.545  -0.289 7.162  1.00 0.00 ? 1 ASP P HB3  7  
ATOM 735  N N    . ARG A 1 2 ? 1.638  -0.815 5.414  1.00 0.00 ? 2 ARG P N    7  
ATOM 736  C CA   . ARG A 1 2 ? 1.341  -0.422 4.008  1.00 0.00 ? 2 ARG P CA   7  
ATOM 737  C C    . ARG A 1 2 ? 2.638  -0.206 3.216  1.00 0.00 ? 2 ARG P C    7  
ATOM 738  O O    . ARG A 1 2 ? 3.734  -0.422 3.695  1.00 0.00 ? 2 ARG P O    7  
ATOM 739  C CB   . ARG A 1 2 ? 0.532  0.870  4.117  1.00 0.00 ? 2 ARG P CB   7  
ATOM 740  C CG   . ARG A 1 2 ? -0.872 0.554  4.657  1.00 0.00 ? 2 ARG P CG   7  
ATOM 741  C CD   . ARG A 1 2 ? -1.635 -0.359 3.678  1.00 0.00 ? 2 ARG P CD   7  
ATOM 742  N NE   . ARG A 1 2 ? -2.681 -1.019 4.508  1.00 0.00 ? 2 ARG P NE   7  
ATOM 743  C CZ   . ARG A 1 2 ? -3.449 -1.935 3.984  1.00 0.00 ? 2 ARG P CZ   7  
ATOM 744  N NH1  . ARG A 1 2 ? -2.925 -2.901 3.281  1.00 0.00 ? 2 ARG P NH1  7  
ATOM 745  N NH2  . ARG A 1 2 ? -4.741 -1.883 4.160  1.00 0.00 ? 2 ARG P NH2  7  
ATOM 746  H HA   . ARG A 1 2 ? 0.736  -1.182 3.517  1.00 0.00 ? 2 ARG P HA   7  
ATOM 747  H HB2  . ARG A 1 2 ? 1.033  1.549  4.790  1.00 0.00 ? 2 ARG P HB2  7  
ATOM 748  H HB3  . ARG A 1 2 ? 0.447  1.327  3.143  1.00 0.00 ? 2 ARG P HB3  7  
ATOM 749  H HG2  . ARG A 1 2 ? -0.782 0.056  5.611  1.00 0.00 ? 2 ARG P HG2  7  
ATOM 750  H HG3  . ARG A 1 2 ? -1.421 1.475  4.784  1.00 0.00 ? 2 ARG P HG3  7  
ATOM 751  H HD2  . ARG A 1 2 ? -2.095 0.229  2.893  1.00 0.00 ? 2 ARG P HD2  7  
ATOM 752  H HD3  . ARG A 1 2 ? -0.981 -1.104 3.251  1.00 0.00 ? 2 ARG P HD3  7  
ATOM 753  H HE   . ARG A 1 2 ? -2.793 -0.767 5.449  1.00 0.00 ? 2 ARG P HE   7  
ATOM 754  H HH11 . ARG A 1 2 ? -1.935 -2.941 3.145  1.00 0.00 ? 2 ARG P HH11 7  
ATOM 755  H HH12 . ARG A 1 2 ? -3.513 -3.602 2.878  1.00 0.00 ? 2 ARG P HH12 7  
ATOM 756  H HH21 . ARG A 1 2 ? -5.143 -1.142 4.698  1.00 0.00 ? 2 ARG P HH21 7  
ATOM 757  H HH22 . ARG A 1 2 ? -5.329 -2.584 3.758  1.00 0.00 ? 2 ARG P HH22 7  
ATOM 758  N N    . VAL A 1 3 ? 2.478  0.170  1.986  1.00 0.00 ? 3 VAL P N    7  
ATOM 759  C CA   . VAL A 1 3 ? 3.608  0.372  1.028  1.00 0.00 ? 3 VAL P CA   7  
ATOM 760  C C    . VAL A 1 3 ? 3.102  1.318  -0.063 1.00 0.00 ? 3 VAL P C    7  
ATOM 761  O O    . VAL A 1 3 ? 2.682  2.430  0.195  1.00 0.00 ? 3 VAL P O    7  
ATOM 762  C CB   . VAL A 1 3 ? 3.807  -1.033 0.438  1.00 0.00 ? 3 VAL P CB   7  
ATOM 763  C CG1  . VAL A 1 3 ? 5.073  -1.071 -0.412 1.00 0.00 ? 3 VAL P CG1  7  
ATOM 764  C CG2  . VAL A 1 3 ? 3.907  -2.094 1.541  1.00 0.00 ? 3 VAL P CG2  7  
ATOM 765  H HA   . VAL A 1 3 ? 4.495  0.731  1.487  1.00 0.00 ? 3 VAL P HA   7  
ATOM 766  H HB   . VAL A 1 3 ? 2.949  -1.253 -0.185 1.00 0.00 ? 3 VAL P HB   7  
ATOM 767  H HG11 . VAL A 1 3 ? 4.944  -1.783 -1.215 1.00 0.00 ? 3 VAL P HG11 7  
ATOM 768  H HG12 . VAL A 1 3 ? 5.910  -1.366 0.201  1.00 0.00 ? 3 VAL P HG12 7  
ATOM 769  H HG13 . VAL A 1 3 ? 5.255  -0.090 -0.826 1.00 0.00 ? 3 VAL P HG13 7  
ATOM 770  H HG21 . VAL A 1 3 ? 4.599  -1.764 2.299  1.00 0.00 ? 3 VAL P HG21 7  
ATOM 771  H HG22 . VAL A 1 3 ? 4.254  -3.023 1.114  1.00 0.00 ? 3 VAL P HG22 7  
ATOM 772  H HG23 . VAL A 1 3 ? 2.931  -2.247 1.982  1.00 0.00 ? 3 VAL P HG23 7  
ATOM 773  N N    . TYR A 1 4 ? 3.041  0.822  -1.261 1.00 0.00 ? 4 TYR P N    7  
ATOM 774  C CA   . TYR A 1 4 ? 2.442  1.575  -2.387 1.00 0.00 ? 4 TYR P CA   7  
ATOM 775  C C    . TYR A 1 4 ? 0.978  1.120  -2.446 1.00 0.00 ? 4 TYR P C    7  
ATOM 776  O O    . TYR A 1 4 ? 0.137  1.653  -3.139 1.00 0.00 ? 4 TYR P O    7  
ATOM 777  C CB   . TYR A 1 4 ? 3.239  1.118  -3.605 1.00 0.00 ? 4 TYR P CB   7  
ATOM 778  C CG   . TYR A 1 4 ? 2.337  0.445  -4.612 1.00 0.00 ? 4 TYR P CG   7  
ATOM 779  C CD1  . TYR A 1 4 ? 1.635  1.215  -5.542 1.00 0.00 ? 4 TYR P CD1  7  
ATOM 780  C CD2  . TYR A 1 4 ? 2.208  -0.948 -4.610 1.00 0.00 ? 4 TYR P CD2  7  
ATOM 781  C CE1  . TYR A 1 4 ? 0.799  0.592  -6.477 1.00 0.00 ? 4 TYR P CE1  7  
ATOM 782  C CE2  . TYR A 1 4 ? 1.372  -1.573 -5.542 1.00 0.00 ? 4 TYR P CE2  7  
ATOM 783  C CZ   . TYR A 1 4 ? 0.667  -0.803 -6.476 1.00 0.00 ? 4 TYR P CZ   7  
ATOM 784  O OH   . TYR A 1 4 ? -0.157 -1.418 -7.397 1.00 0.00 ? 4 TYR P OH   7  
ATOM 785  H HA   . TYR A 1 4 ? 2.514  2.622  -2.227 1.00 0.00 ? 4 TYR P HA   7  
ATOM 786  H HB2  . TYR A 1 4 ? 3.711  1.968  -4.055 1.00 0.00 ? 4 TYR P HB2  7  
ATOM 787  H HB3  . TYR A 1 4 ? 3.993  0.415  -3.280 1.00 0.00 ? 4 TYR P HB3  7  
ATOM 788  H HD1  . TYR A 1 4 ? 1.738  2.289  -5.539 1.00 0.00 ? 4 TYR P HD1  7  
ATOM 789  H HD2  . TYR A 1 4 ? 2.752  -1.541 -3.886 1.00 0.00 ? 4 TYR P HD2  7  
ATOM 790  H HE1  . TYR A 1 4 ? 0.255  1.186  -7.197 1.00 0.00 ? 4 TYR P HE1  7  
ATOM 791  H HE2  . TYR A 1 4 ? 1.270  -2.648 -5.542 1.00 0.00 ? 4 TYR P HE2  7  
ATOM 792  H HH   . TYR A 1 4 ? 0.131  -1.157 -8.274 1.00 0.00 ? 4 TYR P HH   7  
ATOM 793  N N    . ILE A 1 5 ? 0.738  0.120  -1.651 1.00 0.00 ? 5 ILE P N    7  
ATOM 794  C CA   . ILE A 1 5 ? -0.602 -0.534 -1.458 1.00 0.00 ? 5 ILE P CA   7  
ATOM 795  C C    . ILE A 1 5 ? -1.760 0.434  -1.761 1.00 0.00 ? 5 ILE P C    7  
ATOM 796  O O    . ILE A 1 5 ? -2.284 1.094  -0.887 1.00 0.00 ? 5 ILE P O    7  
ATOM 797  C CB   . ILE A 1 5 ? -0.575 -0.961 0.039  1.00 0.00 ? 5 ILE P CB   7  
ATOM 798  C CG1  . ILE A 1 5 ? -0.598 0.266  0.964  1.00 0.00 ? 5 ILE P CG1  7  
ATOM 799  C CG2  . ILE A 1 5 ? 0.689  -1.794 0.320  1.00 0.00 ? 5 ILE P CG2  7  
ATOM 800  C CD1  . ILE A 1 5 ? 0.229  1.412  0.395  1.00 0.00 ? 5 ILE P CD1  7  
ATOM 801  H HA   . ILE A 1 5 ? -0.679 -1.410 -2.080 1.00 0.00 ? 5 ILE P HA   7  
ATOM 802  H HB   . ILE A 1 5 ? -1.435 -1.571 0.273  1.00 0.00 ? 5 ILE P HB   7  
ATOM 803  H HG12 . ILE A 1 5 ? -1.614 0.597  1.089  1.00 0.00 ? 5 ILE P HG12 7  
ATOM 804  H HG13 . ILE A 1 5 ? -0.190 -0.016 1.918  1.00 0.00 ? 5 ILE P HG13 7  
ATOM 805  H HG21 . ILE A 1 5 ? 1.367  -1.230 0.937  1.00 0.00 ? 5 ILE P HG21 7  
ATOM 806  H HG22 . ILE A 1 5 ? 1.180  -2.036 -0.613 1.00 0.00 ? 5 ILE P HG22 7  
ATOM 807  H HG23 . ILE A 1 5 ? 0.420  -2.707 0.828  1.00 0.00 ? 5 ILE P HG23 7  
ATOM 808  H HD11 . ILE A 1 5 ? 1.175  1.026  0.077  1.00 0.00 ? 5 ILE P HD11 7  
ATOM 809  H HD12 . ILE A 1 5 ? 0.387  2.156  1.158  1.00 0.00 ? 5 ILE P HD12 7  
ATOM 810  H HD13 . ILE A 1 5 ? -0.281 1.851  -0.444 1.00 0.00 ? 5 ILE P HD13 7  
ATOM 811  N N    . HIS A 1 6 ? -2.161 0.515  -3.002 1.00 0.00 ? 6 HIS P N    7  
ATOM 812  C CA   . HIS A 1 6 ? -3.279 1.431  -3.370 1.00 0.00 ? 6 HIS P CA   7  
ATOM 813  C C    . HIS A 1 6 ? -4.167 0.784  -4.441 1.00 0.00 ? 6 HIS P C    7  
ATOM 814  O O    . HIS A 1 6 ? -3.831 0.796  -5.609 1.00 0.00 ? 6 HIS P O    7  
ATOM 815  C CB   . HIS A 1 6 ? -2.596 2.682  -3.927 1.00 0.00 ? 6 HIS P CB   7  
ATOM 816  C CG   . HIS A 1 6 ? -3.626 3.750  -4.170 1.00 0.00 ? 6 HIS P CG   7  
ATOM 817  N ND1  . HIS A 1 6 ? -4.107 4.559  -3.151 1.00 0.00 ? 6 HIS P ND1  7  
ATOM 818  C CD2  . HIS A 1 6 ? -4.277 4.155  -5.308 1.00 0.00 ? 6 HIS P CD2  7  
ATOM 819  C CE1  . HIS A 1 6 ? -5.006 5.400  -3.692 1.00 0.00 ? 6 HIS P CE1  7  
ATOM 820  N NE2  . HIS A 1 6 ? -5.149 5.197  -5.004 1.00 0.00 ? 6 HIS P NE2  7  
ATOM 821  H HA   . HIS A 1 6 ? -3.860 1.688  -2.499 1.00 0.00 ? 6 HIS P HA   7  
ATOM 822  H HB2  . HIS A 1 6 ? -1.866 3.039  -3.216 1.00 0.00 ? 6 HIS P HB2  7  
ATOM 823  H HB3  . HIS A 1 6 ? -2.104 2.439  -4.857 1.00 0.00 ? 6 HIS P HB3  7  
ATOM 824  H HD2  . HIS A 1 6 ? -4.137 3.730  -6.290 1.00 0.00 ? 6 HIS P HD2  7  
ATOM 825  H HE1  . HIS A 1 6 ? -5.548 6.148  -3.132 1.00 0.00 ? 6 HIS P HE1  7  
ATOM 826  N N    . PRO A 1 7 ? -5.277 0.236  -4.010 1.00 0.00 ? 7 PRO P N    7  
ATOM 827  C CA   . PRO A 1 7 ? -6.215 -0.418 -4.957 1.00 0.00 ? 7 PRO P CA   7  
ATOM 828  C C    . PRO A 1 7 ? -6.938 0.633  -5.803 1.00 0.00 ? 7 PRO P C    7  
ATOM 829  O O    . PRO A 1 7 ? -6.876 0.533  -7.017 1.00 0.00 ? 7 PRO P O    7  
ATOM 830  C CB   . PRO A 1 7 ? -7.194 -1.150 -4.043 1.00 0.00 ? 7 PRO P CB   7  
ATOM 831  C CG   . PRO A 1 7 ? -7.146 -0.406 -2.748 1.00 0.00 ? 7 PRO P CG   7  
ATOM 832  C CD   . PRO A 1 7 ? -5.761 0.174  -2.624 1.00 0.00 ? 7 PRO P CD   7  
ATOM 833  O OXT  . PRO A 1 7 ? -7.544 1.519  -5.222 1.00 0.00 ? 7 PRO P OXT  7  
ATOM 834  H HA   . PRO A 1 7 ? -5.694 -1.123 -5.584 1.00 0.00 ? 7 PRO P HA   7  
ATOM 835  H HB2  . PRO A 1 7 ? -8.191 -1.118 -4.462 1.00 0.00 ? 7 PRO P HB2  7  
ATOM 836  H HB3  . PRO A 1 7 ? -6.878 -2.171 -3.894 1.00 0.00 ? 7 PRO P HB3  7  
ATOM 837  H HG2  . PRO A 1 7 ? -7.882 0.387  -2.751 1.00 0.00 ? 7 PRO P HG2  7  
ATOM 838  H HG3  . PRO A 1 7 ? -7.333 -1.080 -1.926 1.00 0.00 ? 7 PRO P HG3  7  
ATOM 839  H HD2  . PRO A 1 7 ? -5.803 1.164  -2.187 1.00 0.00 ? 7 PRO P HD2  7  
ATOM 840  H HD3  . PRO A 1 7 ? -5.128 -0.475 -2.038 1.00 0.00 ? 7 PRO P HD3  7  
ATOM 841  N N    . ASP A 1 1 ? 3.441  -1.753 7.598  1.00 0.00 ? 1 ASP P N    8  
ATOM 842  C CA   . ASP A 1 1 ? 2.526  -2.713 6.916  1.00 0.00 ? 1 ASP P CA   8  
ATOM 843  C C    . ASP A 1 1 ? 2.290  -2.277 5.466  1.00 0.00 ? 1 ASP P C    8  
ATOM 844  O O    . ASP A 1 1 ? 2.772  -2.896 4.537  1.00 0.00 ? 1 ASP P O    8  
ATOM 845  C CB   . ASP A 1 1 ? 1.223  -2.652 7.714  1.00 0.00 ? 1 ASP P CB   8  
ATOM 846  C CG   . ASP A 1 1 ? 1.448  -3.252 9.102  1.00 0.00 ? 1 ASP P CG   8  
ATOM 847  O OD1  . ASP A 1 1 ? 2.145  -4.249 9.190  1.00 0.00 ? 1 ASP P OD1  8  
ATOM 848  O OD2  . ASP A 1 1 ? 0.917  -2.704 10.055 1.00 0.00 ? 1 ASP P OD2  8  
ATOM 849  H H1   . ASP A 1 1 ? 3.681  -2.114 8.543  1.00 0.00 ? 1 ASP P H1   8  
ATOM 850  H H2   . ASP A 1 1 ? 2.972  -0.829 7.687  1.00 0.00 ? 1 ASP P H2   8  
ATOM 851  H H3   . ASP A 1 1 ? 4.312  -1.646 7.039  1.00 0.00 ? 1 ASP P H3   8  
ATOM 852  H HA   . ASP A 1 1 ? 2.933  -3.710 6.948  1.00 0.00 ? 1 ASP P HA   8  
ATOM 853  H HB2  . ASP A 1 1 ? 0.909  -1.622 7.810  1.00 0.00 ? 1 ASP P HB2  8  
ATOM 854  H HB3  . ASP A 1 1 ? 0.460  -3.215 7.199  1.00 0.00 ? 1 ASP P HB3  8  
ATOM 855  N N    . ARG A 1 2 ? 1.550  -1.219 5.269  1.00 0.00 ? 2 ARG P N    8  
ATOM 856  C CA   . ARG A 1 2 ? 1.279  -0.741 3.883  1.00 0.00 ? 2 ARG P CA   8  
ATOM 857  C C    . ARG A 1 2 ? 2.591  -0.442 3.144  1.00 0.00 ? 2 ARG P C    8  
ATOM 858  O O    . ARG A 1 2 ? 3.679  -0.668 3.638  1.00 0.00 ? 2 ARG P O    8  
ATOM 859  C CB   . ARG A 1 2 ? 0.435  0.521  4.053  1.00 0.00 ? 2 ARG P CB   8  
ATOM 860  C CG   . ARG A 1 2 ? -0.976 0.137  4.531  1.00 0.00 ? 2 ARG P CG   8  
ATOM 861  C CD   . ARG A 1 2 ? -1.688 -0.729 3.476  1.00 0.00 ? 2 ARG P CD   8  
ATOM 862  N NE   . ARG A 1 2 ? -2.729 -1.474 4.235  1.00 0.00 ? 2 ARG P NE   8  
ATOM 863  C CZ   . ARG A 1 2 ? -3.973 -1.087 4.192  1.00 0.00 ? 2 ARG P CZ   8  
ATOM 864  N NH1  . ARG A 1 2 ? -4.291 0.127  4.552  1.00 0.00 ? 2 ARG P NH1  8  
ATOM 865  N NH2  . ARG A 1 2 ? -4.901 -1.911 3.789  1.00 0.00 ? 2 ARG P NH2  8  
ATOM 866  H HA   . ARG A 1 2 ? 0.707  -1.482 3.327  1.00 0.00 ? 2 ARG P HA   8  
ATOM 867  H HB2  . ARG A 1 2 ? 0.900  1.166  4.786  1.00 0.00 ? 2 ARG P HB2  8  
ATOM 868  H HB3  . ARG A 1 2 ? 0.364  1.040  3.111  1.00 0.00 ? 2 ARG P HB3  8  
ATOM 869  H HG2  . ARG A 1 2 ? -0.899 -0.420 5.455  1.00 0.00 ? 2 ARG P HG2  8  
ATOM 870  H HG3  . ARG A 1 2 ? -1.551 1.034  4.703  1.00 0.00 ? 2 ARG P HG3  8  
ATOM 871  H HD2  . ARG A 1 2 ? -2.149 -0.103 2.722  1.00 0.00 ? 2 ARG P HD2  8  
ATOM 872  H HD3  . ARG A 1 2 ? -1.001 -1.422 3.015  1.00 0.00 ? 2 ARG P HD3  8  
ATOM 873  H HE   . ARG A 1 2 ? -2.478 -2.259 4.768  1.00 0.00 ? 2 ARG P HE   8  
ATOM 874  H HH11 . ARG A 1 2 ? -3.581 0.759  4.860  1.00 0.00 ? 2 ARG P HH11 8  
ATOM 875  H HH12 . ARG A 1 2 ? -5.245 0.425  4.519  1.00 0.00 ? 2 ARG P HH12 8  
ATOM 876  H HH21 . ARG A 1 2 ? -4.657 -2.841 3.513  1.00 0.00 ? 2 ARG P HH21 8  
ATOM 877  H HH22 . ARG A 1 2 ? -5.855 -1.614 3.755  1.00 0.00 ? 2 ARG P HH22 8  
ATOM 878  N N    . VAL A 1 3 ? 2.454  0.014  1.940  1.00 0.00 ? 3 VAL P N    8  
ATOM 879  C CA   . VAL A 1 3 ? 3.605  0.307  1.029  1.00 0.00 ? 3 VAL P CA   8  
ATOM 880  C C    . VAL A 1 3 ? 3.105  1.319  -0.005 1.00 0.00 ? 3 VAL P C    8  
ATOM 881  O O    . VAL A 1 3 ? 2.653  2.400  0.323  1.00 0.00 ? 3 VAL P O    8  
ATOM 882  C CB   . VAL A 1 3 ? 3.848  -1.048 0.347  1.00 0.00 ? 3 VAL P CB   8  
ATOM 883  C CG1  . VAL A 1 3 ? 5.138  -1.001 -0.467 1.00 0.00 ? 3 VAL P CG1  8  
ATOM 884  C CG2  . VAL A 1 3 ? 3.942  -2.184 1.373  1.00 0.00 ? 3 VAL P CG2  8  
ATOM 885  H HA   . VAL A 1 3 ? 4.473  0.649  1.537  1.00 0.00 ? 3 VAL P HA   8  
ATOM 886  H HB   . VAL A 1 3 ? 3.013  -1.240 -0.315 1.00 0.00 ? 3 VAL P HB   8  
ATOM 887  H HG11 . VAL A 1 3 ? 5.967  -1.301 0.153  1.00 0.00 ? 3 VAL P HG11 8  
ATOM 888  H HG12 . VAL A 1 3 ? 5.298  0.006  -0.825 1.00 0.00 ? 3 VAL P HG12 8  
ATOM 889  H HG13 . VAL A 1 3 ? 5.054  -1.673 -1.308 1.00 0.00 ? 3 VAL P HG13 8  
ATOM 890  H HG21 . VAL A 1 3 ? 4.320  -3.072 0.893  1.00 0.00 ? 3 VAL P HG21 8  
ATOM 891  H HG22 . VAL A 1 3 ? 2.958  -2.387 1.775  1.00 0.00 ? 3 VAL P HG22 8  
ATOM 892  H HG23 . VAL A 1 3 ? 4.605  -1.896 2.173  1.00 0.00 ? 3 VAL P HG23 8  
ATOM 893  N N    . TYR A 1 4 ? 3.088  0.911  -1.235 1.00 0.00 ? 4 TYR P N    8  
ATOM 894  C CA   . TYR A 1 4 ? 2.501  1.731  -2.319 1.00 0.00 ? 4 TYR P CA   8  
ATOM 895  C C    . TYR A 1 4 ? 1.051  1.246  -2.452 1.00 0.00 ? 4 TYR P C    8  
ATOM 896  O O    . TYR A 1 4 ? 0.215  1.809  -3.132 1.00 0.00 ? 4 TYR P O    8  
ATOM 897  C CB   . TYR A 1 4 ? 3.343  1.382  -3.543 1.00 0.00 ? 4 TYR P CB   8  
ATOM 898  C CG   . TYR A 1 4 ? 2.479  0.804  -4.637 1.00 0.00 ? 4 TYR P CG   8  
ATOM 899  C CD1  . TYR A 1 4 ? 1.866  1.652  -5.561 1.00 0.00 ? 4 TYR P CD1  8  
ATOM 900  C CD2  . TYR A 1 4 ? 2.295  -0.581 -4.720 1.00 0.00 ? 4 TYR P CD2  8  
ATOM 901  C CE1  . TYR A 1 4 ? 1.064  1.118  -6.576 1.00 0.00 ? 4 TYR P CE1  8  
ATOM 902  C CE2  . TYR A 1 4 ? 1.494  -1.117 -5.735 1.00 0.00 ? 4 TYR P CE2  8  
ATOM 903  C CZ   . TYR A 1 4 ? 0.878  -0.268 -6.663 1.00 0.00 ? 4 TYR P CZ   8  
ATOM 904  O OH   . TYR A 1 4 ? 0.088  -0.796 -7.664 1.00 0.00 ? 4 TYR P OH   8  
ATOM 905  H HA   . TYR A 1 4 ? 2.542  2.765  -2.080 1.00 0.00 ? 4 TYR P HA   8  
ATOM 906  H HB2  . TYR A 1 4 ? 3.829  2.270  -3.898 1.00 0.00 ? 4 TYR P HB2  8  
ATOM 907  H HB3  . TYR A 1 4 ? 4.085  0.653  -3.256 1.00 0.00 ? 4 TYR P HB3  8  
ATOM 908  H HD1  . TYR A 1 4 ? 2.009  2.721  -5.489 1.00 0.00 ? 4 TYR P HD1  8  
ATOM 909  H HD2  . TYR A 1 4 ? 2.772  -1.233 -4.000 1.00 0.00 ? 4 TYR P HD2  8  
ATOM 910  H HE1  . TYR A 1 4 ? 0.588  1.773  -7.290 1.00 0.00 ? 4 TYR P HE1  8  
ATOM 911  H HE2  . TYR A 1 4 ? 1.351  -2.186 -5.803 1.00 0.00 ? 4 TYR P HE2  8  
ATOM 912  H HH   . TYR A 1 4 ? -0.698 -1.168 -7.256 1.00 0.00 ? 4 TYR P HH   8  
ATOM 913  N N    . ILE A 1 5 ? 0.813  0.188  -1.736 1.00 0.00 ? 5 ILE P N    8  
ATOM 914  C CA   . ILE A 1 5 ? -0.514 -0.507 -1.629 1.00 0.00 ? 5 ILE P CA   8  
ATOM 915  C C    . ILE A 1 5 ? -1.689 0.453  -1.889 1.00 0.00 ? 5 ILE P C    8  
ATOM 916  O O    . ILE A 1 5 ? -2.259 1.025  -0.983 1.00 0.00 ? 5 ILE P O    8  
ATOM 917  C CB   . ILE A 1 5 ? -0.518 -1.044 -0.167 1.00 0.00 ? 5 ILE P CB   8  
ATOM 918  C CG1  . ILE A 1 5 ? -0.592 0.112  0.845  1.00 0.00 ? 5 ILE P CG1  8  
ATOM 919  C CG2  . ILE A 1 5 ? 0.758  -1.870 0.086  1.00 0.00 ? 5 ILE P CG2  8  
ATOM 920  C CD1  . ILE A 1 5 ? 0.217  1.316  0.382  1.00 0.00 ? 5 ILE P CD1  8  
ATOM 921  H HA   . ILE A 1 5 ? -0.555 -1.337 -2.316 1.00 0.00 ? 5 ILE P HA   8  
ATOM 922  H HB   . ILE A 1 5 ? -1.369 -1.686 -0.001 1.00 0.00 ? 5 ILE P HB   8  
ATOM 923  H HG12 . ILE A 1 5 ? -1.619 0.407  0.971  1.00 0.00 ? 5 ILE P HG12 8  
ATOM 924  H HG13 . ILE A 1 5 ? -0.196 -0.231 1.785  1.00 0.00 ? 5 ILE P HG13 8  
ATOM 925  H HG21 . ILE A 1 5 ? 1.281  -2.026 -0.848 1.00 0.00 ? 5 ILE P HG21 8  
ATOM 926  H HG22 . ILE A 1 5 ? 0.496  -2.825 0.513  1.00 0.00 ? 5 ILE P HG22 8  
ATOM 927  H HG23 . ILE A 1 5 ? 1.403  -1.343 0.769  1.00 0.00 ? 5 ILE P HG23 8  
ATOM 928  H HD11 . ILE A 1 5 ? 0.334  2.008  1.199  1.00 0.00 ? 5 ILE P HD11 8  
ATOM 929  H HD12 . ILE A 1 5 ? -0.284 1.801  -0.438 1.00 0.00 ? 5 ILE P HD12 8  
ATOM 930  H HD13 . ILE A 1 5 ? 1.181  0.979  0.062  1.00 0.00 ? 5 ILE P HD13 8  
ATOM 931  N N    . HIS A 1 6 ? -2.055 0.626  -3.132 1.00 0.00 ? 6 HIS P N    8  
ATOM 932  C CA   . HIS A 1 6 ? -3.186 1.541  -3.460 1.00 0.00 ? 6 HIS P CA   8  
ATOM 933  C C    . HIS A 1 6 ? -4.164 0.850  -4.419 1.00 0.00 ? 6 HIS P C    8  
ATOM 934  O O    . HIS A 1 6 ? -3.997 0.910  -5.621 1.00 0.00 ? 6 HIS P O    8  
ATOM 935  C CB   . HIS A 1 6 ? -2.536 2.747  -4.138 1.00 0.00 ? 6 HIS P CB   8  
ATOM 936  C CG   . HIS A 1 6 ? -3.584 3.789  -4.419 1.00 0.00 ? 6 HIS P CG   8  
ATOM 937  N ND1  . HIS A 1 6 ? -3.872 4.808  -3.526 1.00 0.00 ? 6 HIS P ND1  8  
ATOM 938  C CD2  . HIS A 1 6 ? -4.419 3.984  -5.491 1.00 0.00 ? 6 HIS P CD2  8  
ATOM 939  C CE1  . HIS A 1 6 ? -4.844 5.563  -4.070 1.00 0.00 ? 6 HIS P CE1  8  
ATOM 940  N NE2  . HIS A 1 6 ? -5.214 5.104  -5.270 1.00 0.00 ? 6 HIS P NE2  8  
ATOM 941  H HA   . HIS A 1 6 ? -3.694 1.851  -2.561 1.00 0.00 ? 6 HIS P HA   8  
ATOM 942  H HB2  . HIS A 1 6 ? -1.782 3.163  -3.485 1.00 0.00 ? 6 HIS P HB2  8  
ATOM 943  H HB3  . HIS A 1 6 ? -2.078 2.437  -5.065 1.00 0.00 ? 6 HIS P HB3  8  
ATOM 944  H HD2  . HIS A 1 6 ? -4.453 3.361  -6.375 1.00 0.00 ? 6 HIS P HD2  8  
ATOM 945  H HE1  . HIS A 1 6 ? -5.272 6.434  -3.596 1.00 0.00 ? 6 HIS P HE1  8  
ATOM 946  N N    . PRO A 1 7 ? -5.160 0.213  -3.855 1.00 0.00 ? 7 PRO P N    8  
ATOM 947  C CA   . PRO A 1 7 ? -6.172 -0.495 -4.677 1.00 0.00 ? 7 PRO P CA   8  
ATOM 948  C C    . PRO A 1 7 ? -7.089 0.513  -5.379 1.00 0.00 ? 7 PRO P C    8  
ATOM 949  O O    . PRO A 1 7 ? -7.036 1.679  -5.023 1.00 0.00 ? 7 PRO P O    8  
ATOM 950  C CB   . PRO A 1 7 ? -6.952 -1.321 -3.656 1.00 0.00 ? 7 PRO P CB   8  
ATOM 951  C CG   . PRO A 1 7 ? -6.773 -0.600 -2.358 1.00 0.00 ? 7 PRO P CG   8  
ATOM 952  C CD   . PRO A 1 7 ? -5.437 0.091  -2.416 1.00 0.00 ? 7 PRO P CD   8  
ATOM 953  O OXT  . PRO A 1 7 ? -7.826 0.100  -6.257 1.00 0.00 ? 7 PRO P OXT  8  
ATOM 954  H HA   . PRO A 1 7 ? -5.697 -1.143 -5.394 1.00 0.00 ? 7 PRO P HA   8  
ATOM 955  H HB2  . PRO A 1 7 ? -7.997 -1.360 -3.929 1.00 0.00 ? 7 PRO P HB2  8  
ATOM 956  H HB3  . PRO A 1 7 ? -6.542 -2.316 -3.586 1.00 0.00 ? 7 PRO P HB3  8  
ATOM 957  H HG2  . PRO A 1 7 ? -7.563 0.128  -2.231 1.00 0.00 ? 7 PRO P HG2  8  
ATOM 958  H HG3  . PRO A 1 7 ? -6.785 -1.304 -1.541 1.00 0.00 ? 7 PRO P HG3  8  
ATOM 959  H HD2  . PRO A 1 7 ? -5.496 1.067  -1.954 1.00 0.00 ? 7 PRO P HD2  8  
ATOM 960  H HD3  . PRO A 1 7 ? -4.677 -0.512 -1.941 1.00 0.00 ? 7 PRO P HD3  8  
ATOM 961  N N    . ASP A 1 1 ? 2.946  -3.647 7.223  1.00 0.00 ? 1 ASP P N    9  
ATOM 962  C CA   . ASP A 1 1 ? 2.631  -2.195 7.077  1.00 0.00 ? 1 ASP P CA   9  
ATOM 963  C C    . ASP A 1 1 ? 2.393  -1.850 5.604  1.00 0.00 ? 1 ASP P C    9  
ATOM 964  O O    . ASP A 1 1 ? 2.908  -2.499 4.714  1.00 0.00 ? 1 ASP P O    9  
ATOM 965  C CB   . ASP A 1 1 ? 3.866  -1.462 7.609  1.00 0.00 ? 1 ASP P CB   9  
ATOM 966  C CG   . ASP A 1 1 ? 5.105  -1.893 6.821  1.00 0.00 ? 1 ASP P CG   9  
ATOM 967  O OD1  . ASP A 1 1 ? 5.348  -1.311 5.776  1.00 0.00 ? 1 ASP P OD1  9  
ATOM 968  O OD2  . ASP A 1 1 ? 5.788  -2.797 7.274  1.00 0.00 ? 1 ASP P OD2  9  
ATOM 969  H H1   . ASP A 1 1 ? 3.665  -3.918 6.523  1.00 0.00 ? 1 ASP P H1   9  
ATOM 970  H H2   . ASP A 1 1 ? 2.082  -4.205 7.069  1.00 0.00 ? 1 ASP P H2   9  
ATOM 971  H H3   . ASP A 1 1 ? 3.311  -3.828 8.179  1.00 0.00 ? 1 ASP P H3   9  
ATOM 972  H HA   . ASP A 1 1 ? 1.767  -1.937 7.668  1.00 0.00 ? 1 ASP P HA   9  
ATOM 973  H HB2  . ASP A 1 1 ? 3.724  -0.397 7.504  1.00 0.00 ? 1 ASP P HB2  9  
ATOM 974  H HB3  . ASP A 1 1 ? 4.005  -1.705 8.653  1.00 0.00 ? 1 ASP P HB3  9  
ATOM 975  N N    . ARG A 1 2 ? 1.618  -0.833 5.342  1.00 0.00 ? 2 ARG P N    9  
ATOM 976  C CA   . ARG A 1 2 ? 1.343  -0.442 3.930  1.00 0.00 ? 2 ARG P CA   9  
ATOM 977  C C    . ARG A 1 2 ? 2.650  -0.120 3.191  1.00 0.00 ? 2 ARG P C    9  
ATOM 978  O O    . ARG A 1 2 ? 3.739  -0.265 3.709  1.00 0.00 ? 2 ARG P O    9  
ATOM 979  C CB   . ARG A 1 2 ? 0.437  0.787  4.024  1.00 0.00 ? 2 ARG P CB   9  
ATOM 980  C CG   . ARG A 1 2 ? -0.958 0.359  4.507  1.00 0.00 ? 2 ARG P CG   9  
ATOM 981  C CD   . ARG A 1 2 ? -1.618 -0.593 3.491  1.00 0.00 ? 2 ARG P CD   9  
ATOM 982  N NE   . ARG A 1 2 ? -2.638 -1.340 4.277  1.00 0.00 ? 2 ARG P NE   9  
ATOM 983  C CZ   . ARG A 1 2 ? -3.063 -2.500 3.858  1.00 0.00 ? 2 ARG P CZ   9  
ATOM 984  N NH1  . ARG A 1 2 ? -2.414 -3.587 4.179  1.00 0.00 ? 2 ARG P NH1  9  
ATOM 985  N NH2  . ARG A 1 2 ? -4.134 -2.575 3.117  1.00 0.00 ? 2 ARG P NH2  9  
ATOM 986  H HA   . ARG A 1 2 ? 0.815  -1.237 3.408  1.00 0.00 ? 2 ARG P HA   9  
ATOM 987  H HB2  . ARG A 1 2 ? 0.861  1.490  4.725  1.00 0.00 ? 2 ARG P HB2  9  
ATOM 988  H HB3  . ARG A 1 2 ? 0.355  1.249  3.054  1.00 0.00 ? 2 ARG P HB3  9  
ATOM 989  H HG2  . ARG A 1 2 ? -0.868 -0.142 5.460  1.00 0.00 ? 2 ARG P HG2  9  
ATOM 990  H HG3  . ARG A 1 2 ? -1.577 1.236  4.624  1.00 0.00 ? 2 ARG P HG3  9  
ATOM 991  H HD2  . ARG A 1 2 ? -2.091 -0.029 2.697  1.00 0.00 ? 2 ARG P HD2  9  
ATOM 992  H HD3  . ARG A 1 2 ? -0.892 -1.281 3.080  1.00 0.00 ? 2 ARG P HD3  9  
ATOM 993  H HE   . ARG A 1 2 ? -2.991 -0.960 5.109  1.00 0.00 ? 2 ARG P HE   9  
ATOM 994  H HH11 . ARG A 1 2 ? -1.593 -3.530 4.747  1.00 0.00 ? 2 ARG P HH11 9  
ATOM 995  H HH12 . ARG A 1 2 ? -2.739 -4.477 3.858  1.00 0.00 ? 2 ARG P HH12 9  
ATOM 996  H HH21 . ARG A 1 2 ? -4.631 -1.742 2.870  1.00 0.00 ? 2 ARG P HH21 9  
ATOM 997  H HH22 . ARG A 1 2 ? -4.460 -3.464 2.796  1.00 0.00 ? 2 ARG P HH22 9  
ATOM 998  N N    . VAL A 1 3 ? 2.509  0.264  1.963  1.00 0.00 ? 3 VAL P N    9  
ATOM 999  C CA   . VAL A 1 3 ? 3.656  0.563  1.050  1.00 0.00 ? 3 VAL P CA   9  
ATOM 1000 C C    . VAL A 1 3 ? 3.123  1.491  -0.043 1.00 0.00 ? 3 VAL P C    9  
ATOM 1001 O O    . VAL A 1 3 ? 2.614  2.565  0.218  1.00 0.00 ? 3 VAL P O    9  
ATOM 1002 C CB   . VAL A 1 3 ? 3.977  -0.813 0.449  1.00 0.00 ? 3 VAL P CB   9  
ATOM 1003 C CG1  . VAL A 1 3 ? 5.272  -0.744 -0.356 1.00 0.00 ? 3 VAL P CG1  9  
ATOM 1004 C CG2  . VAL A 1 3 ? 4.114  -1.883 1.539  1.00 0.00 ? 3 VAL P CG2  9  
ATOM 1005 H HA   . VAL A 1 3 ? 4.497  0.977  1.550  1.00 0.00 ? 3 VAL P HA   9  
ATOM 1006 H HB   . VAL A 1 3 ? 3.160  -1.083 -0.207 1.00 0.00 ? 3 VAL P HB   9  
ATOM 1007 H HG11 . VAL A 1 3 ? 5.427  0.268  -0.698 1.00 0.00 ? 3 VAL P HG11 9  
ATOM 1008 H HG12 . VAL A 1 3 ? 5.197  -1.404 -1.208 1.00 0.00 ? 3 VAL P HG12 9  
ATOM 1009 H HG13 . VAL A 1 3 ? 6.098  -1.048 0.266  1.00 0.00 ? 3 VAL P HG13 9  
ATOM 1010 H HG21 . VAL A 1 3 ? 3.138  -2.115 1.940  1.00 0.00 ? 3 VAL P HG21 9  
ATOM 1011 H HG22 . VAL A 1 3 ? 4.752  -1.517 2.327  1.00 0.00 ? 3 VAL P HG22 9  
ATOM 1012 H HG23 . VAL A 1 3 ? 4.545  -2.776 1.112  1.00 0.00 ? 3 VAL P HG23 9  
ATOM 1013 N N    . TYR A 1 4 ? 3.140  1.014  -1.249 1.00 0.00 ? 4 TYR P N    9  
ATOM 1014 C CA   . TYR A 1 4 ? 2.528  1.742  -2.385 1.00 0.00 ? 4 TYR P CA   9  
ATOM 1015 C C    . TYR A 1 4 ? 1.106  1.182  -2.505 1.00 0.00 ? 4 TYR P C    9  
ATOM 1016 O O    . TYR A 1 4 ? 0.253  1.666  -3.223 1.00 0.00 ? 4 TYR P O    9  
ATOM 1017 C CB   . TYR A 1 4 ? 3.403  1.367  -3.578 1.00 0.00 ? 4 TYR P CB   9  
ATOM 1018 C CG   . TYR A 1 4 ? 2.583  0.675  -4.640 1.00 0.00 ? 4 TYR P CG   9  
ATOM 1019 C CD1  . TYR A 1 4 ? 2.373  -0.706 -4.570 1.00 0.00 ? 4 TYR P CD1  9  
ATOM 1020 C CD2  . TYR A 1 4 ? 2.038  1.416  -5.691 1.00 0.00 ? 4 TYR P CD2  9  
ATOM 1021 C CE1  . TYR A 1 4 ? 1.613  -1.347 -5.555 1.00 0.00 ? 4 TYR P CE1  9  
ATOM 1022 C CE2  . TYR A 1 4 ? 1.278  0.777  -6.677 1.00 0.00 ? 4 TYR P CE2  9  
ATOM 1023 C CZ   . TYR A 1 4 ? 1.065  -0.607 -6.609 1.00 0.00 ? 4 TYR P CZ   9  
ATOM 1024 O OH   . TYR A 1 4 ? 0.316  -1.238 -7.581 1.00 0.00 ? 4 TYR P OH   9  
ATOM 1025 H HA   . TYR A 1 4 ? 2.518  2.789  -2.205 1.00 0.00 ? 4 TYR P HA   9  
ATOM 1026 H HB2  . TYR A 1 4 ? 3.843  2.256  -3.984 1.00 0.00 ? 4 TYR P HB2  9  
ATOM 1027 H HB3  . TYR A 1 4 ? 4.181  0.697  -3.240 1.00 0.00 ? 4 TYR P HB3  9  
ATOM 1028 H HD1  . TYR A 1 4 ? 2.797  -1.277 -3.752 1.00 0.00 ? 4 TYR P HD1  9  
ATOM 1029 H HD2  . TYR A 1 4 ? 2.203  2.483  -5.739 1.00 0.00 ? 4 TYR P HD2  9  
ATOM 1030 H HE1  . TYR A 1 4 ? 1.451  -2.414 -5.502 1.00 0.00 ? 4 TYR P HE1  9  
ATOM 1031 H HE2  . TYR A 1 4 ? 0.855  1.350  -7.490 1.00 0.00 ? 4 TYR P HE2  9  
ATOM 1032 H HH   . TYR A 1 4 ? -0.583 -0.910 -7.522 1.00 0.00 ? 4 TYR P HH   9  
ATOM 1033 N N    . ILE A 1 5 ? 0.910  0.154  -1.735 1.00 0.00 ? 5 ILE P N    9  
ATOM 1034 C CA   . ILE A 1 5 ? -0.384 -0.599 -1.604 1.00 0.00 ? 5 ILE P CA   9  
ATOM 1035 C C    . ILE A 1 5 ? -1.601 0.288  -1.926 1.00 0.00 ? 5 ILE P C    9  
ATOM 1036 O O    . ILE A 1 5 ? -2.210 0.879  -1.058 1.00 0.00 ? 5 ILE P O    9  
ATOM 1037 C CB   . ILE A 1 5 ? -0.379 -1.055 -0.115 1.00 0.00 ? 5 ILE P CB   9  
ATOM 1038 C CG1  . ILE A 1 5 ? -0.523 0.149  0.832  1.00 0.00 ? 5 ILE P CG1  9  
ATOM 1039 C CG2  . ILE A 1 5 ? 0.931  -1.802 0.196  1.00 0.00 ? 5 ILE P CG2  9  
ATOM 1040 C CD1  . ILE A 1 5 ? 0.234  1.365  0.311  1.00 0.00 ? 5 ILE P CD1  9  
ATOM 1041 H HA   . ILE A 1 5 ? -0.376 -1.465 -2.244 1.00 0.00 ? 5 ILE P HA   9  
ATOM 1042 H HB   . ILE A 1 5 ? -1.200 -1.729 0.078  1.00 0.00 ? 5 ILE P HB   9  
ATOM 1043 H HG12 . ILE A 1 5 ? -1.563 0.398  0.931  1.00 0.00 ? 5 ILE P HG12 9  
ATOM 1044 H HG13 . ILE A 1 5 ? -0.123 -0.124 1.794  1.00 0.00 ? 5 ILE P HG13 9  
ATOM 1045 H HG21 . ILE A 1 5 ? 1.541  -1.210 0.856  1.00 0.00 ? 5 ILE P HG21 9  
ATOM 1046 H HG22 . ILE A 1 5 ? 1.476  -1.980 -0.721 1.00 0.00 ? 5 ILE P HG22 9  
ATOM 1047 H HG23 . ILE A 1 5 ? 0.710  -2.745 0.668  1.00 0.00 ? 5 ILE P HG23 9  
ATOM 1048 H HD11 . ILE A 1 5 ? 0.304  2.105  1.091  1.00 0.00 ? 5 ILE P HD11 9  
ATOM 1049 H HD12 . ILE A 1 5 ? -0.279 1.777  -0.540 1.00 0.00 ? 5 ILE P HD12 9  
ATOM 1050 H HD13 . ILE A 1 5 ? 1.218  1.060  0.022  1.00 0.00 ? 5 ILE P HD13 9  
ATOM 1051 N N    . HIS A 1 6 ? -1.958 0.377  -3.180 1.00 0.00 ? 6 HIS P N    9  
ATOM 1052 C CA   . HIS A 1 6 ? -3.130 1.216  -3.569 1.00 0.00 ? 6 HIS P CA   9  
ATOM 1053 C C    . HIS A 1 6 ? -4.264 0.326  -4.095 1.00 0.00 ? 6 HIS P C    9  
ATOM 1054 O O    . HIS A 1 6 ? -4.014 -0.705 -4.687 1.00 0.00 ? 6 HIS P O    9  
ATOM 1055 C CB   . HIS A 1 6 ? -2.609 2.134  -4.674 1.00 0.00 ? 6 HIS P CB   9  
ATOM 1056 C CG   . HIS A 1 6 ? -3.192 3.511  -4.501 1.00 0.00 ? 6 HIS P CG   9  
ATOM 1057 N ND1  . HIS A 1 6 ? -2.978 4.265  -3.357 1.00 0.00 ? 6 HIS P ND1  9  
ATOM 1058 C CD2  . HIS A 1 6 ? -3.981 4.283  -5.317 1.00 0.00 ? 6 HIS P CD2  9  
ATOM 1059 C CE1  . HIS A 1 6 ? -3.627 5.433  -3.515 1.00 0.00 ? 6 HIS P CE1  9  
ATOM 1060 N NE2  . HIS A 1 6 ? -4.254 5.496  -4.693 1.00 0.00 ? 6 HIS P NE2  9  
ATOM 1061 H HA   . HIS A 1 6 ? -3.467 1.801  -2.728 1.00 0.00 ? 6 HIS P HA   9  
ATOM 1062 H HB2  . HIS A 1 6 ? -1.533 2.189  -4.619 1.00 0.00 ? 6 HIS P HB2  9  
ATOM 1063 H HB3  . HIS A 1 6 ? -2.902 1.740  -5.636 1.00 0.00 ? 6 HIS P HB3  9  
ATOM 1064 H HD2  . HIS A 1 6 ? -4.335 3.993  -6.295 1.00 0.00 ? 6 HIS P HD2  9  
ATOM 1065 H HE1  . HIS A 1 6 ? -3.639 6.224  -2.779 1.00 0.00 ? 6 HIS P HE1  9  
ATOM 1066 N N    . PRO A 1 7 ? -5.480 0.754  -3.863 1.00 0.00 ? 7 PRO P N    9  
ATOM 1067 C CA   . PRO A 1 7 ? -6.656 -0.024 -4.325 1.00 0.00 ? 7 PRO P CA   9  
ATOM 1068 C C    . PRO A 1 7 ? -6.814 0.099  -5.844 1.00 0.00 ? 7 PRO P C    9  
ATOM 1069 O O    . PRO A 1 7 ? -7.716 -0.524 -6.379 1.00 0.00 ? 7 PRO P O    9  
ATOM 1070 C CB   . PRO A 1 7 ? -7.829 0.634  -3.602 1.00 0.00 ? 7 PRO P CB   9  
ATOM 1071 C CG   . PRO A 1 7 ? -7.373 2.027  -3.309 1.00 0.00 ? 7 PRO P CG   9  
ATOM 1072 C CD   . PRO A 1 7 ? -5.874 1.981  -3.158 1.00 0.00 ? 7 PRO P CD   9  
ATOM 1073 O OXT  . PRO A 1 7 ? -6.028 0.813  -6.445 1.00 0.00 ? 7 PRO P OXT  9  
ATOM 1074 H HA   . PRO A 1 7 ? -6.571 -1.057 -4.031 1.00 0.00 ? 7 PRO P HA   9  
ATOM 1075 H HB2  . PRO A 1 7 ? -8.702 0.647  -4.242 1.00 0.00 ? 7 PRO P HB2  9  
ATOM 1076 H HB3  . PRO A 1 7 ? -8.043 0.114  -2.681 1.00 0.00 ? 7 PRO P HB3  9  
ATOM 1077 H HG2  . PRO A 1 7 ? -7.646 2.683  -4.126 1.00 0.00 ? 7 PRO P HG2  9  
ATOM 1078 H HG3  . PRO A 1 7 ? -7.821 2.376  -2.390 1.00 0.00 ? 7 PRO P HG3  9  
ATOM 1079 H HD2  . PRO A 1 7 ? -5.423 2.851  -3.621 1.00 0.00 ? 7 PRO P HD2  9  
ATOM 1080 H HD3  . PRO A 1 7 ? -5.600 1.917  -2.116 1.00 0.00 ? 7 PRO P HD3  9  
ATOM 1081 N N    . ASP A 1 1 ? 3.205  -3.446 7.168  1.00 0.00 ? 1 ASP P N    10 
ATOM 1082 C CA   . ASP A 1 1 ? 2.317  -2.252 7.040  1.00 0.00 ? 1 ASP P CA   10 
ATOM 1083 C C    . ASP A 1 1 ? 2.123  -1.894 5.564  1.00 0.00 ? 1 ASP P C    10 
ATOM 1084 O O    . ASP A 1 1 ? 2.594  -2.584 4.681  1.00 0.00 ? 1 ASP P O    10 
ATOM 1085 C CB   . ASP A 1 1 ? 3.054  -1.131 7.771  1.00 0.00 ? 1 ASP P CB   10 
ATOM 1086 C CG   . ASP A 1 1 ? 2.607  -1.093 9.233  1.00 0.00 ? 1 ASP P CG   10 
ATOM 1087 O OD1  . ASP A 1 1 ? 2.361  -2.153 9.785  1.00 0.00 ? 1 ASP P OD1  10 
ATOM 1088 O OD2  . ASP A 1 1 ? 2.519  -0.004 9.777  1.00 0.00 ? 1 ASP P OD2  10 
ATOM 1089 H H1   . ASP A 1 1 ? 3.419  -3.611 8.170  1.00 0.00 ? 1 ASP P H1   10 
ATOM 1090 H H2   . ASP A 1 1 ? 4.088  -3.276 6.646  1.00 0.00 ? 1 ASP P H2   10 
ATOM 1091 H H3   . ASP A 1 1 ? 2.723  -4.279 6.776  1.00 0.00 ? 1 ASP P H3   10 
ATOM 1092 H HA   . ASP A 1 1 ? 1.366  -2.437 7.512  1.00 0.00 ? 1 ASP P HA   10 
ATOM 1093 H HB2  . ASP A 1 1 ? 4.120  -1.310 7.724  1.00 0.00 ? 1 ASP P HB2  10 
ATOM 1094 H HB3  . ASP A 1 1 ? 2.828  -0.185 7.303  1.00 0.00 ? 1 ASP P HB3  10 
ATOM 1095 N N    . ARG A 1 2 ? 1.429  -0.821 5.293  1.00 0.00 ? 2 ARG P N    10 
ATOM 1096 C CA   . ARG A 1 2 ? 1.199  -0.415 3.877  1.00 0.00 ? 2 ARG P CA   10 
ATOM 1097 C C    . ARG A 1 2 ? 2.535  -0.195 3.150  1.00 0.00 ? 2 ARG P C    10 
ATOM 1098 O O    . ARG A 1 2 ? 3.604  -0.421 3.678  1.00 0.00 ? 2 ARG P O    10 
ATOM 1099 C CB   . ARG A 1 2 ? 0.391  0.880  3.960  1.00 0.00 ? 2 ARG P CB   10 
ATOM 1100 C CG   . ARG A 1 2 ? -1.036 0.566  4.437  1.00 0.00 ? 2 ARG P CG   10 
ATOM 1101 C CD   . ARG A 1 2 ? -1.765 -0.326 3.413  1.00 0.00 ? 2 ARG P CD   10 
ATOM 1102 N NE   . ARG A 1 2 ? -2.857 -0.981 4.188  1.00 0.00 ? 2 ARG P NE   10 
ATOM 1103 C CZ   . ARG A 1 2 ? -3.442 -2.046 3.715  1.00 0.00 ? 2 ARG P CZ   10 
ATOM 1104 N NH1  . ARG A 1 2 ? -4.372 -1.930 2.806  1.00 0.00 ? 2 ARG P NH1  10 
ATOM 1105 N NH2  . ARG A 1 2 ? -3.100 -3.228 4.150  1.00 0.00 ? 2 ARG P NH2  10 
ATOM 1106 H HA   . ARG A 1 2 ? 0.616  -1.166 3.352  1.00 0.00 ? 2 ARG P HA   10 
ATOM 1107 H HB2  . ARG A 1 2 ? 0.865  1.554  4.661  1.00 0.00 ? 2 ARG P HB2  10 
ATOM 1108 H HB3  . ARG A 1 2 ? 0.349  1.344  2.988  1.00 0.00 ? 2 ARG P HB3  10 
ATOM 1109 H HG2  . ARG A 1 2 ? -0.988 0.052  5.386  1.00 0.00 ? 2 ARG P HG2  10 
ATOM 1110 H HG3  . ARG A 1 2 ? -1.583 1.488  4.557  1.00 0.00 ? 2 ARG P HG3  10 
ATOM 1111 H HD2  . ARG A 1 2 ? -2.179 0.275  2.616  1.00 0.00 ? 2 ARG P HD2  10 
ATOM 1112 H HD3  . ARG A 1 2 ? -1.099 -1.075 3.010  1.00 0.00 ? 2 ARG P HD3  10 
ATOM 1113 H HE   . ARG A 1 2 ? -3.134 -0.613 5.051  1.00 0.00 ? 2 ARG P HE   10 
ATOM 1114 H HH11 . ARG A 1 2 ? -4.634 -1.025 2.472  1.00 0.00 ? 2 ARG P HH11 10 
ATOM 1115 H HH12 . ARG A 1 2 ? -4.822 -2.747 2.444  1.00 0.00 ? 2 ARG P HH12 10 
ATOM 1116 H HH21 . ARG A 1 2 ? -2.388 -3.318 4.847  1.00 0.00 ? 2 ARG P HH21 10 
ATOM 1117 H HH22 . ARG A 1 2 ? -3.551 -4.045 3.788  1.00 0.00 ? 2 ARG P HH22 10 
ATOM 1118 N N    . VAL A 1 3 ? 2.434  0.193  1.919  1.00 0.00 ? 3 VAL P N    10 
ATOM 1119 C CA   . VAL A 1 3 ? 3.609  0.401  1.016  1.00 0.00 ? 3 VAL P CA   10 
ATOM 1120 C C    . VAL A 1 3 ? 3.159  1.366  -0.084 1.00 0.00 ? 3 VAL P C    10 
ATOM 1121 O O    . VAL A 1 3 ? 2.733  2.476  0.173  1.00 0.00 ? 3 VAL P O    10 
ATOM 1122 C CB   . VAL A 1 3 ? 3.828  -0.997 0.418  1.00 0.00 ? 3 VAL P CB   10 
ATOM 1123 C CG1  . VAL A 1 3 ? 5.131  -1.030 -0.375 1.00 0.00 ? 3 VAL P CG1  10 
ATOM 1124 C CG2  . VAL A 1 3 ? 3.872  -2.072 1.511  1.00 0.00 ? 3 VAL P CG2  10 
ATOM 1125 H HA   . VAL A 1 3 ? 4.476  0.748  1.522  1.00 0.00 ? 3 VAL P HA   10 
ATOM 1126 H HB   . VAL A 1 3 ? 2.999  -1.205 -0.246 1.00 0.00 ? 3 VAL P HB   10 
ATOM 1127 H HG11 . VAL A 1 3 ? 5.009  -1.671 -1.235 1.00 0.00 ? 3 VAL P HG11 10 
ATOM 1128 H HG12 . VAL A 1 3 ? 5.922  -1.410 0.249  1.00 0.00 ? 3 VAL P HG12 10 
ATOM 1129 H HG13 . VAL A 1 3 ? 5.376  -0.032 -0.704 1.00 0.00 ? 3 VAL P HG13 10 
ATOM 1130 H HG21 . VAL A 1 3 ? 4.238  -2.996 1.090  1.00 0.00 ? 3 VAL P HG21 10 
ATOM 1131 H HG22 . VAL A 1 3 ? 2.877  -2.227 1.903  1.00 0.00 ? 3 VAL P HG22 10 
ATOM 1132 H HG23 . VAL A 1 3 ? 4.528  -1.754 2.305  1.00 0.00 ? 3 VAL P HG23 10 
ATOM 1133 N N    . TYR A 1 4 ? 3.148  0.887  -1.289 1.00 0.00 ? 4 TYR P N    10 
ATOM 1134 C CA   . TYR A 1 4 ? 2.604  1.659  -2.430 1.00 0.00 ? 4 TYR P CA   10 
ATOM 1135 C C    . TYR A 1 4 ? 1.142  1.214  -2.560 1.00 0.00 ? 4 TYR P C    10 
ATOM 1136 O O    . TYR A 1 4 ? 0.336  1.763  -3.282 1.00 0.00 ? 4 TYR P O    10 
ATOM 1137 C CB   . TYR A 1 4 ? 3.454  1.215  -3.616 1.00 0.00 ? 4 TYR P CB   10 
ATOM 1138 C CG   . TYR A 1 4 ? 2.591  0.581  -4.681 1.00 0.00 ? 4 TYR P CG   10 
ATOM 1139 C CD1  . TYR A 1 4 ? 2.304  -0.787 -4.621 1.00 0.00 ? 4 TYR P CD1  10 
ATOM 1140 C CD2  . TYR A 1 4 ? 2.081  1.361  -5.720 1.00 0.00 ? 4 TYR P CD2  10 
ATOM 1141 C CE1  . TYR A 1 4 ? 1.504  -1.375 -5.608 1.00 0.00 ? 4 TYR P CE1  10 
ATOM 1142 C CE2  . TYR A 1 4 ? 1.281  0.774  -6.708 1.00 0.00 ? 4 TYR P CE2  10 
ATOM 1143 C CZ   . TYR A 1 4 ? 0.992  -0.595 -6.653 1.00 0.00 ? 4 TYR P CZ   10 
ATOM 1144 O OH   . TYR A 1 4 ? 0.203  -1.174 -7.625 1.00 0.00 ? 4 TYR P OH   10 
ATOM 1145 H HA   . TYR A 1 4 ? 2.677  2.704  -2.251 1.00 0.00 ? 4 TYR P HA   10 
ATOM 1146 H HB2  . TYR A 1 4 ? 3.962  2.066  -4.024 1.00 0.00 ? 4 TYR P HB2  10 
ATOM 1147 H HB3  . TYR A 1 4 ? 4.179  0.490  -3.272 1.00 0.00 ? 4 TYR P HB3  10 
ATOM 1148 H HD1  . TYR A 1 4 ? 2.701  -1.389 -3.814 1.00 0.00 ? 4 TYR P HD1  10 
ATOM 1149 H HD2  . TYR A 1 4 ? 2.305  2.417  -5.760 1.00 0.00 ? 4 TYR P HD2  10 
ATOM 1150 H HE1  . TYR A 1 4 ? 1.281  -2.432 -5.564 1.00 0.00 ? 4 TYR P HE1  10 
ATOM 1151 H HE2  . TYR A 1 4 ? 0.886  1.378  -7.512 1.00 0.00 ? 4 TYR P HE2  10 
ATOM 1152 H HH   . TYR A 1 4 ? 0.760  -1.368 -8.381 1.00 0.00 ? 4 TYR P HH   10 
ATOM 1153 N N    . ILE A 1 5 ? 0.861  0.204  -1.791 1.00 0.00 ? 5 ILE P N    10 
ATOM 1154 C CA   . ILE A 1 5 ? -0.490 -0.443 -1.669 1.00 0.00 ? 5 ILE P CA   10 
ATOM 1155 C C    . ILE A 1 5 ? -1.629 0.537  -1.998 1.00 0.00 ? 5 ILE P C    10 
ATOM 1156 O O    . ILE A 1 5 ? -2.197 1.170  -1.130 1.00 0.00 ? 5 ILE P O    10 
ATOM 1157 C CB   . ILE A 1 5 ? -0.530 -0.901 -0.180 1.00 0.00 ? 5 ILE P CB   10 
ATOM 1158 C CG1  . ILE A 1 5 ? -0.583 0.310  0.766  1.00 0.00 ? 5 ILE P CG1  10 
ATOM 1159 C CG2  . ILE A 1 5 ? 0.716  -1.748 0.138  1.00 0.00 ? 5 ILE P CG2  10 
ATOM 1160 C CD1  . ILE A 1 5 ? 0.267  1.462  0.253  1.00 0.00 ? 5 ILE P CD1  10 
ATOM 1161 H HA   . ILE A 1 5 ? -0.546 -1.307 -2.310 1.00 0.00 ? 5 ILE P HA   10 
ATOM 1162 H HB   . ILE A 1 5 ? -1.401 -1.507 0.005  1.00 0.00 ? 5 ILE P HB   10 
ATOM 1163 H HG12 . ILE A 1 5 ? -1.604 0.640  0.859  1.00 0.00 ? 5 ILE P HG12 10 
ATOM 1164 H HG13 . ILE A 1 5 ? -0.213 0.006  1.730  1.00 0.00 ? 5 ILE P HG13 10 
ATOM 1165 H HG21 . ILE A 1 5 ? 1.252  -1.966 -0.777 1.00 0.00 ? 5 ILE P HG21 10 
ATOM 1166 H HG22 . ILE A 1 5 ? 0.420  -2.673 0.606  1.00 0.00 ? 5 ILE P HG22 10 
ATOM 1167 H HG23 . ILE A 1 5 ? 1.365  -1.208 0.805  1.00 0.00 ? 5 ILE P HG23 10 
ATOM 1168 H HD11 . ILE A 1 5 ? -0.206 1.916  -0.601 1.00 0.00 ? 5 ILE P HD11 10 
ATOM 1169 H HD12 . ILE A 1 5 ? 1.227  1.080  -0.032 1.00 0.00 ? 5 ILE P HD12 10 
ATOM 1170 H HD13 . ILE A 1 5 ? 0.393  2.194  1.034  1.00 0.00 ? 5 ILE P HD13 10 
ATOM 1171 N N    . HIS A 1 6 ? -1.969 0.659  -3.254 1.00 0.00 ? 6 HIS P N    10 
ATOM 1172 C CA   . HIS A 1 6 ? -3.069 1.590  -3.644 1.00 0.00 ? 6 HIS P CA   10 
ATOM 1173 C C    . HIS A 1 6 ? -4.153 0.832  -4.421 1.00 0.00 ? 6 HIS P C    10 
ATOM 1174 O O    . HIS A 1 6 ? -4.227 0.925  -5.631 1.00 0.00 ? 6 HIS P O    10 
ATOM 1175 C CB   . HIS A 1 6 ? -2.403 2.639  -4.536 1.00 0.00 ? 6 HIS P CB   10 
ATOM 1176 C CG   . HIS A 1 6 ? -3.366 3.765  -4.789 1.00 0.00 ? 6 HIS P CG   10 
ATOM 1177 N ND1  . HIS A 1 6 ? -4.339 4.127  -3.871 1.00 0.00 ? 6 HIS P ND1  10 
ATOM 1178 C CD2  . HIS A 1 6 ? -3.520 4.620  -5.854 1.00 0.00 ? 6 HIS P CD2  10 
ATOM 1179 C CE1  . HIS A 1 6 ? -5.028 5.158  -4.395 1.00 0.00 ? 6 HIS P CE1  10 
ATOM 1180 N NE2  . HIS A 1 6 ? -4.569 5.499  -5.603 1.00 0.00 ? 6 HIS P NE2  10 
ATOM 1181 H HA   . HIS A 1 6 ? -3.489 2.062  -2.771 1.00 0.00 ? 6 HIS P HA   10 
ATOM 1182 H HB2  . HIS A 1 6 ? -1.521 3.022  -4.043 1.00 0.00 ? 6 HIS P HB2  10 
ATOM 1183 H HB3  . HIS A 1 6 ? -2.123 2.187  -5.476 1.00 0.00 ? 6 HIS P HB3  10 
ATOM 1184 H HD2  . HIS A 1 6 ? -2.917 4.611  -6.750 1.00 0.00 ? 6 HIS P HD2  10 
ATOM 1185 H HE1  . HIS A 1 6 ? -5.851 5.651  -3.898 1.00 0.00 ? 6 HIS P HE1  10 
ATOM 1186 N N    . PRO A 1 7 ? -4.963 0.104  -3.696 1.00 0.00 ? 7 PRO P N    10 
ATOM 1187 C CA   . PRO A 1 7 ? -6.055 -0.675 -4.331 1.00 0.00 ? 7 PRO P CA   10 
ATOM 1188 C C    . PRO A 1 7 ? -7.174 0.258  -4.802 1.00 0.00 ? 7 PRO P C    10 
ATOM 1189 O O    . PRO A 1 7 ? -7.749 -0.017 -5.842 1.00 0.00 ? 7 PRO P O    10 
ATOM 1190 C CB   . PRO A 1 7 ? -6.543 -1.589 -3.210 1.00 0.00 ? 7 PRO P CB   10 
ATOM 1191 C CG   . PRO A 1 7 ? -6.175 -0.881 -1.944 1.00 0.00 ? 7 PRO P CG   10 
ATOM 1192 C CD   . PRO A 1 7 ? -4.944 -0.062 -2.235 1.00 0.00 ? 7 PRO P CD   10 
ATOM 1193 O OXT  . PRO A 1 7 ? -7.438 1.229  -4.111 1.00 0.00 ? 7 PRO P OXT  10 
ATOM 1194 H HA   . PRO A 1 7 ? -5.676 -1.265 -5.150 1.00 0.00 ? 7 PRO P HA   10 
ATOM 1195 H HB2  . PRO A 1 7 ? -7.616 -1.718 -3.273 1.00 0.00 ? 7 PRO P HB2  10 
ATOM 1196 H HB3  . PRO A 1 7 ? -6.044 -2.544 -3.256 1.00 0.00 ? 7 PRO P HB3  10 
ATOM 1197 H HG2  . PRO A 1 7 ? -6.986 -0.236 -1.635 1.00 0.00 ? 7 PRO P HG2  10 
ATOM 1198 H HG3  . PRO A 1 7 ? -5.958 -1.599 -1.169 1.00 0.00 ? 7 PRO P HG3  10 
ATOM 1199 H HD2  . PRO A 1 7 ? -5.004 0.899  -1.740 1.00 0.00 ? 7 PRO P HD2  10 
ATOM 1200 H HD3  . PRO A 1 7 ? -4.054 -0.594 -1.934 1.00 0.00 ? 7 PRO P HD3  10 
# 
